data_5JWG
#
_entry.id   5JWG
#
_cell.length_a   111.810
_cell.length_b   114.403
_cell.length_c   147.824
_cell.angle_alpha   90.000
_cell.angle_beta   90.000
_cell.angle_gamma   90.000
#
_symmetry.space_group_name_H-M   'P 21 21 21'
#
loop_
_entity.id
_entity.type
_entity.pdbx_description
1 polymer 'Asp/Glu-specific dipeptidyl-peptidase'
2 non-polymer ARGININE
3 non-polymer 'ASPARTIC ACID'
4 non-polymer 1,2-ETHANEDIOL
5 non-polymer 'SODIUM ION'
6 water water
#
_entity_poly.entity_id   1
_entity_poly.type   'polypeptide(L)'
_entity_poly.pdbx_seq_one_letter_code
;MDGGMWLMQQINGQVARMKSLGMQLEAADIYNPNGSSLKDAVVMFDGGCTGVLVSNQGLLLTNHHCGYDQIQKHSSVQHN
YLKDGFWSYSLAEELVNPGLEVEIVDEITDVTAAVKKELERIKKPSGLEFLSPRYLSSLAPEIVGKKAASRPGYRYEIKA
FYGGNRYYMFTKKVFRDVRLVAAPPSSIGKFGSDTDNWAWPRHTGDFSIFRLYADKNGNPAEYSKDNVPYRPKRWVKVNA
QGVKEGDFALIMGYPGTTYKFFTADEVTEWSEIDNNIRIEMRGILQDVMLREMLADPKINIMYAAKYASSQNGYKRAQGA
NWAIRRRSLREIKLAQQQEVLAWAKQKGIATTEEAVRAISKAIEGRQDLRMRQRYLLEGILMGIEMSNAPAADSDIADHW
DDPARREAGLQSIRKQFEAFFNKDYSPEVEKDQLAIALLTRYAERIPAEKQPISIREGIAEYGSAKAYVEMIFDKSIYAS
RERFEEFMKNPDRDRLLRDPMSRFAASVAYEHQKLAKEVAAFDAPLAAAQRSYVASVLDMKGQPNLAPDANLTLRFTYGE
IKGYQPRDVVTYGAKSTLEGVMEKEDPNNWEYVVDPKLKALYEAKNYGRYANSDGSMPVNFCATTHTTGGNAGSPVMNAR
GELIGLNFDRNWEGVGGDIEYLPNYQRSIILDIRYLLFIIDKFAGCQRLIDEIQPQFHHHHHH
;
_entity_poly.pdbx_strand_id   A,B
#
# COMPACT_ATOMS: atom_id res chain seq x y z
N MET A 1 1.20 23.11 -17.69
CA MET A 1 1.51 21.93 -18.49
C MET A 1 2.91 22.03 -19.07
N ASP A 2 3.55 23.17 -18.82
CA ASP A 2 4.96 23.38 -19.16
C ASP A 2 5.60 23.87 -17.86
N GLY A 3 6.87 23.54 -17.61
CA GLY A 3 7.42 23.80 -16.29
C GLY A 3 8.23 25.08 -16.11
N GLY A 4 8.98 25.12 -15.00
CA GLY A 4 9.81 26.27 -14.68
C GLY A 4 9.31 27.13 -13.52
N MET A 5 10.25 27.60 -12.70
CA MET A 5 9.93 28.47 -11.59
C MET A 5 10.47 29.85 -11.91
N TRP A 6 9.58 30.70 -12.41
CA TRP A 6 10.04 31.90 -13.12
C TRP A 6 10.37 33.04 -12.18
N LEU A 7 11.47 33.74 -12.48
CA LEU A 7 11.80 35.01 -11.81
C LEU A 7 10.66 36.02 -11.96
N MET A 8 10.48 36.88 -10.96
CA MET A 8 9.49 37.95 -11.09
C MET A 8 9.83 38.83 -12.29
N GLN A 9 11.11 39.05 -12.55
CA GLN A 9 11.54 39.84 -13.71
C GLN A 9 11.20 39.16 -15.04
N GLN A 10 10.87 37.87 -15.01
CA GLN A 10 10.65 37.12 -16.24
C GLN A 10 9.18 37.12 -16.62
N ILE A 11 8.38 37.94 -15.91
CA ILE A 11 6.95 37.96 -16.15
C ILE A 11 6.62 38.47 -17.56
N ASN A 12 7.37 39.45 -18.05
CA ASN A 12 7.10 39.97 -19.40
C ASN A 12 7.26 38.93 -20.48
N GLY A 13 8.21 38.01 -20.28
CA GLY A 13 8.44 36.96 -21.25
C GLY A 13 7.44 35.83 -21.20
N GLN A 14 6.73 35.69 -20.08
CA GLN A 14 5.76 34.60 -19.97
C GLN A 14 4.32 35.04 -20.23
N VAL A 15 4.05 36.34 -20.12
CA VAL A 15 2.67 36.83 -20.00
C VAL A 15 1.82 36.45 -21.22
N ALA A 16 2.44 36.42 -22.40
CA ALA A 16 1.73 36.07 -23.62
C ALA A 16 1.23 34.64 -23.57
N ARG A 17 2.10 33.73 -23.17
CA ARG A 17 1.71 32.34 -23.13
C ARG A 17 0.68 32.11 -22.02
N MET A 18 0.84 32.79 -20.89
CA MET A 18 -0.14 32.72 -19.81
C MET A 18 -1.54 33.19 -20.30
N LYS A 19 -1.58 34.28 -21.07
CA LYS A 19 -2.85 34.78 -21.62
C LYS A 19 -3.47 33.81 -22.61
N SER A 20 -2.62 33.17 -23.42
CA SER A 20 -3.10 32.19 -24.38
C SER A 20 -3.69 30.97 -23.65
N LEU A 21 -3.34 30.82 -22.37
CA LEU A 21 -3.82 29.73 -21.55
C LEU A 21 -5.02 30.18 -20.75
N GLY A 22 -5.43 31.43 -20.97
CA GLY A 22 -6.66 31.93 -20.39
C GLY A 22 -6.49 32.95 -19.29
N MET A 23 -5.25 33.32 -18.96
CA MET A 23 -5.01 34.33 -17.93
C MET A 23 -5.58 35.70 -18.38
N GLN A 24 -6.20 36.42 -17.45
CA GLN A 24 -6.78 37.74 -17.73
C GLN A 24 -6.17 38.78 -16.82
N LEU A 25 -4.86 38.69 -16.64
CA LEU A 25 -4.11 39.67 -15.87
C LEU A 25 -3.10 40.29 -16.81
N GLU A 26 -2.68 41.50 -16.47
CA GLU A 26 -1.55 42.10 -17.15
C GLU A 26 -0.29 41.76 -16.35
N ALA A 27 0.87 41.92 -16.97
CA ALA A 27 2.13 41.60 -16.30
C ALA A 27 2.32 42.42 -15.01
N ALA A 28 2.05 43.72 -15.09
CA ALA A 28 2.22 44.60 -13.93
C ALA A 28 1.22 44.32 -12.79
N ASP A 29 0.16 43.56 -13.05
CA ASP A 29 -0.72 43.09 -11.98
C ASP A 29 -0.02 42.06 -11.11
N ILE A 30 0.88 41.31 -11.73
CA ILE A 30 1.55 40.24 -11.03
C ILE A 30 2.78 40.79 -10.31
N TYR A 31 3.59 41.53 -11.06
CA TYR A 31 4.78 42.13 -10.51
C TYR A 31 4.97 43.53 -11.07
N ASN A 32 4.95 44.52 -10.19
CA ASN A 32 5.12 45.90 -10.58
C ASN A 32 6.21 46.56 -9.75
N PRO A 33 7.38 46.80 -10.35
CA PRO A 33 8.51 47.49 -9.71
C PRO A 33 8.17 48.95 -9.34
N ASN A 34 7.20 49.54 -10.03
CA ASN A 34 6.91 50.96 -9.84
C ASN A 34 5.58 51.23 -9.13
N GLY A 35 5.00 50.21 -8.52
CA GLY A 35 3.73 50.35 -7.81
C GLY A 35 3.26 49.06 -7.14
N SER A 36 1.96 49.01 -6.84
CA SER A 36 1.34 47.91 -6.14
C SER A 36 1.04 46.71 -7.05
N SER A 37 1.27 45.49 -6.55
CA SER A 37 0.96 44.29 -7.34
C SER A 37 0.80 43.07 -6.43
N LEU A 38 0.46 41.93 -7.03
CA LEU A 38 0.25 40.70 -6.28
C LEU A 38 1.45 40.33 -5.42
N LYS A 39 2.65 40.65 -5.91
CA LYS A 39 3.89 40.47 -5.16
C LYS A 39 3.77 40.94 -3.69
N ASP A 40 3.10 42.06 -3.47
CA ASP A 40 2.97 42.62 -2.12
C ASP A 40 2.13 41.78 -1.15
N ALA A 41 1.31 40.88 -1.68
CA ALA A 41 0.45 40.06 -0.83
C ALA A 41 1.04 38.67 -0.60
N VAL A 42 2.15 38.38 -1.28
CA VAL A 42 2.76 37.06 -1.28
C VAL A 42 3.99 37.04 -0.40
N VAL A 43 3.85 36.32 0.71
CA VAL A 43 4.65 36.55 1.90
C VAL A 43 5.56 35.35 2.20
N MET A 44 6.80 35.58 2.64
CA MET A 44 7.61 34.46 3.14
C MET A 44 7.36 34.25 4.63
N PHE A 45 7.04 33.02 5.00
CA PHE A 45 6.60 32.71 6.35
C PHE A 45 7.60 31.79 7.10
N ASP A 46 8.14 32.29 8.21
CA ASP A 46 9.01 31.52 9.10
C ASP A 46 10.24 30.97 8.37
N GLY A 47 10.76 31.73 7.43
CA GLY A 47 11.98 31.36 6.74
C GLY A 47 11.90 30.35 5.60
N GLY A 48 10.88 29.49 5.59
CA GLY A 48 10.83 28.41 4.62
C GLY A 48 9.47 27.97 4.11
N CYS A 49 8.46 28.80 4.31
CA CYS A 49 7.11 28.62 3.73
C CYS A 49 6.65 29.90 3.07
N THR A 50 5.50 29.82 2.42
CA THR A 50 4.83 30.97 1.83
C THR A 50 3.54 31.22 2.59
N GLY A 51 3.06 32.47 2.56
CA GLY A 51 1.73 32.79 3.05
C GLY A 51 1.11 33.78 2.09
N VAL A 52 -0.20 33.99 2.19
CA VAL A 52 -0.87 35.02 1.40
C VAL A 52 -1.74 35.92 2.26
N LEU A 53 -1.60 37.22 2.05
CA LEU A 53 -2.42 38.20 2.78
C LEU A 53 -3.80 38.32 2.14
N VAL A 54 -4.85 38.22 2.94
CA VAL A 54 -6.19 38.17 2.36
C VAL A 54 -7.20 39.17 2.95
N SER A 55 -6.72 40.13 3.74
CA SER A 55 -7.61 41.19 4.17
C SER A 55 -6.85 42.50 4.38
N ASN A 56 -7.61 43.59 4.54
CA ASN A 56 -7.02 44.90 4.81
C ASN A 56 -6.59 45.03 6.27
N GLN A 57 -6.71 43.96 7.04
CA GLN A 57 -6.20 43.96 8.40
C GLN A 57 -5.10 42.92 8.61
N GLY A 58 -4.52 42.47 7.51
CA GLY A 58 -3.30 41.70 7.56
C GLY A 58 -3.51 40.24 7.86
N LEU A 59 -4.71 39.72 7.62
CA LEU A 59 -4.97 38.30 7.84
C LEU A 59 -4.11 37.51 6.86
N LEU A 60 -3.50 36.44 7.36
CA LEU A 60 -2.50 35.67 6.63
C LEU A 60 -2.86 34.18 6.59
N LEU A 61 -3.01 33.66 5.39
CA LEU A 61 -3.26 32.26 5.19
C LEU A 61 -1.95 31.52 4.80
N THR A 62 -1.79 30.33 5.35
CA THR A 62 -0.63 29.47 5.05
C THR A 62 -1.06 28.04 5.42
N ASN A 63 -0.18 27.05 5.34
CA ASN A 63 -0.62 25.69 5.61
C ASN A 63 -0.68 25.39 7.09
N HIS A 64 -1.42 24.35 7.47
CA HIS A 64 -1.39 23.84 8.83
C HIS A 64 0.04 23.40 9.19
N HIS A 65 0.71 22.71 8.26
CA HIS A 65 2.04 22.18 8.56
C HIS A 65 3.12 23.29 8.58
N CYS A 66 2.82 24.44 7.98
CA CYS A 66 3.67 25.62 8.12
C CYS A 66 3.50 26.32 9.47
N GLY A 67 2.27 26.34 9.98
CA GLY A 67 1.98 26.93 11.27
C GLY A 67 2.23 25.93 12.39
N TYR A 68 2.48 24.68 11.97
CA TYR A 68 2.65 23.55 12.91
C TYR A 68 3.59 23.87 14.07
N ASP A 69 4.71 24.51 13.75
CA ASP A 69 5.71 24.91 14.76
C ASP A 69 5.09 25.74 15.88
N GLN A 70 4.35 26.80 15.52
CA GLN A 70 3.78 27.70 16.52
C GLN A 70 2.59 27.08 17.25
N ILE A 71 1.79 26.32 16.53
CA ILE A 71 0.72 25.54 17.15
C ILE A 71 1.28 24.62 18.23
N GLN A 72 2.39 23.96 17.91
CA GLN A 72 3.01 23.03 18.84
C GLN A 72 3.58 23.75 20.06
N LYS A 73 4.14 24.93 19.84
CA LYS A 73 4.70 25.69 20.95
C LYS A 73 3.63 26.14 21.93
N HIS A 74 2.43 26.41 21.45
CA HIS A 74 1.34 26.84 22.34
C HIS A 74 0.57 25.69 22.97
N SER A 75 0.95 24.45 22.65
CA SER A 75 0.14 23.30 23.07
C SER A 75 0.63 22.64 24.36
N SER A 76 -0.32 22.11 25.12
CA SER A 76 -0.06 21.33 26.31
C SER A 76 -1.15 20.26 26.42
N VAL A 77 -0.99 19.31 27.33
CA VAL A 77 -2.00 18.28 27.51
C VAL A 77 -3.35 18.95 27.80
N GLN A 78 -3.32 19.94 28.70
CA GLN A 78 -4.50 20.73 29.03
C GLN A 78 -5.06 21.49 27.82
N HIS A 79 -4.20 22.23 27.13
CA HIS A 79 -4.67 23.02 25.99
C HIS A 79 -4.01 22.50 24.73
N ASN A 80 -4.51 21.35 24.27
CA ASN A 80 -3.88 20.65 23.16
C ASN A 80 -4.37 21.17 21.81
N TYR A 81 -3.78 22.26 21.34
CA TYR A 81 -4.20 22.88 20.09
C TYR A 81 -3.88 22.01 18.89
N LEU A 82 -2.80 21.23 18.99
CA LEU A 82 -2.45 20.29 17.94
C LEU A 82 -3.60 19.33 17.70
N LYS A 83 -4.13 18.77 18.78
CA LYS A 83 -5.22 17.81 18.68
C LYS A 83 -6.54 18.51 18.39
N ASP A 84 -6.81 19.60 19.10
CA ASP A 84 -8.15 20.20 19.10
C ASP A 84 -8.31 21.41 18.17
N GLY A 85 -7.20 21.95 17.66
CA GLY A 85 -7.23 23.17 16.88
C GLY A 85 -7.29 24.38 17.78
N PHE A 86 -7.40 25.55 17.17
CA PHE A 86 -7.45 26.80 17.90
C PHE A 86 -8.27 27.82 17.13
N TRP A 87 -9.17 28.52 17.82
CA TRP A 87 -9.99 29.56 17.18
C TRP A 87 -10.03 30.80 18.04
N SER A 88 -9.69 31.95 17.44
CA SER A 88 -9.78 33.23 18.15
C SER A 88 -10.99 34.02 17.67
N TYR A 89 -11.74 34.60 18.61
CA TYR A 89 -12.99 35.30 18.29
C TYR A 89 -12.87 36.82 18.43
N SER A 90 -11.67 37.29 18.79
CA SER A 90 -11.35 38.72 18.72
C SER A 90 -9.83 38.89 18.56
N LEU A 91 -9.41 40.12 18.28
CA LEU A 91 -7.98 40.41 18.09
C LEU A 91 -7.19 40.11 19.38
N ALA A 92 -7.76 40.45 20.53
CA ALA A 92 -7.10 40.19 21.81
C ALA A 92 -6.88 38.70 22.05
N GLU A 93 -7.64 37.84 21.37
CA GLU A 93 -7.52 36.40 21.58
C GLU A 93 -6.41 35.76 20.71
N GLU A 94 -5.81 36.54 19.82
CA GLU A 94 -4.80 36.03 18.91
C GLU A 94 -3.44 35.87 19.61
N LEU A 95 -2.82 34.72 19.43
CA LEU A 95 -1.62 34.35 20.20
C LEU A 95 -0.31 34.91 19.65
N VAL A 96 0.45 35.54 20.55
CA VAL A 96 1.79 36.05 20.26
C VAL A 96 2.74 34.87 19.94
N ASN A 97 3.57 35.02 18.92
CA ASN A 97 4.59 34.02 18.58
C ASN A 97 6.01 34.62 18.58
N PRO A 98 6.67 34.63 19.73
CA PRO A 98 8.01 35.21 19.78
C PRO A 98 8.97 34.52 18.81
N GLY A 99 9.75 35.31 18.08
CA GLY A 99 10.75 34.79 17.16
C GLY A 99 10.21 34.55 15.76
N LEU A 100 8.88 34.52 15.62
CA LEU A 100 8.31 34.22 14.32
C LEU A 100 8.37 35.45 13.41
N GLU A 101 8.89 35.26 12.20
CA GLU A 101 9.05 36.35 11.23
C GLU A 101 8.35 36.11 9.91
N VAL A 102 7.80 37.17 9.35
CA VAL A 102 7.23 37.15 8.01
C VAL A 102 7.93 38.24 7.17
N GLU A 103 8.25 37.91 5.92
CA GLU A 103 8.98 38.86 5.09
C GLU A 103 8.24 39.17 3.84
N ILE A 104 8.25 40.44 3.44
CA ILE A 104 7.64 40.86 2.19
C ILE A 104 8.69 41.53 1.31
N VAL A 105 8.66 41.19 0.02
CA VAL A 105 9.59 41.76 -0.95
C VAL A 105 9.21 43.19 -1.29
N ASP A 106 10.10 44.11 -0.95
CA ASP A 106 9.90 45.50 -1.21
C ASP A 106 10.53 45.91 -2.56
N GLU A 107 11.66 45.29 -2.91
CA GLU A 107 12.38 45.62 -4.14
C GLU A 107 13.25 44.47 -4.65
N ILE A 108 13.36 44.33 -5.97
CA ILE A 108 14.25 43.34 -6.58
C ILE A 108 15.27 44.02 -7.48
N THR A 109 16.55 43.70 -7.31
CA THR A 109 17.63 44.43 -7.99
C THR A 109 18.77 43.52 -8.44
N ASP A 110 19.13 43.60 -9.72
CA ASP A 110 20.30 42.89 -10.21
C ASP A 110 21.55 43.50 -9.55
N VAL A 111 22.34 42.69 -8.86
CA VAL A 111 23.59 43.19 -8.29
C VAL A 111 24.78 42.35 -8.74
N THR A 112 24.64 41.76 -9.92
CA THR A 112 25.64 40.86 -10.44
C THR A 112 27.03 41.49 -10.49
N ALA A 113 27.15 42.65 -11.13
CA ALA A 113 28.46 43.29 -11.27
C ALA A 113 29.02 43.68 -9.90
N ALA A 114 28.15 44.25 -9.06
CA ALA A 114 28.54 44.65 -7.70
C ALA A 114 29.07 43.47 -6.88
N VAL A 115 28.36 42.35 -6.92
CA VAL A 115 28.82 41.17 -6.20
C VAL A 115 30.13 40.61 -6.78
N LYS A 116 30.26 40.62 -8.11
CA LYS A 116 31.45 40.02 -8.72
C LYS A 116 32.71 40.81 -8.41
N LYS A 117 32.64 42.14 -8.49
CA LYS A 117 33.75 42.99 -8.07
C LYS A 117 34.14 42.68 -6.63
N GLU A 118 33.14 42.39 -5.81
CA GLU A 118 33.34 42.16 -4.39
C GLU A 118 33.86 40.75 -4.08
N LEU A 119 33.49 39.75 -4.90
CA LEU A 119 34.00 38.35 -4.82
C LEU A 119 35.43 38.20 -5.28
N GLU A 120 35.70 38.82 -6.43
CA GLU A 120 37.01 39.33 -6.80
C GLU A 120 37.43 40.13 -5.56
N ARG A 121 38.61 40.70 -5.50
CA ARG A 121 38.88 41.57 -4.34
C ARG A 121 39.06 40.72 -3.04
N ILE A 122 39.19 39.40 -3.20
CA ILE A 122 39.42 38.49 -2.06
C ILE A 122 40.70 37.69 -2.25
N LYS A 123 41.67 37.88 -1.35
CA LYS A 123 42.93 37.15 -1.42
C LYS A 123 42.76 35.76 -0.87
N LYS A 124 43.33 34.77 -1.55
CA LYS A 124 43.25 33.37 -1.13
C LYS A 124 41.79 33.00 -0.87
N PRO A 125 40.98 33.00 -1.93
CA PRO A 125 39.56 32.79 -1.68
C PRO A 125 39.35 31.39 -1.12
N SER A 126 38.51 31.29 -0.09
CA SER A 126 37.96 30.03 0.37
C SER A 126 37.65 29.23 -0.85
N GLY A 127 37.80 27.91 -0.75
CA GLY A 127 37.43 26.98 -1.79
C GLY A 127 36.51 27.71 -2.74
N LEU A 128 35.25 27.88 -2.34
CA LEU A 128 34.34 28.76 -3.03
C LEU A 128 33.25 29.29 -2.06
N GLU A 129 33.03 30.62 -2.06
CA GLU A 129 32.00 31.32 -1.25
C GLU A 129 31.05 32.17 -2.11
N PHE A 130 31.23 32.10 -3.42
CA PHE A 130 30.36 32.81 -4.32
C PHE A 130 28.96 32.18 -4.33
N LEU A 131 28.78 31.09 -3.59
CA LEU A 131 27.43 30.49 -3.47
C LEU A 131 26.85 30.61 -2.06
N SER A 132 27.70 30.89 -1.07
CA SER A 132 27.26 31.00 0.32
C SER A 132 26.28 32.14 0.58
N PRO A 133 25.03 31.81 0.95
CA PRO A 133 24.02 32.84 1.21
C PRO A 133 24.37 33.66 2.46
N ARG A 134 25.21 33.12 3.33
CA ARG A 134 25.69 33.89 4.48
C ARG A 134 26.62 34.99 3.98
N TYR A 135 27.73 34.58 3.39
CA TYR A 135 28.74 35.52 2.92
C TYR A 135 28.20 36.57 1.93
N LEU A 136 27.32 36.14 1.03
CA LEU A 136 26.79 37.05 0.00
C LEU A 136 25.94 38.16 0.60
N SER A 137 25.13 37.82 1.60
CA SER A 137 24.25 38.82 2.19
C SER A 137 25.01 39.71 3.17
N SER A 138 26.18 39.27 3.60
CA SER A 138 27.08 40.15 4.33
C SER A 138 27.66 41.26 3.42
N LEU A 139 27.49 41.12 2.11
CA LEU A 139 28.00 42.14 1.19
C LEU A 139 27.04 43.30 1.07
N ALA A 140 25.81 43.12 1.56
CA ALA A 140 24.76 44.13 1.38
C ALA A 140 25.12 45.52 1.90
N PRO A 141 25.74 45.62 3.10
CA PRO A 141 26.06 46.97 3.57
C PRO A 141 26.97 47.75 2.64
N GLU A 142 27.88 47.07 1.94
CA GLU A 142 28.76 47.76 1.00
C GLU A 142 28.03 48.07 -0.31
N ILE A 143 26.96 47.36 -0.61
CA ILE A 143 26.20 47.64 -1.84
C ILE A 143 25.24 48.80 -1.67
N VAL A 144 24.58 48.90 -0.52
CA VAL A 144 23.58 49.95 -0.33
C VAL A 144 23.83 50.94 0.81
N GLY A 145 24.91 50.75 1.57
CA GLY A 145 25.28 51.69 2.64
C GLY A 145 24.59 51.52 4.00
N LYS A 146 24.40 52.64 4.72
CA LYS A 146 23.61 52.70 5.97
C LYS A 146 22.20 52.19 5.93
N LYS A 147 21.50 52.41 4.81
CA LYS A 147 20.08 52.09 4.72
C LYS A 147 19.85 50.61 4.99
N ALA A 148 20.93 49.85 5.05
CA ALA A 148 20.90 48.42 5.37
C ALA A 148 21.10 48.17 6.86
N ALA A 149 22.31 48.47 7.31
CA ALA A 149 22.71 48.20 8.69
C ALA A 149 22.11 49.23 9.63
N SER A 150 20.98 49.79 9.25
CA SER A 150 20.33 50.79 10.08
C SER A 150 18.83 50.55 10.12
N ARG A 151 18.18 50.58 8.95
CA ARG A 151 16.73 50.66 8.95
C ARG A 151 16.13 49.41 9.58
N PRO A 152 15.50 49.61 10.75
CA PRO A 152 15.10 48.52 11.63
C PRO A 152 14.22 47.46 10.98
N GLY A 153 13.24 47.85 10.18
CA GLY A 153 12.32 46.84 9.65
C GLY A 153 12.76 46.20 8.35
N TYR A 154 14.00 46.41 7.96
CA TYR A 154 14.49 45.97 6.64
C TYR A 154 15.53 44.86 6.69
N ARG A 155 15.55 44.03 5.66
CA ARG A 155 16.58 43.02 5.51
C ARG A 155 16.97 42.89 4.03
N TYR A 156 18.28 42.90 3.77
CA TYR A 156 18.75 42.78 2.41
C TYR A 156 19.31 41.38 2.17
N GLU A 157 18.77 40.74 1.15
CA GLU A 157 19.11 39.36 0.86
C GLU A 157 19.75 39.27 -0.53
N ILE A 158 20.98 38.78 -0.59
CA ILE A 158 21.63 38.57 -1.87
C ILE A 158 21.83 37.09 -2.10
N LYS A 159 21.38 36.60 -3.25
CA LYS A 159 21.56 35.18 -3.56
C LYS A 159 22.17 34.93 -4.94
N ALA A 160 22.86 33.80 -5.07
CA ALA A 160 23.37 33.35 -6.35
C ALA A 160 22.27 32.70 -7.18
N PHE A 161 22.25 33.01 -8.47
CA PHE A 161 21.34 32.40 -9.43
C PHE A 161 22.17 31.82 -10.57
N TYR A 162 21.64 30.82 -11.27
CA TYR A 162 22.32 30.17 -12.38
C TYR A 162 23.72 29.68 -11.99
N GLY A 163 23.82 29.02 -10.85
CA GLY A 163 25.10 28.53 -10.35
C GLY A 163 26.17 29.59 -10.11
N GLY A 164 25.76 30.84 -9.88
CA GLY A 164 26.71 31.90 -9.59
C GLY A 164 26.98 32.84 -10.75
N ASN A 165 26.23 32.69 -11.83
CA ASN A 165 26.40 33.58 -12.97
C ASN A 165 25.57 34.86 -12.89
N ARG A 166 24.63 34.91 -11.95
CA ARG A 166 23.91 36.14 -11.66
C ARG A 166 23.69 36.31 -10.17
N TYR A 167 23.63 37.56 -9.71
CA TYR A 167 23.21 37.83 -8.34
C TYR A 167 22.03 38.82 -8.31
N TYR A 168 20.95 38.43 -7.63
CA TYR A 168 19.83 39.33 -7.48
C TYR A 168 19.65 39.65 -6.00
N MET A 169 19.36 40.91 -5.72
CA MET A 169 19.18 41.37 -4.36
C MET A 169 17.71 41.62 -4.06
N PHE A 170 17.22 41.07 -2.96
CA PHE A 170 15.84 41.29 -2.56
C PHE A 170 15.79 42.15 -1.30
N THR A 171 15.17 43.31 -1.41
CA THR A 171 14.97 44.17 -0.24
C THR A 171 13.69 43.75 0.45
N LYS A 172 13.79 43.32 1.71
CA LYS A 172 12.66 42.73 2.43
C LYS A 172 12.12 43.59 3.57
N LYS A 173 10.81 43.56 3.77
CA LYS A 173 10.25 44.13 4.99
C LYS A 173 9.97 42.99 5.97
N VAL A 174 10.42 43.14 7.22
CA VAL A 174 10.42 42.05 8.19
C VAL A 174 9.45 42.27 9.34
N PHE A 175 8.40 41.48 9.42
CA PHE A 175 7.45 41.61 10.52
C PHE A 175 7.82 40.64 11.64
N ARG A 176 7.94 41.18 12.85
CA ARG A 176 8.30 40.36 14.00
C ARG A 176 7.21 40.33 15.07
N ASP A 177 5.98 40.65 14.66
CA ASP A 177 4.82 40.46 15.52
C ASP A 177 3.75 39.77 14.69
N VAL A 178 3.84 38.45 14.61
CA VAL A 178 2.93 37.65 13.81
C VAL A 178 2.14 36.71 14.69
N ARG A 179 0.83 36.91 14.77
CA ARG A 179 0.04 36.18 15.75
C ARG A 179 -0.82 35.08 15.17
N LEU A 180 -0.98 34.00 15.93
CA LEU A 180 -1.78 32.86 15.49
C LEU A 180 -3.25 33.17 15.69
N VAL A 181 -4.02 32.98 14.63
CA VAL A 181 -5.41 33.38 14.62
C VAL A 181 -6.28 32.14 14.67
N ALA A 182 -5.94 31.14 13.88
CA ALA A 182 -6.74 29.93 13.82
C ALA A 182 -5.98 28.73 13.27
N ALA A 183 -6.36 27.54 13.73
CA ALA A 183 -5.89 26.30 13.13
C ALA A 183 -6.95 25.22 13.33
N PRO A 184 -7.20 24.42 12.29
CA PRO A 184 -8.06 23.25 12.43
C PRO A 184 -7.40 22.17 13.29
N PRO A 185 -8.19 21.24 13.86
CA PRO A 185 -7.58 20.09 14.54
C PRO A 185 -6.71 19.28 13.56
N SER A 186 -5.73 18.56 14.08
CA SER A 186 -4.77 17.86 13.22
C SER A 186 -5.44 16.76 12.40
N SER A 187 -6.54 16.21 12.89
CA SER A 187 -7.32 15.24 12.12
C SER A 187 -7.86 15.85 10.82
N ILE A 188 -7.85 17.17 10.75
CA ILE A 188 -8.21 17.87 9.52
C ILE A 188 -6.95 18.43 8.83
N GLY A 189 -6.18 19.21 9.57
CA GLY A 189 -4.96 19.83 9.04
C GLY A 189 -3.92 18.84 8.51
N LYS A 190 -3.91 17.63 9.06
CA LYS A 190 -3.05 16.57 8.54
C LYS A 190 -3.71 15.21 8.56
N PHE A 191 -4.92 15.15 8.01
CA PHE A 191 -5.60 13.87 7.76
C PHE A 191 -4.69 12.96 6.94
N GLY A 192 -4.63 11.68 7.27
CA GLY A 192 -3.72 10.76 6.61
C GLY A 192 -2.24 11.15 6.63
N SER A 193 -1.79 11.75 7.72
CA SER A 193 -0.47 12.41 7.81
C SER A 193 0.74 11.69 7.15
N ASP A 194 0.98 10.43 7.49
CA ASP A 194 2.15 9.73 6.95
C ASP A 194 1.83 9.07 5.61
N THR A 195 0.82 8.21 5.61
CA THR A 195 0.41 7.46 4.43
C THR A 195 -0.03 8.34 3.25
N ASP A 196 -0.76 9.42 3.51
CA ASP A 196 -1.27 10.27 2.43
C ASP A 196 -0.27 11.38 2.05
N ASN A 197 0.76 11.58 2.86
CA ASN A 197 1.80 12.57 2.55
C ASN A 197 2.47 12.20 1.22
N TRP A 198 2.78 13.20 0.40
CA TRP A 198 3.30 13.03 -0.96
C TRP A 198 2.38 12.19 -1.85
N ALA A 199 1.07 12.25 -1.57
CA ALA A 199 0.15 11.46 -2.35
C ALA A 199 -1.07 12.24 -2.83
N TRP A 200 -1.44 11.97 -4.07
CA TRP A 200 -2.73 12.30 -4.65
C TRP A 200 -3.33 10.94 -4.97
N PRO A 201 -4.64 10.75 -4.76
CA PRO A 201 -5.64 11.66 -4.21
C PRO A 201 -5.34 12.10 -2.79
N ARG A 202 -5.79 13.29 -2.42
CA ARG A 202 -5.52 13.85 -1.10
C ARG A 202 -6.84 14.42 -0.50
N HIS A 203 -6.95 14.43 0.82
CA HIS A 203 -8.20 14.83 1.47
C HIS A 203 -7.90 15.64 2.73
N THR A 204 -6.95 16.57 2.62
CA THR A 204 -6.35 17.17 3.80
C THR A 204 -6.65 18.66 3.89
N GLY A 205 -7.19 19.09 5.02
CA GLY A 205 -7.52 20.50 5.22
C GLY A 205 -6.33 21.29 5.70
N ASP A 206 -5.26 21.32 4.89
CA ASP A 206 -3.97 21.83 5.34
C ASP A 206 -3.87 23.35 5.34
N PHE A 207 -4.42 24.00 6.37
CA PHE A 207 -4.27 25.46 6.51
C PHE A 207 -4.10 25.85 7.96
N SER A 208 -3.47 27.00 8.18
CA SER A 208 -3.59 27.68 9.46
C SER A 208 -3.66 29.18 9.17
N ILE A 209 -3.99 29.98 10.18
CA ILE A 209 -4.24 31.40 9.95
C ILE A 209 -3.50 32.29 10.95
N PHE A 210 -2.83 33.30 10.42
CA PHE A 210 -2.10 34.23 11.24
C PHE A 210 -2.54 35.68 10.87
N ARG A 211 -2.00 36.66 11.58
CA ARG A 211 -2.19 38.07 11.24
C ARG A 211 -0.90 38.82 11.50
N LEU A 212 -0.52 39.69 10.57
CA LEU A 212 0.58 40.63 10.79
C LEU A 212 0.12 41.80 11.63
N TYR A 213 0.93 42.16 12.62
CA TYR A 213 0.74 43.36 13.42
C TYR A 213 1.79 44.40 13.09
N ALA A 214 1.50 45.65 13.41
CA ALA A 214 2.41 46.75 13.12
C ALA A 214 2.30 47.80 14.20
N ASP A 215 3.16 48.82 14.12
CA ASP A 215 3.12 49.92 15.07
C ASP A 215 2.09 50.97 14.69
N LYS A 216 2.11 52.09 15.43
CA LYS A 216 1.17 53.18 15.26
C LYS A 216 1.17 53.79 13.86
N ASN A 217 2.23 53.55 13.10
CA ASN A 217 2.38 54.21 11.81
C ASN A 217 2.20 53.24 10.65
N GLY A 218 1.91 51.99 10.95
CA GLY A 218 1.73 50.97 9.93
C GLY A 218 3.02 50.28 9.53
N ASN A 219 4.08 50.49 10.30
CA ASN A 219 5.37 49.87 9.99
C ASN A 219 5.56 48.55 10.73
N PRO A 220 6.32 47.62 10.12
CA PRO A 220 6.63 46.35 10.79
C PRO A 220 7.37 46.60 12.10
N ALA A 221 7.23 45.70 13.07
CA ALA A 221 7.76 45.95 14.41
C ALA A 221 7.97 44.70 15.25
N GLU A 222 8.76 44.87 16.30
CA GLU A 222 8.85 43.89 17.38
C GLU A 222 7.50 43.81 18.09
N TYR A 223 7.23 42.67 18.74
CA TYR A 223 6.00 42.53 19.51
C TYR A 223 5.84 43.67 20.51
N SER A 224 4.62 44.20 20.56
CA SER A 224 4.22 45.19 21.56
C SER A 224 2.72 45.01 21.83
N LYS A 225 2.33 45.25 23.09
CA LYS A 225 0.93 45.15 23.46
C LYS A 225 0.11 46.22 22.72
N ASP A 226 0.78 47.27 22.26
CA ASP A 226 0.11 48.40 21.63
C ASP A 226 0.11 48.30 20.10
N ASN A 227 0.64 47.22 19.56
CA ASN A 227 0.63 47.03 18.11
C ASN A 227 -0.80 46.80 17.61
N VAL A 228 -1.05 47.21 16.36
CA VAL A 228 -2.35 47.07 15.73
C VAL A 228 -2.19 46.25 14.47
N PRO A 229 -3.30 45.68 13.95
CA PRO A 229 -3.16 44.91 12.72
C PRO A 229 -2.54 45.70 11.56
N TYR A 230 -1.62 45.07 10.85
CA TYR A 230 -1.04 45.65 9.63
C TYR A 230 -2.11 45.81 8.57
N ARG A 231 -2.09 46.93 7.85
CA ARG A 231 -3.06 47.15 6.78
C ARG A 231 -2.31 47.22 5.44
N PRO A 232 -2.25 46.08 4.74
CA PRO A 232 -1.39 45.87 3.58
C PRO A 232 -1.67 46.79 2.39
N LYS A 233 -0.60 47.10 1.65
CA LYS A 233 -0.70 47.70 0.34
C LYS A 233 -1.79 47.03 -0.49
N ARG A 234 -1.58 45.74 -0.76
CA ARG A 234 -2.51 44.94 -1.54
C ARG A 234 -2.77 43.60 -0.85
N TRP A 235 -4.01 43.13 -0.88
CA TRP A 235 -4.28 41.79 -0.42
C TRP A 235 -5.00 41.07 -1.55
N VAL A 236 -5.10 39.75 -1.46
CA VAL A 236 -5.73 38.96 -2.50
C VAL A 236 -7.20 38.69 -2.16
N LYS A 237 -8.09 38.92 -3.12
CA LYS A 237 -9.49 38.62 -2.88
C LYS A 237 -9.76 37.12 -3.07
N VAL A 238 -10.62 36.58 -2.23
CA VAL A 238 -10.95 35.17 -2.29
C VAL A 238 -12.16 34.95 -3.19
N ASN A 239 -12.01 34.04 -4.14
CA ASN A 239 -13.13 33.64 -4.98
C ASN A 239 -13.58 32.25 -4.53
N ALA A 240 -14.86 32.14 -4.18
CA ALA A 240 -15.39 30.90 -3.64
C ALA A 240 -16.47 30.31 -4.54
N GLN A 241 -16.42 30.64 -5.82
CA GLN A 241 -17.37 30.12 -6.79
C GLN A 241 -17.01 28.75 -7.38
N GLY A 242 -15.80 28.27 -7.14
CA GLY A 242 -15.48 26.93 -7.57
C GLY A 242 -14.48 26.86 -8.71
N VAL A 243 -13.92 25.67 -8.89
CA VAL A 243 -12.94 25.47 -9.93
C VAL A 243 -13.32 24.26 -10.74
N LYS A 244 -12.82 24.17 -11.96
CA LYS A 244 -13.05 22.97 -12.75
C LYS A 244 -11.79 22.61 -13.52
N GLU A 245 -11.72 21.36 -13.95
CA GLU A 245 -10.63 20.86 -14.77
C GLU A 245 -10.44 21.74 -16.00
N GLY A 246 -9.19 22.05 -16.31
CA GLY A 246 -8.91 22.97 -17.40
C GLY A 246 -8.63 24.41 -16.99
N ASP A 247 -9.07 24.81 -15.79
CA ASP A 247 -8.95 26.21 -15.41
C ASP A 247 -7.51 26.65 -15.30
N PHE A 248 -7.19 27.83 -15.82
CA PHE A 248 -5.87 28.44 -15.60
C PHE A 248 -5.58 28.60 -14.11
N ALA A 249 -4.36 28.28 -13.68
CA ALA A 249 -3.98 28.49 -12.28
C ALA A 249 -2.62 29.17 -12.19
N LEU A 250 -2.49 30.14 -11.29
CA LEU A 250 -1.23 30.86 -11.09
C LEU A 250 -0.80 30.69 -9.65
N ILE A 251 0.49 30.38 -9.45
CA ILE A 251 1.03 30.23 -8.11
C ILE A 251 2.25 31.13 -7.96
N MET A 252 2.32 31.82 -6.82
CA MET A 252 3.49 32.63 -6.49
C MET A 252 3.93 32.19 -5.11
N GLY A 253 5.24 32.03 -4.91
CA GLY A 253 5.76 31.70 -3.61
C GLY A 253 7.28 31.60 -3.56
N TYR A 254 7.81 30.90 -2.57
CA TYR A 254 9.26 30.86 -2.36
C TYR A 254 9.87 29.44 -2.47
N PRO A 255 9.86 28.86 -3.67
CA PRO A 255 10.40 27.50 -3.81
C PRO A 255 11.84 27.43 -3.34
N GLY A 256 12.22 26.35 -2.63
CA GLY A 256 13.49 26.30 -1.92
C GLY A 256 14.68 25.86 -2.76
N THR A 257 14.63 24.63 -3.28
CA THR A 257 15.78 24.03 -3.97
C THR A 257 15.38 23.12 -5.13
N THR A 258 15.96 23.36 -6.29
CA THR A 258 15.84 22.40 -7.38
C THR A 258 17.20 22.11 -8.00
N TYR A 259 17.27 21.08 -8.83
CA TYR A 259 18.53 20.63 -9.41
C TYR A 259 18.39 20.41 -10.93
N LYS A 260 17.82 21.38 -11.65
CA LYS A 260 17.53 21.14 -13.07
C LYS A 260 18.79 21.04 -13.96
N PHE A 261 19.94 21.41 -13.42
CA PHE A 261 21.17 21.38 -14.22
C PHE A 261 22.08 20.23 -13.78
N PHE A 262 21.57 19.36 -12.93
CA PHE A 262 22.28 18.12 -12.61
C PHE A 262 22.74 17.39 -13.87
N THR A 263 23.99 16.94 -13.85
CA THR A 263 24.46 15.97 -14.81
C THR A 263 24.06 14.57 -14.35
N ALA A 264 24.28 13.56 -15.21
CA ALA A 264 23.91 12.19 -14.88
C ALA A 264 24.59 11.68 -13.61
N ASP A 265 25.85 12.06 -13.38
CA ASP A 265 26.60 11.56 -12.23
C ASP A 265 26.11 12.20 -10.95
N GLU A 266 25.60 13.42 -11.06
CA GLU A 266 25.07 14.12 -9.90
C GLU A 266 23.75 13.51 -9.47
N VAL A 267 22.93 13.11 -10.44
CA VAL A 267 21.66 12.43 -10.13
C VAL A 267 21.90 11.12 -9.36
N THR A 268 22.86 10.33 -9.82
CA THR A 268 23.13 9.06 -9.19
C THR A 268 23.67 9.27 -7.77
N GLU A 269 24.60 10.19 -7.63
CA GLU A 269 25.21 10.45 -6.33
C GLU A 269 24.17 10.93 -5.31
N TRP A 270 23.30 11.84 -5.73
CA TRP A 270 22.28 12.34 -4.84
C TRP A 270 21.35 11.20 -4.40
N SER A 271 21.05 10.29 -5.32
CA SER A 271 20.20 9.14 -5.04
C SER A 271 20.87 8.14 -4.10
N GLU A 272 22.11 7.82 -4.42
CA GLU A 272 22.80 6.73 -3.77
C GLU A 272 23.31 7.13 -2.40
N ILE A 273 23.71 8.39 -2.25
CA ILE A 273 24.25 8.83 -0.97
C ILE A 273 23.20 9.62 -0.15
N ASP A 274 22.99 10.90 -0.45
CA ASP A 274 22.05 11.71 0.33
C ASP A 274 20.68 11.05 0.57
N ASN A 275 20.01 10.61 -0.50
CA ASN A 275 18.68 10.04 -0.33
C ASN A 275 18.68 8.67 0.36
N ASN A 276 19.56 7.76 -0.03
CA ASN A 276 19.57 6.43 0.56
C ASN A 276 19.83 6.49 2.06
N ILE A 277 20.73 7.38 2.45
CA ILE A 277 21.18 7.45 3.83
C ILE A 277 20.10 8.12 4.69
N ARG A 278 19.45 9.12 4.12
CA ARG A 278 18.33 9.77 4.79
C ARG A 278 17.21 8.75 5.04
N ILE A 279 16.88 7.94 4.02
CA ILE A 279 15.83 6.93 4.19
C ILE A 279 16.24 5.92 5.26
N GLU A 280 17.49 5.49 5.22
CA GLU A 280 17.94 4.47 6.17
C GLU A 280 17.88 4.93 7.64
N MET A 281 18.45 6.09 7.95
CA MET A 281 18.58 6.55 9.33
C MET A 281 17.26 7.06 9.89
N ARG A 282 16.53 7.79 9.06
CA ARG A 282 15.33 8.42 9.55
C ARG A 282 14.22 7.36 9.74
N GLY A 283 14.32 6.24 9.04
CA GLY A 283 13.40 5.14 9.24
C GLY A 283 13.53 4.55 10.64
N ILE A 284 14.78 4.39 11.05
CA ILE A 284 15.14 4.00 12.39
C ILE A 284 14.63 4.99 13.44
N LEU A 285 14.94 6.27 13.24
CA LEU A 285 14.48 7.30 14.16
C LEU A 285 12.97 7.26 14.30
N GLN A 286 12.28 7.16 13.17
CA GLN A 286 10.83 7.28 13.17
C GLN A 286 10.09 6.09 13.80
N ASP A 287 10.55 4.87 13.56
CA ASP A 287 9.91 3.71 14.16
CA ASP A 287 9.97 3.68 14.17
C ASP A 287 9.87 3.85 15.68
N VAL A 288 10.97 4.33 16.27
CA VAL A 288 11.05 4.51 17.71
C VAL A 288 10.21 5.69 18.17
N MET A 289 10.39 6.83 17.52
CA MET A 289 9.68 8.05 17.87
C MET A 289 8.15 7.88 17.85
N LEU A 290 7.63 7.33 16.75
CA LEU A 290 6.19 7.16 16.59
C LEU A 290 5.61 6.29 17.70
N ARG A 291 6.32 5.22 18.04
CA ARG A 291 5.88 4.31 19.10
C ARG A 291 5.80 5.04 20.45
N GLU A 292 6.74 5.95 20.68
CA GLU A 292 6.74 6.69 21.93
C GLU A 292 5.60 7.71 21.99
N MET A 293 5.23 8.23 20.82
CA MET A 293 4.25 9.31 20.75
C MET A 293 2.83 8.80 20.91
N LEU A 294 2.55 7.68 20.26
CA LEU A 294 1.22 7.09 20.30
C LEU A 294 0.86 6.62 21.70
N ALA A 295 1.87 6.37 22.53
CA ALA A 295 1.69 5.82 23.86
C ALA A 295 1.58 6.87 24.96
N ASP A 296 1.82 8.13 24.64
CA ASP A 296 1.87 9.18 25.66
C ASP A 296 1.58 10.54 25.05
N PRO A 297 0.47 11.17 25.48
CA PRO A 297 0.02 12.42 24.83
C PRO A 297 0.97 13.59 25.06
N LYS A 298 1.68 13.62 26.19
CA LYS A 298 2.67 14.68 26.41
C LYS A 298 3.87 14.49 25.49
N ILE A 299 4.38 13.26 25.39
CA ILE A 299 5.46 12.99 24.46
C ILE A 299 5.05 13.35 23.02
N ASN A 300 3.81 13.03 22.68
CA ASN A 300 3.26 13.29 21.34
C ASN A 300 3.31 14.79 20.98
N ILE A 301 3.03 15.65 21.95
CA ILE A 301 3.16 17.09 21.75
C ILE A 301 4.63 17.50 21.65
N MET A 302 5.46 17.02 22.57
CA MET A 302 6.88 17.37 22.60
C MET A 302 7.65 17.10 21.31
N TYR A 303 7.31 15.99 20.65
CA TYR A 303 8.09 15.52 19.50
C TYR A 303 7.32 15.66 18.18
N ALA A 304 6.13 16.25 18.26
CA ALA A 304 5.23 16.36 17.09
C ALA A 304 5.86 17.04 15.87
N ALA A 305 6.48 18.18 16.08
CA ALA A 305 7.08 18.88 14.95
C ALA A 305 8.33 18.13 14.52
N LYS A 306 9.08 17.61 15.49
CA LYS A 306 10.34 16.95 15.17
C LYS A 306 10.07 15.74 14.29
N TYR A 307 9.07 14.95 14.69
CA TYR A 307 8.65 13.78 13.94
C TYR A 307 8.07 14.13 12.55
N ALA A 308 7.17 15.11 12.49
CA ALA A 308 6.52 15.47 11.23
C ALA A 308 7.56 15.93 10.20
N SER A 309 8.55 16.68 10.67
CA SER A 309 9.63 17.16 9.81
C SER A 309 10.57 16.00 9.34
N SER A 310 10.90 15.09 10.25
CA SER A 310 11.71 13.95 9.89
C SER A 310 10.99 13.10 8.84
N GLN A 311 9.75 12.72 9.14
CA GLN A 311 8.97 11.86 8.25
C GLN A 311 8.81 12.49 6.86
N ASN A 312 8.65 13.81 6.81
CA ASN A 312 8.37 14.49 5.56
C ASN A 312 9.55 14.34 4.61
N GLY A 313 10.76 14.54 5.12
CA GLY A 313 11.95 14.39 4.30
C GLY A 313 12.32 12.94 4.00
N TYR A 314 12.00 12.05 4.93
CA TYR A 314 12.17 10.61 4.73
C TYR A 314 11.36 10.13 3.55
N LYS A 315 10.09 10.54 3.50
CA LYS A 315 9.25 10.06 2.44
C LYS A 315 9.56 10.78 1.15
N ARG A 316 9.98 12.04 1.25
CA ARG A 316 10.36 12.77 0.05
C ARG A 316 11.54 12.06 -0.60
N ALA A 317 12.51 11.64 0.20
CA ALA A 317 13.69 10.99 -0.37
C ALA A 317 13.30 9.66 -1.02
N GLN A 318 12.31 8.97 -0.44
CA GLN A 318 11.80 7.74 -1.05
C GLN A 318 11.17 8.04 -2.40
N GLY A 319 10.39 9.13 -2.45
CA GLY A 319 9.73 9.52 -3.67
C GLY A 319 10.71 9.95 -4.74
N ALA A 320 11.74 10.69 -4.36
CA ALA A 320 12.72 11.13 -5.33
C ALA A 320 13.43 9.91 -5.96
N ASN A 321 13.81 8.94 -5.13
CA ASN A 321 14.50 7.78 -5.66
C ASN A 321 13.60 6.92 -6.55
N TRP A 322 12.34 6.73 -6.19
CA TRP A 322 11.44 5.96 -7.06
C TRP A 322 11.15 6.73 -8.36
N ALA A 323 11.11 8.06 -8.29
CA ALA A 323 10.92 8.87 -9.50
C ALA A 323 12.09 8.68 -10.45
N ILE A 324 13.30 8.77 -9.91
CA ILE A 324 14.50 8.52 -10.70
C ILE A 324 14.41 7.14 -11.38
N ARG A 325 13.98 6.12 -10.64
CA ARG A 325 13.79 4.80 -11.22
C ARG A 325 12.66 4.73 -12.27
N ARG A 326 11.44 5.06 -11.89
CA ARG A 326 10.29 4.83 -12.77
C ARG A 326 10.22 5.80 -13.96
N ARG A 327 10.79 6.99 -13.81
CA ARG A 327 10.71 7.99 -14.87
C ARG A 327 12.03 8.09 -15.63
N SER A 328 12.99 7.23 -15.27
CA SER A 328 14.31 7.24 -15.89
C SER A 328 14.90 8.66 -15.88
N LEU A 329 15.00 9.29 -14.71
CA LEU A 329 15.41 10.69 -14.67
C LEU A 329 16.90 10.87 -15.00
N ARG A 330 17.73 9.87 -14.69
CA ARG A 330 19.16 10.02 -14.92
C ARG A 330 19.40 10.03 -16.43
N GLU A 331 18.66 9.16 -17.12
CA GLU A 331 18.80 9.07 -18.58
C GLU A 331 18.35 10.37 -19.24
N ILE A 332 17.41 11.09 -18.61
CA ILE A 332 16.94 12.33 -19.21
C ILE A 332 17.99 13.41 -19.08
N LYS A 333 18.63 13.46 -17.92
CA LYS A 333 19.61 14.50 -17.65
C LYS A 333 20.87 14.26 -18.49
N LEU A 334 21.20 12.99 -18.69
CA LEU A 334 22.31 12.60 -19.59
C LEU A 334 22.04 13.10 -21.01
N ALA A 335 20.82 12.90 -21.48
CA ALA A 335 20.48 13.33 -22.84
C ALA A 335 20.59 14.86 -22.96
N GLN A 336 20.15 15.57 -21.93
CA GLN A 336 20.21 17.03 -21.93
C GLN A 336 21.66 17.54 -21.91
N GLN A 337 22.51 16.91 -21.11
CA GLN A 337 23.88 17.38 -21.04
C GLN A 337 24.57 17.09 -22.36
N GLN A 338 24.14 16.03 -23.05
CA GLN A 338 24.69 15.72 -24.35
C GLN A 338 24.27 16.76 -25.38
N GLU A 339 23.08 17.33 -25.20
CA GLU A 339 22.62 18.40 -26.10
C GLU A 339 23.46 19.66 -25.95
N VAL A 340 23.74 20.03 -24.71
CA VAL A 340 24.54 21.23 -24.49
C VAL A 340 25.99 20.98 -24.94
N LEU A 341 26.48 19.75 -24.78
CA LEU A 341 27.83 19.41 -25.25
C LEU A 341 27.90 19.45 -26.77
N ALA A 342 26.84 18.96 -27.44
CA ALA A 342 26.79 19.01 -28.90
C ALA A 342 26.67 20.44 -29.35
N TRP A 343 25.87 21.24 -28.64
CA TRP A 343 25.78 22.68 -28.93
C TRP A 343 27.16 23.33 -28.86
N ALA A 344 27.88 23.13 -27.75
CA ALA A 344 29.21 23.69 -27.59
C ALA A 344 30.21 23.17 -28.63
N LYS A 345 30.13 21.89 -28.95
CA LYS A 345 31.01 21.32 -29.97
C LYS A 345 30.79 22.02 -31.31
N GLN A 346 29.52 22.22 -31.67
CA GLN A 346 29.20 22.85 -32.94
C GLN A 346 29.71 24.29 -32.99
N LYS A 347 29.75 24.96 -31.83
CA LYS A 347 30.19 26.35 -31.79
C LYS A 347 31.69 26.51 -31.52
N GLY A 348 32.42 25.39 -31.47
CA GLY A 348 33.84 25.44 -31.18
C GLY A 348 34.20 25.74 -29.72
N ILE A 349 33.27 25.49 -28.80
CA ILE A 349 33.52 25.77 -27.39
C ILE A 349 34.02 24.53 -26.64
N ALA A 350 35.15 24.68 -25.95
CA ALA A 350 35.80 23.54 -25.29
C ALA A 350 35.56 23.49 -23.79
N THR A 351 35.09 24.59 -23.21
CA THR A 351 35.01 24.68 -21.76
C THR A 351 33.96 23.74 -21.21
N THR A 352 32.92 23.46 -22.00
CA THR A 352 31.73 22.81 -21.47
C THR A 352 32.00 21.35 -21.13
N GLU A 353 32.72 20.66 -22.02
CA GLU A 353 33.13 19.29 -21.78
C GLU A 353 34.08 19.24 -20.59
N GLU A 354 34.95 20.24 -20.49
CA GLU A 354 35.81 20.38 -19.31
C GLU A 354 34.98 20.45 -18.01
N ALA A 355 33.90 21.21 -18.05
CA ALA A 355 33.07 21.38 -16.86
C ALA A 355 32.42 20.06 -16.45
N VAL A 356 31.81 19.37 -17.41
CA VAL A 356 31.12 18.12 -17.15
C VAL A 356 32.12 17.08 -16.61
N ARG A 357 33.32 17.08 -17.17
CA ARG A 357 34.35 16.14 -16.70
C ARG A 357 34.83 16.45 -15.27
N ALA A 358 34.99 17.73 -14.97
CA ALA A 358 35.40 18.15 -13.64
C ALA A 358 34.29 17.87 -12.59
N ILE A 359 33.03 17.95 -13.02
CA ILE A 359 31.94 17.60 -12.11
C ILE A 359 32.01 16.11 -11.75
N SER A 360 32.17 15.25 -12.75
CA SER A 360 32.25 13.81 -12.51
C SER A 360 33.41 13.45 -11.60
N LYS A 361 34.54 14.12 -11.81
CA LYS A 361 35.73 13.89 -11.01
C LYS A 361 35.50 14.28 -9.54
N ALA A 362 34.89 15.44 -9.31
CA ALA A 362 34.64 15.92 -7.96
C ALA A 362 33.64 15.03 -7.24
N ILE A 363 32.59 14.60 -7.95
CA ILE A 363 31.63 13.67 -7.38
C ILE A 363 32.33 12.38 -6.94
N GLU A 364 33.00 11.74 -7.89
CA GLU A 364 33.70 10.49 -7.61
C GLU A 364 34.70 10.63 -6.44
N GLY A 365 35.41 11.75 -6.40
CA GLY A 365 36.41 11.97 -5.40
C GLY A 365 35.85 12.15 -3.99
N ARG A 366 34.69 12.80 -3.86
CA ARG A 366 34.20 13.13 -2.53
C ARG A 366 33.38 12.00 -1.91
N GLN A 367 33.32 10.85 -2.58
CA GLN A 367 32.40 9.78 -2.19
C GLN A 367 32.49 9.34 -0.73
N ASP A 368 33.70 9.08 -0.26
CA ASP A 368 33.89 8.64 1.12
C ASP A 368 33.49 9.72 2.10
N LEU A 369 33.96 10.94 1.85
CA LEU A 369 33.69 12.04 2.76
C LEU A 369 32.21 12.38 2.83
N ARG A 370 31.52 12.39 1.68
CA ARG A 370 30.13 12.81 1.68
C ARG A 370 29.25 11.80 2.41
N MET A 371 29.55 10.52 2.21
CA MET A 371 28.80 9.44 2.84
C MET A 371 28.98 9.53 4.36
N ARG A 372 30.20 9.88 4.80
CA ARG A 372 30.46 10.10 6.22
C ARG A 372 29.67 11.28 6.79
N GLN A 373 29.65 12.41 6.06
CA GLN A 373 28.84 13.58 6.38
C GLN A 373 27.35 13.27 6.57
N ARG A 374 26.79 12.53 5.61
CA ARG A 374 25.35 12.22 5.62
C ARG A 374 24.97 11.28 6.75
N TYR A 375 25.84 10.32 7.06
CA TYR A 375 25.59 9.43 8.19
C TYR A 375 25.69 10.20 9.50
N LEU A 376 26.67 11.09 9.59
CA LEU A 376 26.84 11.89 10.79
C LEU A 376 25.64 12.83 10.99
N LEU A 377 25.29 13.54 9.93
CA LEU A 377 24.15 14.45 9.94
C LEU A 377 22.84 13.73 10.26
N GLU A 378 22.52 12.67 9.54
CA GLU A 378 21.23 12.00 9.66
C GLU A 378 21.14 11.11 10.90
N GLY A 379 22.25 10.50 11.30
CA GLY A 379 22.19 9.55 12.38
C GLY A 379 22.42 10.15 13.76
N ILE A 380 23.15 11.25 13.80
CA ILE A 380 23.57 11.82 15.07
C ILE A 380 23.13 13.27 15.25
N LEU A 381 23.57 14.15 14.36
CA LEU A 381 23.29 15.59 14.49
C LEU A 381 21.81 15.92 14.52
N MET A 382 21.03 15.18 13.76
CA MET A 382 19.60 15.47 13.66
C MET A 382 18.74 14.65 14.62
N GLY A 383 19.18 13.45 14.97
CA GLY A 383 18.37 12.54 15.76
C GLY A 383 18.74 12.42 17.23
N ILE A 384 20.02 12.52 17.51
CA ILE A 384 20.51 12.38 18.88
C ILE A 384 20.72 13.73 19.55
N GLU A 385 19.79 14.09 20.43
CA GLU A 385 19.83 15.38 21.11
C GLU A 385 21.07 15.59 21.98
N MET A 386 21.75 14.51 22.35
CA MET A 386 22.99 14.62 23.12
C MET A 386 24.07 15.44 22.40
N SER A 387 23.89 15.62 21.08
CA SER A 387 24.78 16.42 20.25
C SER A 387 24.80 17.87 20.71
N ASN A 388 23.75 18.25 21.42
CA ASN A 388 23.57 19.62 21.91
C ASN A 388 23.88 19.77 23.39
N ALA A 389 24.60 18.81 23.96
CA ALA A 389 24.96 18.86 25.37
C ALA A 389 25.88 20.04 25.64
N PRO A 390 25.80 20.61 26.85
CA PRO A 390 26.69 21.71 27.23
C PRO A 390 28.14 21.26 27.15
N ALA A 391 29.06 22.20 27.00
CA ALA A 391 30.48 21.88 27.09
C ALA A 391 31.20 23.02 27.79
N ALA A 392 32.19 22.67 28.62
CA ALA A 392 32.95 23.67 29.36
C ALA A 392 33.80 24.54 28.42
N ASP A 393 34.02 25.80 28.81
CA ASP A 393 34.70 26.78 27.96
C ASP A 393 35.99 27.40 28.55
N SER A 394 35.84 28.40 29.44
CA SER A 394 36.97 28.98 30.16
C SER A 394 36.92 28.56 31.63
N ASP A 395 36.15 27.50 31.89
CA ASP A 395 36.45 26.65 33.04
C ASP A 395 37.76 26.01 32.66
N ILE A 396 38.57 25.71 33.67
CA ILE A 396 39.74 24.85 33.52
C ILE A 396 41.05 25.47 33.03
N ALA A 397 41.02 26.68 32.48
CA ALA A 397 42.25 27.22 31.92
C ALA A 397 42.41 28.69 32.25
N ASP A 398 41.70 29.52 31.49
CA ASP A 398 41.83 30.97 31.63
C ASP A 398 41.52 31.43 33.05
N HIS A 399 40.65 30.70 33.76
CA HIS A 399 40.19 31.23 35.05
C HIS A 399 39.30 30.40 35.97
N TRP A 400 39.59 29.13 36.20
CA TRP A 400 38.83 28.42 37.23
C TRP A 400 39.09 29.04 38.60
N ASP A 401 40.27 29.62 38.79
CA ASP A 401 40.62 30.25 40.06
C ASP A 401 40.03 31.66 40.21
N ASP A 402 39.70 32.29 39.08
CA ASP A 402 39.09 33.62 39.05
C ASP A 402 37.59 33.55 39.34
N PRO A 403 37.16 34.11 40.49
CA PRO A 403 35.75 34.07 40.87
C PRO A 403 34.81 34.66 39.80
N ALA A 404 35.19 35.75 39.16
CA ALA A 404 34.32 36.40 38.16
C ALA A 404 34.12 35.55 36.91
N ARG A 405 35.24 35.11 36.32
CA ARG A 405 35.20 34.35 35.08
C ARG A 405 34.67 32.94 35.29
N ARG A 406 34.91 32.36 36.45
CA ARG A 406 34.40 31.03 36.75
C ARG A 406 32.89 31.06 36.83
N GLU A 407 32.36 32.12 37.44
CA GLU A 407 30.93 32.34 37.50
C GLU A 407 30.33 32.52 36.09
N ALA A 408 31.07 33.16 35.20
CA ALA A 408 30.63 33.34 33.82
C ALA A 408 30.62 31.99 33.10
N GLY A 409 31.61 31.17 33.39
CA GLY A 409 31.71 29.85 32.78
C GLY A 409 30.60 28.93 33.26
N LEU A 410 30.36 28.94 34.57
CA LEU A 410 29.25 28.19 35.15
C LEU A 410 27.92 28.68 34.60
N GLN A 411 27.84 29.99 34.36
CA GLN A 411 26.66 30.58 33.76
C GLN A 411 26.44 30.07 32.34
N SER A 412 27.52 29.99 31.58
CA SER A 412 27.46 29.51 30.21
C SER A 412 26.95 28.08 30.17
N ILE A 413 27.42 27.25 31.10
CA ILE A 413 27.00 25.85 31.15
C ILE A 413 25.52 25.77 31.52
N ARG A 414 25.11 26.62 32.46
CA ARG A 414 23.71 26.76 32.85
C ARG A 414 22.84 27.16 31.66
N LYS A 415 23.35 28.06 30.82
CA LYS A 415 22.60 28.57 29.69
C LYS A 415 22.40 27.50 28.62
N GLN A 416 23.46 26.79 28.26
CA GLN A 416 23.27 25.81 27.22
C GLN A 416 22.61 24.53 27.74
N PHE A 417 22.62 24.33 29.07
CA PHE A 417 21.82 23.24 29.62
C PHE A 417 20.34 23.53 29.40
N GLU A 418 19.94 24.79 29.56
CA GLU A 418 18.56 25.17 29.30
C GLU A 418 18.18 25.01 27.82
N ALA A 419 19.12 25.27 26.90
CA ALA A 419 18.87 25.05 25.48
C ALA A 419 18.77 23.56 25.17
N PHE A 420 19.67 22.77 25.76
CA PHE A 420 19.68 21.32 25.57
C PHE A 420 18.47 20.64 26.21
N PHE A 421 18.23 20.94 27.49
CA PHE A 421 17.16 20.29 28.23
C PHE A 421 15.88 21.12 28.13
N ASN A 422 15.48 21.40 26.90
CA ASN A 422 14.32 22.26 26.65
C ASN A 422 13.03 21.48 26.84
N LYS A 423 11.90 22.18 26.74
CA LYS A 423 10.60 21.61 27.05
C LYS A 423 10.20 20.48 26.10
N ASP A 424 10.80 20.44 24.92
CA ASP A 424 10.52 19.35 23.98
C ASP A 424 11.48 18.15 24.10
N TYR A 425 12.49 18.25 24.95
CA TYR A 425 13.43 17.14 25.11
C TYR A 425 13.00 16.19 26.20
N SER A 426 12.90 14.91 25.87
CA SER A 426 12.64 13.87 26.87
C SER A 426 13.80 12.92 26.98
N PRO A 427 14.49 12.94 28.14
CA PRO A 427 15.61 12.03 28.34
C PRO A 427 15.19 10.55 28.24
N GLU A 428 13.97 10.23 28.67
CA GLU A 428 13.45 8.89 28.57
C GLU A 428 13.40 8.38 27.12
N VAL A 429 12.81 9.18 26.24
CA VAL A 429 12.79 8.86 24.82
C VAL A 429 14.20 8.68 24.28
N GLU A 430 15.09 9.58 24.68
CA GLU A 430 16.45 9.54 24.18
C GLU A 430 17.30 8.35 24.70
N LYS A 431 17.27 8.05 26.00
CA LYS A 431 18.15 7.00 26.53
C LYS A 431 17.63 5.57 26.36
N ASP A 432 16.33 5.42 26.12
CA ASP A 432 15.73 4.09 26.05
C ASP A 432 16.05 3.35 24.76
N GLN A 433 15.63 3.91 23.63
CA GLN A 433 15.84 3.20 22.38
C GLN A 433 16.35 4.09 21.26
N LEU A 434 15.97 5.37 21.26
CA LEU A 434 16.28 6.22 20.12
C LEU A 434 17.79 6.39 19.89
N ALA A 435 18.52 6.95 20.86
CA ALA A 435 19.95 7.17 20.65
C ALA A 435 20.71 5.86 20.38
N ILE A 436 20.30 4.78 21.04
CA ILE A 436 21.01 3.51 20.88
C ILE A 436 20.76 2.87 19.50
N ALA A 437 19.51 2.92 19.03
CA ALA A 437 19.19 2.32 17.74
C ALA A 437 19.95 3.03 16.62
N LEU A 438 20.00 4.36 16.70
CA LEU A 438 20.69 5.15 15.69
C LEU A 438 22.21 4.97 15.75
N LEU A 439 22.78 4.96 16.95
CA LEU A 439 24.22 4.86 17.07
C LEU A 439 24.71 3.45 16.75
N THR A 440 23.84 2.47 16.96
CA THR A 440 24.19 1.10 16.63
C THR A 440 24.29 0.94 15.10
N ARG A 441 23.32 1.46 14.36
CA ARG A 441 23.44 1.39 12.90
C ARG A 441 24.60 2.25 12.46
N TYR A 442 24.72 3.45 13.03
CA TYR A 442 25.81 4.36 12.65
C TYR A 442 27.17 3.67 12.72
N ALA A 443 27.42 3.00 13.85
CA ALA A 443 28.70 2.36 14.09
C ALA A 443 28.94 1.18 13.13
N GLU A 444 27.86 0.56 12.68
CA GLU A 444 27.98 -0.51 11.70
C GLU A 444 28.38 -0.01 10.32
N ARG A 445 27.94 1.19 9.96
CA ARG A 445 28.12 1.74 8.61
C ARG A 445 29.41 2.55 8.47
N ILE A 446 29.86 3.14 9.56
CA ILE A 446 31.12 3.87 9.55
C ILE A 446 32.15 3.04 10.27
N PRO A 447 33.26 2.70 9.57
CA PRO A 447 34.41 1.98 10.16
C PRO A 447 35.00 2.72 11.37
N ALA A 448 35.46 1.96 12.36
CA ALA A 448 35.88 2.49 13.66
C ALA A 448 36.86 3.67 13.58
N GLU A 449 37.82 3.59 12.66
CA GLU A 449 38.82 4.63 12.52
C GLU A 449 38.25 5.93 11.90
N LYS A 450 37.02 5.88 11.42
CA LYS A 450 36.40 7.07 10.82
C LYS A 450 35.29 7.63 11.69
N GLN A 451 35.08 6.99 12.84
CA GLN A 451 34.05 7.45 13.76
C GLN A 451 34.60 8.56 14.65
N PRO A 452 33.72 9.42 15.19
CA PRO A 452 34.19 10.44 16.13
C PRO A 452 34.86 9.82 17.35
N ILE A 453 35.87 10.50 17.91
CA ILE A 453 36.79 9.91 18.89
C ILE A 453 36.04 9.24 20.05
N SER A 454 35.14 9.99 20.65
CA SER A 454 34.41 9.56 21.84
C SER A 454 33.53 8.34 21.57
N ILE A 455 32.96 8.29 20.37
CA ILE A 455 32.16 7.14 19.96
C ILE A 455 33.02 5.88 19.74
N ARG A 456 34.14 6.00 19.02
CA ARG A 456 34.97 4.82 18.79
C ARG A 456 35.59 4.30 20.09
N GLU A 457 36.07 5.22 20.93
CA GLU A 457 36.72 4.85 22.19
C GLU A 457 35.68 4.36 23.16
N GLY A 458 34.48 4.95 23.12
CA GLY A 458 33.41 4.57 24.02
C GLY A 458 32.92 3.17 23.74
N ILE A 459 32.81 2.84 22.46
CA ILE A 459 32.34 1.52 22.06
C ILE A 459 33.43 0.47 22.32
N ALA A 460 34.69 0.86 22.25
CA ALA A 460 35.78 -0.07 22.54
C ALA A 460 35.81 -0.49 24.00
N GLU A 461 35.73 0.50 24.89
CA GLU A 461 35.76 0.26 26.34
C GLU A 461 34.56 -0.53 26.83
N TYR A 462 33.38 0.00 26.56
CA TYR A 462 32.14 -0.63 26.95
C TYR A 462 31.79 -1.63 25.86
N GLY A 463 30.77 -2.46 26.04
CA GLY A 463 30.53 -3.52 25.06
C GLY A 463 30.10 -3.08 23.66
N SER A 464 29.40 -1.95 23.59
CA SER A 464 28.60 -1.64 22.40
C SER A 464 28.06 -0.22 22.45
N ALA A 465 27.34 0.17 21.40
CA ALA A 465 26.63 1.42 21.41
C ALA A 465 25.67 1.45 22.60
N LYS A 466 24.95 0.36 22.80
CA LYS A 466 23.96 0.25 23.87
C LYS A 466 24.59 0.44 25.26
N ALA A 467 25.77 -0.16 25.45
CA ALA A 467 26.45 -0.05 26.74
C ALA A 467 26.99 1.36 26.93
N TYR A 468 27.62 1.89 25.89
CA TYR A 468 28.16 3.24 25.90
C TYR A 468 27.08 4.31 26.18
N VAL A 469 25.93 4.20 25.54
CA VAL A 469 24.85 5.16 25.82
C VAL A 469 24.38 5.05 27.27
N GLU A 470 24.20 3.83 27.74
CA GLU A 470 23.71 3.63 29.10
C GLU A 470 24.69 4.20 30.11
N MET A 471 25.99 4.10 29.82
CA MET A 471 27.02 4.70 30.66
C MET A 471 26.89 6.21 30.67
N ILE A 472 26.70 6.80 29.48
CA ILE A 472 26.55 8.25 29.35
C ILE A 472 25.44 8.79 30.27
N PHE A 473 24.34 8.08 30.38
CA PHE A 473 23.26 8.55 31.23
C PHE A 473 23.49 8.19 32.69
N ASP A 474 24.21 7.11 32.94
CA ASP A 474 24.55 6.75 34.30
C ASP A 474 25.48 7.78 34.95
N LYS A 475 26.38 8.37 34.16
CA LYS A 475 27.45 9.18 34.73
C LYS A 475 27.37 10.69 34.45
N SER A 476 26.59 11.09 33.45
CA SER A 476 26.61 12.50 33.04
C SER A 476 25.79 13.34 33.99
N ILE A 477 26.26 14.55 34.23
CA ILE A 477 25.58 15.45 35.14
C ILE A 477 24.34 16.05 34.48
N TYR A 478 24.20 15.85 33.17
CA TYR A 478 23.05 16.40 32.44
C TYR A 478 22.01 15.34 32.10
N ALA A 479 22.11 14.16 32.71
CA ALA A 479 21.13 13.12 32.43
C ALA A 479 19.76 13.55 32.90
N SER A 480 19.71 14.35 33.96
CA SER A 480 18.44 14.84 34.47
C SER A 480 18.64 16.25 35.01
N ARG A 481 17.54 16.99 35.07
CA ARG A 481 17.55 18.32 35.66
C ARG A 481 17.87 18.27 37.15
N GLU A 482 17.34 17.27 37.85
CA GLU A 482 17.58 17.13 39.30
C GLU A 482 19.05 16.84 39.62
N ARG A 483 19.70 15.99 38.80
CA ARG A 483 21.10 15.69 39.01
C ARG A 483 21.95 16.92 38.69
N PHE A 484 21.56 17.59 37.61
CA PHE A 484 22.23 18.81 37.21
C PHE A 484 22.24 19.84 38.32
N GLU A 485 21.06 20.18 38.84
CA GLU A 485 20.95 21.16 39.92
C GLU A 485 21.71 20.73 41.16
N GLU A 486 21.66 19.43 41.49
CA GLU A 486 22.40 18.92 42.64
C GLU A 486 23.91 19.13 42.48
N PHE A 487 24.41 18.89 41.27
CA PHE A 487 25.82 19.11 40.99
C PHE A 487 26.21 20.58 41.07
N MET A 488 25.35 21.46 40.54
CA MET A 488 25.64 22.89 40.46
C MET A 488 25.76 23.58 41.83
N LYS A 489 25.23 22.97 42.87
CA LYS A 489 25.34 23.56 44.21
C LYS A 489 26.77 23.43 44.74
N ASN A 490 27.49 22.44 44.22
CA ASN A 490 28.91 22.24 44.55
C ASN A 490 29.74 21.86 43.33
N PRO A 491 29.88 22.78 42.36
CA PRO A 491 30.54 22.50 41.08
C PRO A 491 31.98 21.98 41.23
N ASP A 492 32.28 20.93 40.46
CA ASP A 492 33.63 20.35 40.45
C ASP A 492 34.23 20.52 39.05
N ARG A 493 35.44 21.07 38.97
CA ARG A 493 36.12 21.36 37.69
C ARG A 493 36.35 20.10 36.84
N ASP A 494 37.09 19.14 37.37
CA ASP A 494 37.06 17.79 36.81
C ASP A 494 35.61 17.35 36.91
N ARG A 495 35.22 16.27 36.24
CA ARG A 495 33.79 15.87 36.23
C ARG A 495 33.02 16.77 35.27
N LEU A 496 33.29 18.07 35.35
CA LEU A 496 32.75 19.03 34.40
C LEU A 496 33.50 18.91 33.07
N LEU A 497 34.82 18.73 33.15
CA LEU A 497 35.63 18.60 31.94
C LEU A 497 35.60 17.20 31.35
N ARG A 498 35.22 16.23 32.16
CA ARG A 498 35.29 14.85 31.71
C ARG A 498 33.92 14.30 31.38
N ASP A 499 32.88 15.13 31.50
CA ASP A 499 31.52 14.64 31.36
C ASP A 499 31.32 13.91 30.04
N PRO A 500 30.88 12.64 30.12
CA PRO A 500 30.80 11.80 28.93
C PRO A 500 29.73 12.25 27.91
N MET A 501 28.73 13.00 28.32
CA MET A 501 27.78 13.50 27.34
C MET A 501 28.41 14.72 26.65
N SER A 502 29.10 15.52 27.44
CA SER A 502 29.83 16.66 26.92
C SER A 502 30.91 16.18 25.94
N ARG A 503 31.58 15.06 26.26
CA ARG A 503 32.58 14.47 25.37
C ARG A 503 31.96 14.01 24.06
N PHE A 504 30.79 13.37 24.16
CA PHE A 504 30.03 12.92 22.99
C PHE A 504 29.74 14.10 22.06
N ALA A 505 29.18 15.17 22.61
CA ALA A 505 28.85 16.32 21.79
C ALA A 505 30.09 16.96 21.16
N ALA A 506 31.20 17.00 21.89
CA ALA A 506 32.39 17.66 21.37
C ALA A 506 33.03 16.85 20.25
N SER A 507 33.09 15.52 20.41
CA SER A 507 33.62 14.63 19.37
C SER A 507 32.81 14.64 18.08
N VAL A 508 31.51 14.80 18.20
CA VAL A 508 30.63 14.83 17.04
C VAL A 508 30.83 16.16 16.31
N ALA A 509 30.92 17.26 17.05
CA ALA A 509 31.04 18.56 16.41
C ALA A 509 32.41 18.70 15.77
N TYR A 510 33.41 18.07 16.37
CA TYR A 510 34.77 18.10 15.82
C TYR A 510 34.85 17.35 14.48
N GLU A 511 34.26 16.16 14.43
CA GLU A 511 34.21 15.40 13.19
C GLU A 511 33.35 16.09 12.12
N HIS A 512 32.27 16.74 12.54
CA HIS A 512 31.43 17.47 11.59
C HIS A 512 32.23 18.57 10.91
N GLN A 513 33.01 19.31 11.69
CA GLN A 513 33.77 20.41 11.13
C GLN A 513 35.00 19.90 10.39
N LYS A 514 35.45 18.71 10.74
CA LYS A 514 36.61 18.12 10.08
C LYS A 514 36.22 17.62 8.70
N LEU A 515 35.06 16.95 8.64
CA LEU A 515 34.55 16.46 7.39
C LEU A 515 34.33 17.62 6.42
N ALA A 516 33.75 18.71 6.92
CA ALA A 516 33.52 19.90 6.10
C ALA A 516 34.82 20.46 5.54
N LYS A 517 35.83 20.63 6.39
CA LYS A 517 37.09 21.24 5.98
C LYS A 517 37.82 20.39 4.93
N GLU A 518 37.66 19.08 5.00
CA GLU A 518 38.32 18.16 4.10
C GLU A 518 37.59 18.04 2.75
N VAL A 519 36.26 18.07 2.79
CA VAL A 519 35.44 17.87 1.61
C VAL A 519 35.44 19.14 0.74
N ALA A 520 35.95 20.24 1.29
CA ALA A 520 36.01 21.51 0.57
C ALA A 520 36.92 21.38 -0.65
N ALA A 521 37.90 20.49 -0.58
CA ALA A 521 38.81 20.22 -1.70
C ALA A 521 38.07 19.67 -2.92
N PHE A 522 36.88 19.15 -2.69
CA PHE A 522 36.07 18.58 -3.76
C PHE A 522 34.89 19.48 -4.09
N ASP A 523 34.23 20.00 -3.06
CA ASP A 523 33.04 20.80 -3.24
C ASP A 523 33.39 22.08 -3.99
N ALA A 524 34.59 22.62 -3.76
CA ALA A 524 35.02 23.82 -4.48
C ALA A 524 35.14 23.55 -5.99
N PRO A 525 36.04 22.64 -6.43
CA PRO A 525 36.07 22.41 -7.88
C PRO A 525 34.68 22.03 -8.43
N LEU A 526 33.86 21.35 -7.64
CA LEU A 526 32.53 21.01 -8.09
C LEU A 526 31.70 22.27 -8.38
N ALA A 527 31.80 23.27 -7.51
CA ALA A 527 30.95 24.45 -7.65
C ALA A 527 31.44 25.30 -8.81
N ALA A 528 32.76 25.35 -8.99
CA ALA A 528 33.32 26.09 -10.11
C ALA A 528 32.92 25.45 -11.43
N ALA A 529 32.96 24.12 -11.47
CA ALA A 529 32.61 23.40 -12.69
C ALA A 529 31.12 23.61 -13.00
N GLN A 530 30.30 23.65 -11.97
CA GLN A 530 28.86 23.82 -12.15
C GLN A 530 28.55 25.21 -12.71
N ARG A 531 29.28 26.21 -12.23
CA ARG A 531 29.15 27.56 -12.75
C ARG A 531 29.51 27.61 -14.23
N SER A 532 30.57 26.90 -14.61
CA SER A 532 30.98 26.88 -16.00
C SER A 532 29.93 26.23 -16.87
N TYR A 533 29.40 25.10 -16.41
CA TYR A 533 28.41 24.34 -17.15
C TYR A 533 27.09 25.10 -17.33
N VAL A 534 26.60 25.72 -16.26
CA VAL A 534 25.36 26.48 -16.34
C VAL A 534 25.60 27.72 -17.22
N ALA A 535 26.83 28.27 -17.21
CA ALA A 535 27.12 29.43 -18.08
C ALA A 535 26.93 29.07 -19.56
N SER A 536 27.36 27.87 -19.92
CA SER A 536 27.13 27.36 -21.28
C SER A 536 25.64 27.17 -21.54
N VAL A 537 24.91 26.65 -20.56
CA VAL A 537 23.48 26.46 -20.75
C VAL A 537 22.83 27.81 -20.96
N LEU A 538 23.27 28.83 -20.23
CA LEU A 538 22.77 30.19 -20.41
C LEU A 538 23.09 30.74 -21.80
N ASP A 539 24.19 30.31 -22.41
CA ASP A 539 24.51 30.79 -23.75
C ASP A 539 23.62 30.11 -24.78
N MET A 540 23.44 28.81 -24.61
CA MET A 540 22.66 28.01 -25.54
C MET A 540 21.19 28.45 -25.59
N LYS A 541 20.53 28.35 -24.45
CA LYS A 541 19.22 28.95 -24.27
C LYS A 541 19.53 30.40 -24.03
N GLY A 542 18.55 31.27 -23.91
CA GLY A 542 18.89 32.62 -23.45
C GLY A 542 18.52 32.75 -21.98
N GLN A 543 19.02 33.76 -21.28
CA GLN A 543 18.58 34.03 -19.91
C GLN A 543 17.06 34.31 -19.80
N PRO A 544 16.51 35.21 -20.66
CA PRO A 544 15.06 35.50 -20.51
C PRO A 544 14.15 34.27 -20.57
N ASN A 545 14.54 33.23 -21.30
CA ASN A 545 13.73 32.04 -21.44
C ASN A 545 14.19 30.86 -20.57
N LEU A 546 15.15 31.10 -19.69
CA LEU A 546 15.64 30.04 -18.82
C LEU A 546 15.30 30.36 -17.36
N ALA A 547 14.44 29.54 -16.77
CA ALA A 547 14.19 29.64 -15.33
C ALA A 547 15.38 29.07 -14.55
N PRO A 548 15.88 29.83 -13.58
CA PRO A 548 16.96 29.31 -12.73
C PRO A 548 16.43 28.32 -11.68
N ASP A 549 17.32 27.57 -11.04
CA ASP A 549 16.91 26.69 -9.95
C ASP A 549 16.28 27.52 -8.84
N ALA A 550 15.39 26.91 -8.06
CA ALA A 550 14.86 27.56 -6.84
C ALA A 550 15.99 27.85 -5.85
N ASN A 551 15.91 28.96 -5.13
CA ASN A 551 16.90 29.26 -4.10
C ASN A 551 16.22 30.04 -2.96
N LEU A 552 14.99 29.65 -2.63
CA LEU A 552 14.16 30.32 -1.62
C LEU A 552 13.91 31.82 -1.90
N THR A 553 13.76 32.20 -3.16
CA THR A 553 13.34 33.55 -3.48
C THR A 553 12.03 33.52 -4.27
N LEU A 554 11.33 34.66 -4.32
CA LEU A 554 10.00 34.78 -4.92
C LEU A 554 9.95 34.33 -6.39
N ARG A 555 9.07 33.36 -6.71
CA ARG A 555 8.91 32.88 -8.08
C ARG A 555 7.43 32.75 -8.45
N PHE A 556 7.13 32.74 -9.74
CA PHE A 556 5.80 32.33 -10.14
C PHE A 556 5.81 31.09 -11.02
N THR A 557 4.76 30.30 -10.91
CA THR A 557 4.56 29.21 -11.86
C THR A 557 3.10 29.21 -12.28
N TYR A 558 2.81 28.60 -13.41
CA TYR A 558 1.43 28.54 -13.87
C TYR A 558 1.17 27.25 -14.63
N GLY A 559 -0.10 26.92 -14.79
CA GLY A 559 -0.53 25.75 -15.54
C GLY A 559 -2.03 25.62 -15.42
N GLU A 560 -2.54 24.39 -15.35
CA GLU A 560 -3.99 24.19 -15.32
C GLU A 560 -4.41 23.13 -14.31
N ILE A 561 -5.68 23.19 -13.91
CA ILE A 561 -6.24 22.20 -13.01
C ILE A 561 -6.50 20.91 -13.78
N LYS A 562 -5.91 19.82 -13.32
CA LYS A 562 -5.84 18.60 -14.12
C LYS A 562 -5.40 17.40 -13.31
N GLY A 563 -6.13 16.29 -13.42
CA GLY A 563 -5.68 15.04 -12.84
C GLY A 563 -4.55 14.44 -13.68
N TYR A 564 -4.30 13.15 -13.52
CA TYR A 564 -3.23 12.49 -14.28
C TYR A 564 -3.38 10.98 -14.20
N GLN A 565 -2.54 10.27 -14.94
CA GLN A 565 -2.58 8.82 -14.97
C GLN A 565 -1.30 8.27 -14.36
N PRO A 566 -1.37 7.83 -13.10
CA PRO A 566 -0.18 7.40 -12.36
C PRO A 566 0.43 6.11 -12.93
N ARG A 567 -0.40 5.21 -13.41
CA ARG A 567 0.06 3.88 -13.81
C ARG A 567 -1.03 3.19 -14.65
N ASP A 568 -0.65 2.08 -15.25
CA ASP A 568 -1.55 1.27 -16.08
C ASP A 568 -2.89 1.02 -15.37
N VAL A 569 -3.99 1.19 -16.13
CA VAL A 569 -5.39 0.98 -15.68
C VAL A 569 -5.96 2.12 -14.80
N VAL A 570 -5.11 3.01 -14.30
CA VAL A 570 -5.56 3.93 -13.28
C VAL A 570 -5.61 5.37 -13.77
N THR A 571 -6.71 6.07 -13.46
CA THR A 571 -6.87 7.50 -13.74
C THR A 571 -7.25 8.23 -12.47
N TYR A 572 -6.54 9.31 -12.17
CA TYR A 572 -6.87 10.13 -11.02
C TYR A 572 -7.51 11.43 -11.51
N GLY A 573 -8.71 11.74 -11.00
CA GLY A 573 -9.36 13.00 -11.31
C GLY A 573 -8.59 14.18 -10.71
N ALA A 574 -9.06 15.39 -11.01
CA ALA A 574 -8.41 16.64 -10.59
C ALA A 574 -8.92 17.18 -9.25
N LYS A 575 -10.07 16.69 -8.80
CA LYS A 575 -10.75 17.26 -7.64
C LYS A 575 -11.17 16.19 -6.63
N SER A 576 -10.95 16.50 -5.35
CA SER A 576 -11.20 15.61 -4.22
C SER A 576 -12.48 16.04 -3.45
N THR A 577 -13.18 15.11 -2.79
CA THR A 577 -14.33 15.52 -1.99
C THR A 577 -14.38 14.94 -0.58
N LEU A 578 -15.31 15.47 0.22
CA LEU A 578 -15.44 15.09 1.63
C LEU A 578 -15.82 13.62 1.78
N GLU A 579 -16.59 13.09 0.84
CA GLU A 579 -16.85 11.65 0.81
C GLU A 579 -15.54 10.83 0.80
N GLY A 580 -14.49 11.37 0.18
CA GLY A 580 -13.18 10.75 0.23
C GLY A 580 -12.60 10.61 1.62
N VAL A 581 -12.85 11.61 2.47
CA VAL A 581 -12.49 11.55 3.89
C VAL A 581 -13.24 10.40 4.58
N MET A 582 -14.55 10.31 4.33
CA MET A 582 -15.36 9.32 5.05
C MET A 582 -15.01 7.90 4.59
N GLU A 583 -14.64 7.76 3.33
CA GLU A 583 -14.17 6.48 2.80
C GLU A 583 -12.92 6.02 3.54
N LYS A 584 -12.08 6.97 3.94
CA LYS A 584 -10.82 6.65 4.60
C LYS A 584 -10.90 6.48 6.13
N GLU A 585 -12.00 6.92 6.74
CA GLU A 585 -12.10 6.94 8.20
C GLU A 585 -11.80 5.59 8.83
N ASP A 586 -10.98 5.61 9.87
CA ASP A 586 -10.69 4.42 10.67
C ASP A 586 -10.35 4.85 12.09
N PRO A 587 -11.28 4.64 13.04
CA PRO A 587 -11.11 5.09 14.43
C PRO A 587 -9.89 4.46 15.10
N ASN A 588 -9.43 3.33 14.58
CA ASN A 588 -8.31 2.60 15.17
C ASN A 588 -6.96 2.90 14.50
N ASN A 589 -6.99 3.70 13.44
CA ASN A 589 -5.76 4.15 12.78
C ASN A 589 -5.55 5.62 13.10
N TRP A 590 -4.51 5.94 13.87
CA TRP A 590 -4.31 7.30 14.35
C TRP A 590 -4.31 8.35 13.23
N GLU A 591 -3.83 7.99 12.04
CA GLU A 591 -3.77 9.01 11.01
C GLU A 591 -5.11 9.20 10.28
N TYR A 592 -6.04 8.25 10.41
CA TYR A 592 -7.32 8.39 9.72
C TYR A 592 -8.53 8.56 10.65
N VAL A 593 -8.30 9.07 11.85
CA VAL A 593 -9.37 9.39 12.77
C VAL A 593 -10.12 10.64 12.27
N VAL A 594 -11.44 10.55 12.21
CA VAL A 594 -12.26 11.67 11.75
C VAL A 594 -13.02 12.31 12.90
N ASP A 595 -12.96 13.65 12.96
CA ASP A 595 -13.68 14.40 13.98
C ASP A 595 -15.19 14.21 13.83
N PRO A 596 -15.88 13.85 14.94
CA PRO A 596 -17.33 13.57 14.91
C PRO A 596 -18.15 14.73 14.34
N LYS A 597 -17.74 15.96 14.61
CA LYS A 597 -18.40 17.13 14.04
C LYS A 597 -18.30 17.15 12.50
N LEU A 598 -17.14 16.78 11.97
CA LEU A 598 -16.97 16.77 10.51
C LEU A 598 -17.86 15.69 9.88
N LYS A 599 -17.87 14.52 10.50
CA LYS A 599 -18.75 13.43 10.11
C LYS A 599 -20.23 13.82 10.20
N ALA A 600 -20.61 14.50 11.29
CA ALA A 600 -22.00 14.97 11.42
C ALA A 600 -22.38 15.91 10.28
N LEU A 601 -21.48 16.85 9.96
CA LEU A 601 -21.68 17.75 8.85
C LEU A 601 -21.88 17.00 7.53
N TYR A 602 -21.03 16.02 7.29
CA TYR A 602 -21.12 15.21 6.08
C TYR A 602 -22.46 14.48 5.99
N GLU A 603 -22.89 13.87 7.09
CA GLU A 603 -24.10 13.05 7.02
C GLU A 603 -25.33 13.91 6.82
N ALA A 604 -25.28 15.17 7.25
CA ALA A 604 -26.40 16.09 7.09
C ALA A 604 -26.27 16.88 5.79
N LYS A 605 -25.12 16.71 5.14
CA LYS A 605 -24.76 17.48 3.94
C LYS A 605 -24.92 18.98 4.17
N ASN A 606 -24.60 19.42 5.38
CA ASN A 606 -24.70 20.83 5.73
C ASN A 606 -23.51 21.63 5.21
N TYR A 607 -23.49 21.87 3.91
CA TYR A 607 -22.33 22.48 3.27
C TYR A 607 -22.54 23.93 2.93
N GLY A 608 -23.77 24.39 3.10
CA GLY A 608 -24.13 25.76 2.80
C GLY A 608 -23.79 26.14 1.37
N ARG A 609 -23.08 27.24 1.22
CA ARG A 609 -22.69 27.77 -0.08
C ARG A 609 -21.36 27.23 -0.62
N TYR A 610 -20.69 26.35 0.13
CA TYR A 610 -19.33 25.93 -0.26
C TYR A 610 -19.32 24.68 -1.14
N ALA A 611 -20.50 24.12 -1.40
CA ALA A 611 -20.63 22.88 -2.16
C ALA A 611 -20.35 23.05 -3.66
N ASN A 612 -19.83 21.99 -4.27
CA ASN A 612 -19.80 21.85 -5.74
C ASN A 612 -21.20 21.89 -6.35
N SER A 613 -21.26 22.12 -7.66
CA SER A 613 -22.56 22.19 -8.33
C SER A 613 -23.28 20.84 -8.38
N ASP A 614 -22.56 19.74 -8.19
CA ASP A 614 -23.23 18.44 -8.14
C ASP A 614 -23.65 18.03 -6.72
N GLY A 615 -23.47 18.94 -5.76
CA GLY A 615 -23.85 18.69 -4.38
C GLY A 615 -22.79 18.12 -3.46
N SER A 616 -21.65 17.70 -4.00
CA SER A 616 -20.58 17.20 -3.14
C SER A 616 -19.77 18.36 -2.55
N MET A 617 -19.11 18.08 -1.42
CA MET A 617 -18.27 19.06 -0.73
C MET A 617 -16.82 18.93 -1.16
N PRO A 618 -16.27 19.98 -1.79
CA PRO A 618 -14.90 19.94 -2.31
C PRO A 618 -13.86 19.95 -1.20
N VAL A 619 -12.70 19.33 -1.42
CA VAL A 619 -11.67 19.30 -0.38
C VAL A 619 -10.32 19.79 -0.92
N ASN A 620 -9.76 19.06 -1.87
CA ASN A 620 -8.51 19.44 -2.50
C ASN A 620 -8.68 19.43 -4.03
N PHE A 621 -7.70 20.00 -4.73
CA PHE A 621 -7.59 19.74 -6.16
C PHE A 621 -6.11 19.74 -6.55
N CYS A 622 -5.81 19.39 -7.81
CA CYS A 622 -4.41 19.39 -8.18
C CYS A 622 -4.18 20.05 -9.56
N ALA A 623 -2.95 20.47 -9.81
CA ALA A 623 -2.66 21.29 -10.98
C ALA A 623 -1.27 21.03 -11.58
N THR A 624 -1.11 21.40 -12.86
CA THR A 624 0.13 21.17 -13.59
C THR A 624 1.22 22.23 -13.32
N THR A 625 0.99 23.05 -12.30
CA THR A 625 1.96 24.04 -11.85
C THR A 625 3.22 23.35 -11.34
N HIS A 626 4.32 24.11 -11.27
CA HIS A 626 5.60 23.54 -10.92
C HIS A 626 6.05 24.12 -9.58
N THR A 627 5.89 23.34 -8.51
CA THR A 627 6.23 23.79 -7.18
C THR A 627 7.23 22.85 -6.53
N THR A 628 7.79 23.27 -5.39
CA THR A 628 8.64 22.41 -4.56
C THR A 628 8.63 22.91 -3.09
N GLY A 629 9.34 22.21 -2.20
CA GLY A 629 9.50 22.63 -0.82
C GLY A 629 9.75 24.13 -0.72
N GLY A 630 9.07 24.79 0.20
CA GLY A 630 9.10 26.25 0.24
C GLY A 630 7.84 26.86 -0.36
N ASN A 631 7.21 26.16 -1.31
CA ASN A 631 5.94 26.60 -1.90
C ASN A 631 4.71 26.26 -1.05
N ALA A 632 4.89 25.57 0.07
CA ALA A 632 3.78 25.35 0.99
C ALA A 632 3.18 26.69 1.40
N GLY A 633 1.86 26.78 1.39
CA GLY A 633 1.18 28.01 1.75
C GLY A 633 1.06 29.01 0.62
N SER A 634 1.55 28.67 -0.57
CA SER A 634 1.48 29.58 -1.71
C SER A 634 0.04 29.80 -2.15
N PRO A 635 -0.32 31.05 -2.42
CA PRO A 635 -1.67 31.30 -2.95
C PRO A 635 -1.80 30.70 -4.33
N VAL A 636 -2.93 30.03 -4.59
CA VAL A 636 -3.26 29.59 -5.93
C VAL A 636 -4.38 30.51 -6.44
N MET A 637 -4.14 31.17 -7.57
CA MET A 637 -5.08 32.16 -8.11
C MET A 637 -5.68 31.80 -9.46
N ASN A 638 -6.91 32.24 -9.72
CA ASN A 638 -7.54 32.01 -11.01
C ASN A 638 -7.06 33.01 -12.07
N ALA A 639 -7.74 33.01 -13.22
CA ALA A 639 -7.38 33.85 -14.35
C ALA A 639 -7.41 35.34 -14.01
N ARG A 640 -8.11 35.70 -12.94
CA ARG A 640 -8.27 37.11 -12.57
C ARG A 640 -7.48 37.50 -11.33
N GLY A 641 -6.62 36.61 -10.86
CA GLY A 641 -5.79 36.90 -9.70
C GLY A 641 -6.55 36.76 -8.39
N GLU A 642 -7.67 36.08 -8.42
CA GLU A 642 -8.45 35.82 -7.21
C GLU A 642 -8.04 34.49 -6.61
N LEU A 643 -8.04 34.43 -5.29
CA LEU A 643 -7.57 33.24 -4.56
C LEU A 643 -8.61 32.11 -4.67
N ILE A 644 -8.19 30.96 -5.20
CA ILE A 644 -9.06 29.78 -5.30
C ILE A 644 -8.52 28.59 -4.51
N GLY A 645 -7.30 28.73 -3.99
CA GLY A 645 -6.65 27.65 -3.28
C GLY A 645 -5.36 28.00 -2.58
N LEU A 646 -4.91 27.08 -1.72
CA LEU A 646 -3.60 27.17 -1.06
C LEU A 646 -2.78 25.92 -1.41
N ASN A 647 -1.60 26.12 -1.99
CA ASN A 647 -0.75 24.99 -2.32
C ASN A 647 -0.17 24.34 -1.06
N PHE A 648 -0.09 23.01 -1.00
CA PHE A 648 0.55 22.43 0.17
C PHE A 648 1.42 21.19 -0.04
N ASP A 649 1.37 20.56 -1.22
CA ASP A 649 2.17 19.35 -1.45
C ASP A 649 2.37 19.08 -2.95
N ARG A 650 3.06 17.98 -3.26
CA ARG A 650 3.13 17.44 -4.62
C ARG A 650 2.66 15.99 -4.64
N ASN A 651 2.25 15.52 -5.80
CA ASN A 651 1.92 14.11 -5.90
C ASN A 651 3.22 13.28 -5.84
N TRP A 652 3.09 11.96 -5.76
CA TRP A 652 4.23 11.07 -5.59
C TRP A 652 5.25 11.19 -6.74
N GLU A 653 4.76 11.10 -7.96
CA GLU A 653 5.60 11.25 -9.13
C GLU A 653 6.20 12.66 -9.22
N GLY A 654 5.51 13.64 -8.63
CA GLY A 654 5.97 15.02 -8.70
C GLY A 654 7.21 15.33 -7.88
N VAL A 655 7.63 14.40 -7.02
CA VAL A 655 8.84 14.62 -6.24
C VAL A 655 10.02 14.68 -7.20
N GLY A 656 9.87 14.03 -8.35
CA GLY A 656 10.91 14.03 -9.38
C GLY A 656 11.08 15.38 -10.04
N GLY A 657 10.13 16.29 -9.80
CA GLY A 657 10.12 17.57 -10.49
C GLY A 657 11.26 18.48 -10.08
N ASP A 658 11.94 18.15 -9.00
CA ASP A 658 13.11 18.93 -8.61
C ASP A 658 14.26 18.67 -9.59
N ILE A 659 14.16 17.58 -10.34
CA ILE A 659 15.21 17.21 -11.29
C ILE A 659 14.73 17.37 -12.73
N GLU A 660 13.47 17.01 -13.00
CA GLU A 660 12.92 17.23 -14.33
C GLU A 660 11.39 17.34 -14.32
N TYR A 661 10.89 18.43 -14.89
CA TYR A 661 9.45 18.59 -15.02
C TYR A 661 8.93 17.70 -16.15
N LEU A 662 7.99 16.81 -15.82
CA LEU A 662 7.31 15.97 -16.79
C LEU A 662 5.84 16.30 -16.74
N PRO A 663 5.30 16.89 -17.81
CA PRO A 663 3.91 17.39 -17.76
C PRO A 663 2.85 16.30 -17.46
N ASN A 664 3.13 15.05 -17.80
CA ASN A 664 2.14 14.02 -17.51
C ASN A 664 2.18 13.53 -16.07
N TYR A 665 3.18 13.94 -15.29
CA TYR A 665 3.37 13.35 -13.97
C TYR A 665 3.50 14.40 -12.86
N GLN A 666 3.74 15.66 -13.20
CA GLN A 666 3.97 16.68 -12.18
C GLN A 666 2.68 17.36 -11.75
N ARG A 667 2.34 17.31 -10.47
CA ARG A 667 1.14 17.99 -10.00
C ARG A 667 1.33 18.65 -8.62
N SER A 668 0.95 19.92 -8.53
CA SER A 668 0.78 20.53 -7.20
C SER A 668 -0.52 20.04 -6.57
N ILE A 669 -0.48 19.73 -5.29
CA ILE A 669 -1.68 19.36 -4.57
C ILE A 669 -2.14 20.54 -3.74
N ILE A 670 -3.40 20.93 -3.91
CA ILE A 670 -3.91 22.23 -3.49
C ILE A 670 -5.18 22.13 -2.62
N LEU A 671 -5.17 22.88 -1.52
CA LEU A 671 -6.33 23.04 -0.66
C LEU A 671 -7.39 23.91 -1.37
N ASP A 672 -8.57 23.35 -1.63
CA ASP A 672 -9.69 24.14 -2.20
C ASP A 672 -10.10 25.20 -1.21
N ILE A 673 -10.13 26.45 -1.64
CA ILE A 673 -10.44 27.56 -0.73
C ILE A 673 -11.86 27.40 -0.14
N ARG A 674 -12.75 26.72 -0.87
CA ARG A 674 -14.08 26.47 -0.33
C ARG A 674 -14.02 25.53 0.87
N TYR A 675 -13.06 24.60 0.91
CA TYR A 675 -12.95 23.69 2.07
C TYR A 675 -12.48 24.46 3.29
N LEU A 676 -11.47 25.30 3.08
CA LEU A 676 -11.00 26.20 4.12
C LEU A 676 -12.14 27.01 4.75
N LEU A 677 -12.99 27.58 3.90
CA LEU A 677 -14.07 28.42 4.38
C LEU A 677 -15.13 27.61 5.11
N PHE A 678 -15.41 26.43 4.56
CA PHE A 678 -16.33 25.47 5.17
C PHE A 678 -15.88 25.10 6.59
N ILE A 679 -14.57 24.92 6.80
CA ILE A 679 -14.08 24.53 8.12
C ILE A 679 -14.20 25.69 9.10
N ILE A 680 -13.85 26.89 8.64
CA ILE A 680 -14.04 28.09 9.45
C ILE A 680 -15.50 28.29 9.86
N ASP A 681 -16.40 28.16 8.88
CA ASP A 681 -17.82 28.50 9.05
C ASP A 681 -18.59 27.35 9.71
N LYS A 682 -18.85 26.30 8.95
CA LYS A 682 -19.67 25.18 9.41
C LYS A 682 -19.00 24.35 10.50
N PHE A 683 -17.69 24.12 10.40
CA PHE A 683 -17.03 23.30 11.42
C PHE A 683 -16.76 24.10 12.69
N ALA A 684 -16.07 25.23 12.58
CA ALA A 684 -15.65 25.94 13.80
C ALA A 684 -16.63 26.99 14.27
N GLY A 685 -17.41 27.55 13.35
CA GLY A 685 -18.35 28.62 13.71
C GLY A 685 -17.65 29.95 14.00
N CYS A 686 -16.51 30.18 13.35
CA CYS A 686 -15.73 31.40 13.58
C CYS A 686 -16.11 32.46 12.57
N GLN A 687 -17.36 32.90 12.66
CA GLN A 687 -17.98 33.77 11.68
C GLN A 687 -17.19 35.05 11.40
N ARG A 688 -16.58 35.64 12.42
CA ARG A 688 -15.81 36.88 12.17
C ARG A 688 -14.69 36.69 11.16
N LEU A 689 -14.16 35.48 11.03
CA LEU A 689 -13.13 35.28 10.05
C LEU A 689 -13.71 35.23 8.63
N ILE A 690 -14.88 34.61 8.49
CA ILE A 690 -15.61 34.68 7.23
C ILE A 690 -15.90 36.14 6.84
N ASP A 691 -16.38 36.90 7.81
CA ASP A 691 -16.66 38.31 7.62
C ASP A 691 -15.45 39.11 7.14
N GLU A 692 -14.29 38.82 7.71
CA GLU A 692 -13.10 39.60 7.39
C GLU A 692 -12.56 39.21 6.01
N ILE A 693 -12.61 37.93 5.66
CA ILE A 693 -12.10 37.48 4.37
C ILE A 693 -12.99 37.98 3.20
N GLN A 694 -14.29 38.07 3.44
CA GLN A 694 -15.28 38.46 2.41
C GLN A 694 -15.20 37.63 1.13
N PRO A 695 -15.39 36.31 1.25
CA PRO A 695 -15.30 35.46 0.06
C PRO A 695 -16.33 35.87 -0.99
N GLN A 696 -15.94 35.94 -2.26
CA GLN A 696 -16.87 36.26 -3.35
C GLN A 696 -17.63 35.01 -3.83
N PHE A 697 -18.97 35.08 -3.79
CA PHE A 697 -19.84 33.97 -4.19
C PHE A 697 -20.69 34.22 -5.44
N HIS A 698 -20.40 35.28 -6.21
CA HIS A 698 -21.16 35.55 -7.44
C HIS A 698 -22.63 35.84 -7.30
N HIS A 699 -23.01 36.64 -6.31
CA HIS A 699 -24.28 37.30 -6.41
C HIS A 699 -24.09 38.27 -7.56
N HIS A 700 -25.17 38.76 -8.17
CA HIS A 700 -24.97 39.86 -9.08
C HIS A 700 -24.46 41.04 -8.25
N HIS A 701 -23.89 42.04 -8.91
CA HIS A 701 -23.39 43.19 -8.16
C HIS A 701 -24.36 44.37 -8.18
N HIS A 702 -24.44 45.06 -7.04
CA HIS A 702 -25.32 46.20 -6.88
C HIS A 702 -24.51 47.49 -6.66
N HIS A 703 -24.62 48.44 -7.59
CA HIS A 703 -23.88 49.71 -7.52
C HIS A 703 -24.84 50.88 -7.30
N MET B 1 -24.17 -7.47 -15.08
CA MET B 1 -24.35 -6.89 -13.74
C MET B 1 -25.70 -6.96 -13.14
N ASP B 2 -26.33 -8.15 -13.12
CA ASP B 2 -27.42 -8.42 -12.22
C ASP B 2 -27.07 -9.47 -11.22
N GLY B 3 -26.04 -10.26 -11.49
CA GLY B 3 -25.61 -11.25 -10.53
C GLY B 3 -26.37 -12.58 -10.59
N GLY B 4 -25.92 -13.55 -9.79
CA GLY B 4 -26.55 -14.85 -9.76
C GLY B 4 -25.70 -15.88 -10.49
N MET B 5 -25.65 -17.07 -9.89
CA MET B 5 -24.94 -18.17 -10.51
C MET B 5 -25.96 -19.20 -10.97
N TRP B 6 -26.34 -19.09 -12.24
CA TRP B 6 -27.57 -19.72 -12.69
C TRP B 6 -27.37 -21.21 -12.96
N LEU B 7 -28.39 -22.00 -12.61
CA LEU B 7 -28.42 -23.41 -12.97
C LEU B 7 -28.36 -23.52 -14.48
N MET B 8 -27.82 -24.62 -15.01
CA MET B 8 -27.84 -24.81 -16.44
C MET B 8 -29.29 -24.92 -16.92
N GLN B 9 -30.16 -25.50 -16.09
CA GLN B 9 -31.59 -25.64 -16.41
C GLN B 9 -32.31 -24.29 -16.54
N GLN B 10 -31.72 -23.25 -15.96
CA GLN B 10 -32.35 -21.94 -15.92
C GLN B 10 -31.93 -21.07 -17.11
N ILE B 11 -31.22 -21.66 -18.06
CA ILE B 11 -30.80 -20.94 -19.27
C ILE B 11 -31.99 -20.37 -20.07
N ASN B 12 -33.09 -21.12 -20.14
CA ASN B 12 -34.28 -20.65 -20.85
C ASN B 12 -34.81 -19.34 -20.27
N GLY B 13 -34.76 -19.20 -18.95
CA GLY B 13 -35.22 -17.99 -18.30
C GLY B 13 -34.29 -16.80 -18.41
N GLN B 14 -33.06 -17.04 -18.83
CA GLN B 14 -32.06 -15.98 -18.88
C GLN B 14 -31.73 -15.49 -20.30
N VAL B 15 -32.08 -16.28 -21.30
CA VAL B 15 -31.54 -16.08 -22.64
C VAL B 15 -31.99 -14.76 -23.27
N ALA B 16 -33.24 -14.40 -23.02
CA ALA B 16 -33.81 -13.16 -23.52
C ALA B 16 -33.00 -11.95 -23.04
N ARG B 17 -32.81 -11.85 -21.73
CA ARG B 17 -32.02 -10.78 -21.16
C ARG B 17 -30.55 -10.82 -21.63
N MET B 18 -29.99 -12.02 -21.78
CA MET B 18 -28.61 -12.15 -22.26
C MET B 18 -28.49 -11.66 -23.70
N LYS B 19 -29.53 -11.91 -24.49
CA LYS B 19 -29.55 -11.46 -25.89
C LYS B 19 -29.72 -9.96 -25.96
N SER B 20 -30.48 -9.42 -25.00
CA SER B 20 -30.65 -7.99 -24.86
C SER B 20 -29.32 -7.29 -24.59
N LEU B 21 -28.34 -8.05 -24.12
CA LEU B 21 -27.05 -7.49 -23.76
C LEU B 21 -26.00 -7.76 -24.84
N GLY B 22 -26.44 -8.35 -25.95
CA GLY B 22 -25.57 -8.52 -27.10
C GLY B 22 -25.25 -9.96 -27.46
N MET B 23 -25.58 -10.89 -26.59
CA MET B 23 -25.30 -12.29 -26.86
C MET B 23 -25.99 -12.74 -28.14
N GLN B 24 -25.26 -13.40 -29.03
CA GLN B 24 -25.90 -13.99 -30.20
C GLN B 24 -25.67 -15.49 -30.27
N LEU B 25 -26.03 -16.17 -29.19
CA LEU B 25 -26.11 -17.61 -29.11
C LEU B 25 -27.55 -17.99 -28.80
N GLU B 26 -27.91 -19.24 -29.06
CA GLU B 26 -29.20 -19.74 -28.58
C GLU B 26 -29.01 -20.42 -27.23
N ALA B 27 -30.10 -20.68 -26.53
CA ALA B 27 -30.02 -21.35 -25.23
C ALA B 27 -29.40 -22.73 -25.40
N ALA B 28 -29.85 -23.44 -26.42
CA ALA B 28 -29.43 -24.82 -26.65
C ALA B 28 -27.96 -24.91 -27.00
N ASP B 29 -27.39 -23.80 -27.49
CA ASP B 29 -25.96 -23.70 -27.72
C ASP B 29 -25.17 -23.78 -26.42
N ILE B 30 -25.76 -23.24 -25.35
CA ILE B 30 -25.09 -23.21 -24.05
C ILE B 30 -25.32 -24.49 -23.25
N TYR B 31 -26.58 -24.90 -23.16
CA TYR B 31 -26.94 -26.17 -22.54
C TYR B 31 -27.98 -26.91 -23.37
N ASN B 32 -27.68 -28.15 -23.73
CA ASN B 32 -28.58 -28.99 -24.48
C ASN B 32 -28.69 -30.38 -23.85
N PRO B 33 -29.86 -30.67 -23.25
CA PRO B 33 -30.16 -31.99 -22.66
C PRO B 33 -30.12 -33.11 -23.69
N ASN B 34 -30.46 -32.78 -24.94
CA ASN B 34 -30.57 -33.78 -26.00
C ASN B 34 -29.63 -33.51 -27.17
N GLY B 35 -28.35 -33.24 -26.87
CA GLY B 35 -27.35 -32.99 -27.89
C GLY B 35 -26.13 -32.25 -27.38
N SER B 36 -25.15 -32.08 -28.25
CA SER B 36 -23.89 -31.42 -27.88
C SER B 36 -24.06 -29.93 -27.61
N SER B 37 -23.31 -29.43 -26.63
CA SER B 37 -23.34 -28.00 -26.27
C SER B 37 -22.10 -27.58 -25.48
N LEU B 38 -22.01 -26.29 -25.20
CA LEU B 38 -20.87 -25.73 -24.47
C LEU B 38 -20.62 -26.44 -23.14
N LYS B 39 -21.69 -26.93 -22.53
CA LYS B 39 -21.59 -27.76 -21.33
C LYS B 39 -20.54 -28.87 -21.46
N ASP B 40 -20.45 -29.48 -22.64
CA ASP B 40 -19.55 -30.61 -22.81
C ASP B 40 -18.07 -30.20 -22.77
N ALA B 41 -17.77 -28.91 -22.95
CA ALA B 41 -16.39 -28.46 -23.01
C ALA B 41 -15.94 -27.84 -21.70
N VAL B 42 -16.88 -27.61 -20.78
CA VAL B 42 -16.54 -26.97 -19.51
C VAL B 42 -16.38 -28.04 -18.42
N VAL B 43 -15.22 -28.02 -17.79
CA VAL B 43 -14.71 -29.16 -17.07
C VAL B 43 -14.43 -28.85 -15.60
N MET B 44 -14.71 -29.80 -14.70
CA MET B 44 -14.24 -29.65 -13.32
C MET B 44 -12.83 -30.21 -13.19
N PHE B 45 -11.93 -29.41 -12.60
CA PHE B 45 -10.51 -29.73 -12.53
C PHE B 45 -10.03 -29.94 -11.09
N ASP B 46 -9.48 -31.12 -10.83
CA ASP B 46 -8.91 -31.46 -9.52
C ASP B 46 -9.93 -31.25 -8.39
N GLY B 47 -11.19 -31.51 -8.69
CA GLY B 47 -12.26 -31.39 -7.71
C GLY B 47 -12.68 -29.99 -7.29
N GLY B 48 -11.85 -28.97 -7.54
CA GLY B 48 -12.14 -27.63 -7.02
C GLY B 48 -11.84 -26.41 -7.88
N CYS B 49 -11.53 -26.64 -9.15
CA CYS B 49 -11.23 -25.59 -10.13
C CYS B 49 -12.12 -25.85 -11.35
N THR B 50 -12.06 -24.97 -12.34
CA THR B 50 -12.68 -25.21 -13.64
C THR B 50 -11.60 -25.30 -14.72
N GLY B 51 -11.91 -25.95 -15.83
CA GLY B 51 -11.02 -25.90 -16.98
C GLY B 51 -11.85 -25.85 -18.24
N VAL B 52 -11.21 -25.64 -19.38
CA VAL B 52 -11.95 -25.68 -20.64
C VAL B 52 -11.16 -26.37 -21.74
N LEU B 53 -11.87 -27.22 -22.49
CA LEU B 53 -11.31 -27.97 -23.63
C LEU B 53 -11.30 -27.11 -24.89
N VAL B 54 -10.14 -27.05 -25.55
CA VAL B 54 -9.94 -26.10 -26.65
C VAL B 54 -9.34 -26.68 -27.95
N SER B 55 -9.21 -28.00 -28.02
CA SER B 55 -8.82 -28.63 -29.28
C SER B 55 -9.53 -29.98 -29.46
N ASN B 56 -9.54 -30.48 -30.71
CA ASN B 56 -10.20 -31.77 -30.95
C ASN B 56 -9.32 -32.92 -30.45
N GLN B 57 -8.18 -32.59 -29.85
CA GLN B 57 -7.32 -33.59 -29.24
C GLN B 57 -7.19 -33.38 -27.72
N GLY B 58 -8.20 -32.76 -27.11
CA GLY B 58 -8.34 -32.74 -25.67
C GLY B 58 -7.42 -31.82 -24.88
N LEU B 59 -6.86 -30.82 -25.54
CA LEU B 59 -6.12 -29.79 -24.83
C LEU B 59 -7.04 -29.03 -23.87
N LEU B 60 -6.53 -28.78 -22.67
CA LEU B 60 -7.32 -28.23 -21.57
C LEU B 60 -6.59 -27.03 -20.96
N LEU B 61 -7.26 -25.88 -20.93
CA LEU B 61 -6.74 -24.67 -20.27
C LEU B 61 -7.37 -24.51 -18.88
N THR B 62 -6.54 -24.11 -17.92
CA THR B 62 -7.01 -23.83 -16.57
C THR B 62 -6.09 -22.75 -16.01
N ASN B 63 -6.26 -22.35 -14.76
CA ASN B 63 -5.31 -21.39 -14.20
C ASN B 63 -3.97 -22.04 -13.83
N HIS B 64 -2.96 -21.19 -13.70
CA HIS B 64 -1.67 -21.56 -13.12
C HIS B 64 -1.85 -21.98 -11.68
N HIS B 65 -2.72 -21.29 -10.93
CA HIS B 65 -2.80 -21.60 -9.51
C HIS B 65 -3.66 -22.85 -9.29
N CYS B 66 -4.39 -23.26 -10.33
CA CYS B 66 -5.12 -24.54 -10.31
C CYS B 66 -4.17 -25.73 -10.60
N GLY B 67 -3.15 -25.48 -11.41
CA GLY B 67 -2.24 -26.54 -11.79
C GLY B 67 -1.02 -26.52 -10.89
N TYR B 68 -1.03 -25.59 -9.94
CA TYR B 68 0.09 -25.37 -9.04
C TYR B 68 0.52 -26.61 -8.28
N ASP B 69 -0.48 -27.35 -7.80
CA ASP B 69 -0.26 -28.56 -7.02
C ASP B 69 0.53 -29.57 -7.84
N GLN B 70 0.22 -29.68 -9.14
CA GLN B 70 0.94 -30.63 -9.99
C GLN B 70 2.29 -30.07 -10.45
N ILE B 71 2.36 -28.75 -10.68
CA ILE B 71 3.63 -28.10 -11.02
C ILE B 71 4.60 -28.29 -9.86
N GLN B 72 4.11 -28.04 -8.64
CA GLN B 72 4.88 -28.26 -7.42
C GLN B 72 5.36 -29.70 -7.28
N LYS B 73 4.47 -30.66 -7.51
CA LYS B 73 4.80 -32.08 -7.35
C LYS B 73 5.92 -32.55 -8.29
N HIS B 74 6.01 -31.95 -9.47
CA HIS B 74 6.97 -32.39 -10.47
C HIS B 74 8.29 -31.65 -10.36
N SER B 75 8.36 -30.73 -9.41
CA SER B 75 9.49 -29.82 -9.30
C SER B 75 10.53 -30.24 -8.29
N SER B 76 11.74 -29.80 -8.57
CA SER B 76 12.90 -30.01 -7.72
C SER B 76 13.90 -28.91 -8.05
N VAL B 77 14.93 -28.75 -7.23
CA VAL B 77 15.94 -27.71 -7.45
C VAL B 77 16.55 -27.81 -8.86
N GLN B 78 16.89 -29.03 -9.27
CA GLN B 78 17.13 -29.34 -10.68
C GLN B 78 15.76 -29.67 -11.26
N HIS B 79 15.47 -29.18 -12.46
CA HIS B 79 14.10 -29.21 -13.01
C HIS B 79 13.12 -28.51 -12.07
N ASN B 80 13.26 -27.19 -11.97
CA ASN B 80 12.45 -26.37 -11.09
C ASN B 80 11.30 -25.70 -11.85
N TYR B 81 10.18 -26.41 -11.98
CA TYR B 81 9.10 -25.93 -12.85
C TYR B 81 8.32 -24.80 -12.21
N LEU B 82 8.34 -24.68 -10.88
CA LEU B 82 7.70 -23.55 -10.23
C LEU B 82 8.36 -22.24 -10.66
N LYS B 83 9.69 -22.23 -10.62
CA LYS B 83 10.49 -21.05 -10.94
C LYS B 83 10.62 -20.82 -12.43
N ASP B 84 10.88 -21.90 -13.17
CA ASP B 84 11.24 -21.79 -14.58
C ASP B 84 10.11 -22.09 -15.55
N GLY B 85 8.96 -22.54 -15.04
CA GLY B 85 7.88 -22.99 -15.89
C GLY B 85 8.21 -24.34 -16.50
N PHE B 86 7.32 -24.84 -17.36
CA PHE B 86 7.53 -26.12 -18.03
C PHE B 86 6.80 -26.15 -19.36
N TRP B 87 7.47 -26.68 -20.36
CA TRP B 87 6.97 -26.70 -21.73
C TRP B 87 7.25 -28.06 -22.32
N SER B 88 6.24 -28.70 -22.88
CA SER B 88 6.42 -29.96 -23.60
C SER B 88 6.30 -29.70 -25.10
N TYR B 89 7.14 -30.35 -25.89
CA TYR B 89 7.20 -30.09 -27.33
C TYR B 89 6.76 -31.30 -28.16
N SER B 90 6.29 -32.33 -27.46
CA SER B 90 5.67 -33.50 -28.11
C SER B 90 4.68 -34.15 -27.14
N LEU B 91 3.95 -35.15 -27.61
CA LEU B 91 3.00 -35.83 -26.74
C LEU B 91 3.73 -36.57 -25.62
N ALA B 92 4.80 -37.27 -26.00
CA ALA B 92 5.56 -38.10 -25.08
C ALA B 92 6.16 -37.31 -23.91
N GLU B 93 6.40 -36.01 -24.11
CA GLU B 93 7.02 -35.19 -23.07
C GLU B 93 6.03 -34.72 -22.00
N GLU B 94 4.75 -34.97 -22.20
CA GLU B 94 3.75 -34.47 -21.27
C GLU B 94 3.79 -35.27 -19.96
N LEU B 95 3.68 -34.57 -18.84
CA LEU B 95 3.92 -35.19 -17.53
C LEU B 95 2.69 -35.86 -16.91
N VAL B 96 2.86 -37.12 -16.50
CA VAL B 96 1.78 -37.89 -15.89
C VAL B 96 1.43 -37.39 -14.47
N ASN B 97 0.14 -37.42 -14.13
CA ASN B 97 -0.31 -36.94 -12.83
C ASN B 97 -1.24 -37.89 -12.07
N PRO B 98 -0.65 -38.84 -11.33
CA PRO B 98 -1.40 -39.84 -10.55
C PRO B 98 -2.29 -39.20 -9.49
N GLY B 99 -3.59 -39.47 -9.57
CA GLY B 99 -4.56 -38.94 -8.61
C GLY B 99 -5.37 -37.78 -9.14
N LEU B 100 -4.81 -37.04 -10.10
CA LEU B 100 -5.51 -35.91 -10.69
C LEU B 100 -6.67 -36.40 -11.56
N GLU B 101 -7.85 -35.87 -11.27
CA GLU B 101 -9.03 -36.25 -12.05
C GLU B 101 -9.74 -35.03 -12.60
N VAL B 102 -10.35 -35.21 -13.76
CA VAL B 102 -11.14 -34.18 -14.41
C VAL B 102 -12.52 -34.76 -14.74
N GLU B 103 -13.58 -34.01 -14.46
CA GLU B 103 -14.94 -34.51 -14.68
C GLU B 103 -15.71 -33.67 -15.69
N ILE B 104 -16.36 -34.35 -16.63
CA ILE B 104 -17.21 -33.70 -17.60
C ILE B 104 -18.66 -34.07 -17.32
N VAL B 105 -19.51 -33.07 -17.15
CA VAL B 105 -20.91 -33.34 -16.89
C VAL B 105 -21.56 -33.92 -18.15
N ASP B 106 -22.11 -35.12 -18.04
CA ASP B 106 -22.77 -35.74 -19.18
C ASP B 106 -24.25 -35.37 -19.26
N GLU B 107 -24.95 -35.43 -18.12
CA GLU B 107 -26.38 -35.16 -18.09
C GLU B 107 -26.83 -34.59 -16.75
N ILE B 108 -27.87 -33.76 -16.79
CA ILE B 108 -28.42 -33.16 -15.57
C ILE B 108 -29.90 -33.52 -15.43
N THR B 109 -30.27 -34.09 -14.28
CA THR B 109 -31.64 -34.49 -14.08
C THR B 109 -32.16 -34.09 -12.69
N ASP B 110 -33.43 -33.70 -12.64
CA ASP B 110 -34.11 -33.37 -11.39
C ASP B 110 -34.46 -34.65 -10.65
N VAL B 111 -33.97 -34.79 -9.42
CA VAL B 111 -34.24 -35.99 -8.65
C VAL B 111 -34.82 -35.62 -7.29
N THR B 112 -35.45 -34.46 -7.24
CA THR B 112 -35.99 -33.92 -5.99
C THR B 112 -36.97 -34.87 -5.31
N ALA B 113 -37.94 -35.37 -6.05
CA ALA B 113 -38.99 -36.23 -5.49
C ALA B 113 -38.37 -37.52 -4.94
N ALA B 114 -37.65 -38.22 -5.81
CA ALA B 114 -37.03 -39.48 -5.45
C ALA B 114 -36.12 -39.36 -4.22
N VAL B 115 -35.37 -38.26 -4.16
CA VAL B 115 -34.43 -38.06 -3.06
C VAL B 115 -35.16 -37.79 -1.74
N LYS B 116 -36.17 -36.94 -1.79
CA LYS B 116 -36.95 -36.62 -0.60
C LYS B 116 -37.68 -37.86 -0.08
N LYS B 117 -38.25 -38.63 -0.98
CA LYS B 117 -38.99 -39.82 -0.59
C LYS B 117 -38.07 -40.90 -0.02
N GLU B 118 -36.77 -40.72 -0.19
CA GLU B 118 -35.80 -41.67 0.32
C GLU B 118 -35.16 -41.20 1.62
N LEU B 119 -35.28 -39.90 1.92
CA LEU B 119 -34.80 -39.40 3.21
C LEU B 119 -35.86 -39.63 4.29
N GLU B 120 -37.00 -40.20 3.90
CA GLU B 120 -37.96 -40.70 4.87
C GLU B 120 -37.51 -42.08 5.30
N ARG B 121 -37.98 -42.51 6.46
CA ARG B 121 -37.61 -43.79 7.04
C ARG B 121 -36.09 -43.91 7.18
N ILE B 122 -35.47 -42.82 7.63
CA ILE B 122 -34.14 -42.90 8.19
C ILE B 122 -34.36 -42.85 9.71
N LYS B 123 -34.62 -44.01 10.30
CA LYS B 123 -34.94 -44.12 11.73
C LYS B 123 -33.90 -43.44 12.61
N LYS B 124 -34.36 -42.42 13.33
CA LYS B 124 -33.53 -41.53 14.16
C LYS B 124 -32.43 -40.83 13.35
N PRO B 125 -32.81 -39.76 12.63
CA PRO B 125 -31.83 -39.03 11.81
C PRO B 125 -30.88 -38.17 12.64
N SER B 126 -29.64 -38.05 12.20
CA SER B 126 -28.68 -37.15 12.85
C SER B 126 -29.13 -35.69 12.71
N GLY B 127 -29.85 -35.40 11.63
CA GLY B 127 -30.34 -34.06 11.36
C GLY B 127 -29.45 -33.27 10.40
N LEU B 128 -28.46 -33.93 9.80
CA LEU B 128 -27.51 -33.25 8.94
C LEU B 128 -27.31 -33.93 7.59
N GLU B 129 -28.04 -35.02 7.36
CA GLU B 129 -27.85 -35.86 6.17
C GLU B 129 -28.31 -35.26 4.85
N PHE B 130 -29.43 -34.53 4.88
CA PHE B 130 -30.10 -34.09 3.66
C PHE B 130 -29.30 -33.01 2.91
N LEU B 131 -28.21 -32.54 3.52
CA LEU B 131 -27.31 -31.58 2.87
C LEU B 131 -25.98 -32.22 2.51
N SER B 132 -25.79 -33.47 2.90
CA SER B 132 -24.48 -34.14 2.76
C SER B 132 -24.25 -34.68 1.35
N PRO B 133 -23.29 -34.08 0.62
CA PRO B 133 -22.92 -34.55 -0.72
C PRO B 133 -22.67 -36.05 -0.77
N ARG B 134 -21.98 -36.58 0.22
CA ARG B 134 -21.62 -38.00 0.20
C ARG B 134 -22.81 -38.89 0.52
N TYR B 135 -23.63 -38.49 1.48
CA TYR B 135 -24.81 -39.27 1.79
C TYR B 135 -25.78 -39.26 0.62
N LEU B 136 -25.97 -38.08 0.03
CA LEU B 136 -26.90 -37.92 -1.08
C LEU B 136 -26.42 -38.74 -2.27
N SER B 137 -25.13 -38.61 -2.59
CA SER B 137 -24.56 -39.37 -3.69
C SER B 137 -24.58 -40.88 -3.40
N SER B 138 -24.53 -41.26 -2.12
CA SER B 138 -24.64 -42.68 -1.75
C SER B 138 -26.08 -43.19 -1.94
N LEU B 139 -26.99 -42.27 -2.23
CA LEU B 139 -28.38 -42.63 -2.52
C LEU B 139 -28.55 -42.94 -3.99
N ALA B 140 -27.53 -42.63 -4.79
CA ALA B 140 -27.66 -42.68 -6.24
C ALA B 140 -27.87 -44.09 -6.86
N PRO B 141 -27.21 -45.14 -6.33
CA PRO B 141 -27.48 -46.48 -6.89
C PRO B 141 -28.95 -46.87 -7.02
N GLU B 142 -29.75 -46.59 -5.99
CA GLU B 142 -31.15 -46.98 -5.97
C GLU B 142 -32.04 -45.99 -6.75
N ILE B 143 -31.42 -44.96 -7.32
CA ILE B 143 -32.12 -44.02 -8.20
C ILE B 143 -31.96 -44.44 -9.66
N VAL B 144 -30.72 -44.74 -10.04
CA VAL B 144 -30.39 -45.05 -11.42
C VAL B 144 -30.28 -46.55 -11.70
N GLY B 145 -30.09 -47.35 -10.66
CA GLY B 145 -29.93 -48.78 -10.82
C GLY B 145 -28.46 -49.19 -10.86
N LYS B 146 -28.16 -50.41 -10.44
CA LYS B 146 -26.79 -50.86 -10.26
C LYS B 146 -25.94 -50.84 -11.52
N LYS B 147 -26.54 -51.15 -12.67
CA LYS B 147 -25.78 -51.26 -13.91
C LYS B 147 -25.18 -49.92 -14.33
N ALA B 148 -26.04 -48.98 -14.70
CA ALA B 148 -25.60 -47.64 -14.98
C ALA B 148 -25.46 -46.93 -13.66
N ALA B 149 -24.22 -46.90 -13.16
CA ALA B 149 -23.87 -46.63 -11.74
C ALA B 149 -22.64 -47.37 -11.39
N SER B 150 -22.48 -48.58 -11.92
CA SER B 150 -21.27 -49.35 -11.67
C SER B 150 -20.31 -49.20 -12.85
N ARG B 151 -20.74 -48.45 -13.86
CA ARG B 151 -19.90 -48.15 -15.03
C ARG B 151 -18.58 -47.54 -14.58
N PRO B 152 -17.47 -48.15 -15.03
CA PRO B 152 -16.12 -47.74 -14.60
C PRO B 152 -15.84 -46.26 -14.84
N GLY B 153 -16.25 -45.74 -15.99
CA GLY B 153 -15.88 -44.39 -16.36
C GLY B 153 -16.85 -43.30 -15.93
N TYR B 154 -17.81 -43.63 -15.07
CA TYR B 154 -18.80 -42.66 -14.66
C TYR B 154 -18.91 -42.50 -13.15
N ARG B 155 -19.44 -41.36 -12.73
CA ARG B 155 -19.62 -41.04 -11.32
C ARG B 155 -20.92 -40.25 -11.17
N TYR B 156 -21.64 -40.52 -10.09
CA TYR B 156 -22.94 -39.89 -9.89
C TYR B 156 -22.93 -38.94 -8.73
N GLU B 157 -23.30 -37.70 -9.02
CA GLU B 157 -23.24 -36.65 -8.02
C GLU B 157 -24.63 -36.15 -7.70
N ILE B 158 -24.99 -36.19 -6.43
CA ILE B 158 -26.25 -35.63 -5.98
C ILE B 158 -25.99 -34.63 -4.86
N LYS B 159 -26.46 -33.40 -5.06
CA LYS B 159 -26.26 -32.35 -4.06
C LYS B 159 -27.56 -31.60 -3.77
N ALA B 160 -27.67 -31.06 -2.55
CA ALA B 160 -28.81 -30.22 -2.18
C ALA B 160 -28.71 -28.86 -2.86
N PHE B 161 -29.87 -28.31 -3.23
CA PHE B 161 -29.96 -26.95 -3.74
C PHE B 161 -31.03 -26.20 -2.97
N TYR B 162 -30.88 -24.88 -2.89
CA TYR B 162 -31.82 -24.05 -2.17
C TYR B 162 -31.99 -24.50 -0.72
N GLY B 163 -30.86 -24.75 -0.05
CA GLY B 163 -30.87 -25.12 1.35
C GLY B 163 -31.51 -26.47 1.68
N GLY B 164 -31.74 -27.27 0.64
CA GLY B 164 -32.31 -28.59 0.83
C GLY B 164 -33.73 -28.76 0.30
N ASN B 165 -34.17 -27.81 -0.53
CA ASN B 165 -35.51 -27.85 -1.11
C ASN B 165 -35.58 -28.42 -2.51
N ARG B 166 -34.43 -28.53 -3.15
CA ARG B 166 -34.36 -29.18 -4.45
C ARG B 166 -33.15 -30.12 -4.47
N TYR B 167 -33.17 -31.11 -5.35
CA TYR B 167 -32.01 -31.99 -5.52
C TYR B 167 -31.84 -32.29 -6.99
N TYR B 168 -30.66 -31.97 -7.53
CA TYR B 168 -30.34 -32.31 -8.92
C TYR B 168 -29.20 -33.31 -9.00
N MET B 169 -29.25 -34.17 -10.02
CA MET B 169 -28.23 -35.20 -10.17
C MET B 169 -27.38 -34.89 -11.39
N PHE B 170 -26.07 -35.06 -11.25
CA PHE B 170 -25.13 -34.88 -12.36
C PHE B 170 -24.41 -36.19 -12.64
N THR B 171 -24.44 -36.63 -13.88
CA THR B 171 -23.65 -37.78 -14.30
C THR B 171 -22.32 -37.31 -14.89
N LYS B 172 -21.22 -37.78 -14.31
CA LYS B 172 -19.88 -37.31 -14.67
C LYS B 172 -19.07 -38.36 -15.45
N LYS B 173 -18.60 -38.02 -16.65
CA LYS B 173 -17.54 -38.80 -17.27
C LYS B 173 -16.25 -38.40 -16.54
N VAL B 174 -15.54 -39.37 -15.98
CA VAL B 174 -14.38 -39.07 -15.13
C VAL B 174 -13.06 -39.49 -15.76
N PHE B 175 -12.15 -38.53 -15.93
CA PHE B 175 -10.85 -38.81 -16.55
C PHE B 175 -9.75 -38.91 -15.52
N ARG B 176 -9.05 -40.04 -15.51
CA ARG B 176 -8.04 -40.30 -14.49
C ARG B 176 -6.64 -40.35 -15.07
N ASP B 177 -6.50 -39.93 -16.33
CA ASP B 177 -5.18 -39.71 -16.92
C ASP B 177 -5.11 -38.30 -17.50
N VAL B 178 -4.73 -37.35 -16.66
CA VAL B 178 -4.66 -35.95 -17.06
C VAL B 178 -3.22 -35.47 -16.97
N ARG B 179 -2.64 -35.12 -18.10
CA ARG B 179 -1.20 -34.83 -18.14
C ARG B 179 -0.86 -33.35 -18.32
N LEU B 180 0.21 -32.92 -17.65
CA LEU B 180 0.67 -31.55 -17.75
C LEU B 180 1.36 -31.28 -19.09
N VAL B 181 0.87 -30.26 -19.80
CA VAL B 181 1.40 -29.89 -21.10
C VAL B 181 2.34 -28.69 -20.98
N ALA B 182 1.96 -27.72 -20.15
CA ALA B 182 2.67 -26.45 -20.11
C ALA B 182 2.30 -25.60 -18.87
N ALA B 183 3.30 -24.93 -18.31
CA ALA B 183 3.04 -23.85 -17.37
C ALA B 183 4.11 -22.76 -17.47
N PRO B 184 3.67 -21.49 -17.40
CA PRO B 184 4.60 -20.36 -17.36
C PRO B 184 5.38 -20.38 -16.05
N PRO B 185 6.50 -19.66 -15.99
CA PRO B 185 7.14 -19.51 -14.67
C PRO B 185 6.24 -18.75 -13.69
N SER B 186 6.43 -18.94 -12.39
CA SER B 186 5.56 -18.28 -11.41
C SER B 186 5.69 -16.75 -11.44
N SER B 187 6.77 -16.22 -12.00
CA SER B 187 6.86 -14.75 -12.15
C SER B 187 5.82 -14.24 -13.16
N ILE B 188 5.31 -15.14 -13.99
CA ILE B 188 4.22 -14.78 -14.87
C ILE B 188 2.89 -15.30 -14.26
N GLY B 189 2.89 -16.59 -13.91
CA GLY B 189 1.70 -17.28 -13.42
C GLY B 189 1.08 -16.70 -12.18
N LYS B 190 1.91 -16.16 -11.30
CA LYS B 190 1.39 -15.37 -10.19
C LYS B 190 2.24 -14.12 -9.93
N PHE B 191 2.47 -13.34 -10.98
CA PHE B 191 3.08 -12.03 -10.83
C PHE B 191 2.34 -11.22 -9.77
N GLY B 192 3.09 -10.64 -8.83
CA GLY B 192 2.55 -9.88 -7.71
C GLY B 192 1.75 -10.71 -6.72
N SER B 193 2.14 -11.98 -6.56
CA SER B 193 1.29 -13.01 -5.96
C SER B 193 0.54 -12.65 -4.66
N ASP B 194 1.20 -12.09 -3.65
CA ASP B 194 0.49 -11.81 -2.40
C ASP B 194 -0.19 -10.42 -2.42
N THR B 195 0.59 -9.40 -2.73
CA THR B 195 0.08 -8.03 -2.78
C THR B 195 -1.00 -7.80 -3.85
N ASP B 196 -0.86 -8.40 -5.03
CA ASP B 196 -1.83 -8.20 -6.12
C ASP B 196 -2.98 -9.23 -6.08
N ASN B 197 -2.87 -10.23 -5.21
CA ASN B 197 -3.94 -11.20 -5.01
C ASN B 197 -5.22 -10.48 -4.51
N TRP B 198 -6.36 -10.87 -5.06
CA TRP B 198 -7.64 -10.26 -4.75
C TRP B 198 -7.67 -8.77 -5.13
N ALA B 199 -6.84 -8.38 -6.10
CA ALA B 199 -6.73 -6.98 -6.49
C ALA B 199 -6.85 -6.73 -8.00
N TRP B 200 -7.56 -5.65 -8.32
CA TRP B 200 -7.56 -5.02 -9.62
C TRP B 200 -7.03 -3.61 -9.36
N PRO B 201 -6.17 -3.08 -10.24
CA PRO B 201 -5.61 -3.63 -11.49
C PRO B 201 -4.78 -4.90 -11.27
N ARG B 202 -4.71 -5.77 -12.27
CA ARG B 202 -3.97 -7.02 -12.17
C ARG B 202 -3.15 -7.23 -13.45
N HIS B 203 -2.00 -7.89 -13.35
CA HIS B 203 -1.10 -8.11 -14.50
C HIS B 203 -0.52 -9.51 -14.47
N THR B 204 -1.39 -10.50 -14.29
CA THR B 204 -0.92 -11.84 -13.98
C THR B 204 -1.29 -12.83 -15.08
N GLY B 205 -0.29 -13.55 -15.62
CA GLY B 205 -0.54 -14.55 -16.65
C GLY B 205 -0.96 -15.88 -16.05
N ASP B 206 -2.13 -15.91 -15.43
CA ASP B 206 -2.56 -17.06 -14.60
C ASP B 206 -3.16 -18.23 -15.41
N PHE B 207 -2.30 -19.04 -16.03
CA PHE B 207 -2.78 -20.21 -16.75
C PHE B 207 -1.83 -21.38 -16.64
N SER B 208 -2.38 -22.59 -16.80
CA SER B 208 -1.56 -23.76 -17.09
C SER B 208 -2.37 -24.58 -18.09
N ILE B 209 -1.70 -25.54 -18.71
CA ILE B 209 -2.27 -26.30 -19.81
C ILE B 209 -2.11 -27.79 -19.56
N PHE B 210 -3.22 -28.52 -19.65
CA PHE B 210 -3.19 -29.98 -19.51
C PHE B 210 -3.82 -30.62 -20.74
N ARG B 211 -3.77 -31.95 -20.81
CA ARG B 211 -4.46 -32.70 -21.86
C ARG B 211 -5.17 -33.91 -21.27
N LEU B 212 -6.40 -34.12 -21.70
CA LEU B 212 -7.11 -35.34 -21.34
C LEU B 212 -6.64 -36.50 -22.21
N TYR B 213 -6.39 -37.65 -21.59
CA TYR B 213 -6.05 -38.87 -22.34
C TYR B 213 -7.14 -39.93 -22.20
N ALA B 214 -7.22 -40.83 -23.20
CA ALA B 214 -8.22 -41.91 -23.23
C ALA B 214 -7.61 -43.22 -23.74
N ASP B 215 -8.43 -44.27 -23.86
CA ASP B 215 -7.93 -45.56 -24.33
C ASP B 215 -8.10 -45.73 -25.84
N LYS B 216 -7.89 -46.96 -26.32
CA LYS B 216 -8.02 -47.30 -27.74
C LYS B 216 -9.34 -46.80 -28.35
N ASN B 217 -10.42 -46.91 -27.60
CA ASN B 217 -11.75 -46.61 -28.13
C ASN B 217 -12.25 -45.22 -27.76
N GLY B 218 -11.32 -44.34 -27.36
CA GLY B 218 -11.65 -42.96 -27.07
C GLY B 218 -12.54 -42.77 -25.86
N ASN B 219 -12.35 -43.60 -24.83
CA ASN B 219 -13.15 -43.50 -23.61
C ASN B 219 -12.27 -43.28 -22.38
N PRO B 220 -12.80 -42.54 -21.37
CA PRO B 220 -12.10 -42.24 -20.11
C PRO B 220 -11.40 -43.45 -19.50
N ALA B 221 -10.21 -43.26 -18.95
CA ALA B 221 -9.36 -44.38 -18.56
C ALA B 221 -8.35 -44.02 -17.48
N GLU B 222 -7.90 -45.04 -16.75
CA GLU B 222 -6.74 -44.91 -15.87
C GLU B 222 -5.51 -44.67 -16.73
N TYR B 223 -4.42 -44.25 -16.12
CA TYR B 223 -3.18 -44.11 -16.88
C TYR B 223 -2.72 -45.46 -17.45
N SER B 224 -2.13 -45.39 -18.63
CA SER B 224 -1.40 -46.50 -19.23
C SER B 224 -0.60 -45.94 -20.39
N LYS B 225 0.59 -46.51 -20.62
CA LYS B 225 1.51 -45.99 -21.63
C LYS B 225 0.89 -45.95 -23.02
N ASP B 226 -0.14 -46.77 -23.22
CA ASP B 226 -0.77 -46.92 -24.53
C ASP B 226 -1.92 -45.94 -24.73
N ASN B 227 -2.23 -45.14 -23.71
CA ASN B 227 -3.33 -44.18 -23.82
C ASN B 227 -3.08 -43.17 -24.94
N VAL B 228 -4.16 -42.73 -25.56
CA VAL B 228 -4.09 -41.70 -26.60
C VAL B 228 -4.89 -40.47 -26.17
N PRO B 229 -4.64 -39.32 -26.82
CA PRO B 229 -5.45 -38.14 -26.47
C PRO B 229 -6.94 -38.35 -26.76
N TYR B 230 -7.78 -37.94 -25.81
CA TYR B 230 -9.23 -37.93 -25.96
C TYR B 230 -9.66 -36.91 -27.01
N ARG B 231 -10.65 -37.29 -27.82
CA ARG B 231 -11.22 -36.38 -28.82
C ARG B 231 -12.63 -35.97 -28.37
N PRO B 232 -12.78 -34.70 -27.96
CA PRO B 232 -14.04 -34.23 -27.37
C PRO B 232 -15.18 -34.13 -28.37
N LYS B 233 -16.39 -34.41 -27.89
CA LYS B 233 -17.60 -34.06 -28.62
C LYS B 233 -17.49 -32.61 -29.06
N ARG B 234 -17.43 -31.70 -28.08
CA ARG B 234 -17.26 -30.29 -28.38
C ARG B 234 -16.05 -29.70 -27.67
N TRP B 235 -15.47 -28.67 -28.27
CA TRP B 235 -14.43 -27.88 -27.63
C TRP B 235 -14.67 -26.45 -28.04
N VAL B 236 -14.05 -25.51 -27.32
CA VAL B 236 -14.33 -24.10 -27.57
C VAL B 236 -13.29 -23.47 -28.49
N LYS B 237 -13.78 -22.77 -29.52
CA LYS B 237 -12.90 -22.01 -30.40
C LYS B 237 -12.41 -20.75 -29.72
N VAL B 238 -11.14 -20.44 -29.94
CA VAL B 238 -10.50 -19.28 -29.35
C VAL B 238 -10.58 -18.07 -30.28
N ASN B 239 -10.99 -16.92 -29.75
CA ASN B 239 -11.00 -15.69 -30.52
C ASN B 239 -9.89 -14.78 -30.04
N ALA B 240 -9.08 -14.29 -30.98
CA ALA B 240 -7.91 -13.51 -30.62
C ALA B 240 -7.92 -12.11 -31.25
N GLN B 241 -9.11 -11.64 -31.60
CA GLN B 241 -9.24 -10.31 -32.21
C GLN B 241 -9.38 -9.22 -31.15
N GLY B 242 -9.47 -9.62 -29.88
CA GLY B 242 -9.46 -8.65 -28.80
C GLY B 242 -10.81 -8.37 -28.19
N VAL B 243 -10.86 -7.47 -27.21
CA VAL B 243 -12.09 -7.14 -26.50
C VAL B 243 -12.13 -5.66 -26.17
N LYS B 244 -13.30 -5.12 -25.87
CA LYS B 244 -13.36 -3.75 -25.43
C LYS B 244 -14.43 -3.56 -24.35
N GLU B 245 -14.35 -2.43 -23.63
CA GLU B 245 -15.33 -2.09 -22.62
C GLU B 245 -16.76 -2.20 -23.19
N GLY B 246 -17.62 -2.89 -22.47
CA GLY B 246 -19.01 -2.99 -22.88
C GLY B 246 -19.31 -4.29 -23.61
N ASP B 247 -18.29 -5.05 -24.00
CA ASP B 247 -18.54 -6.33 -24.63
C ASP B 247 -19.27 -7.32 -23.69
N PHE B 248 -20.19 -8.09 -24.25
CA PHE B 248 -20.84 -9.19 -23.52
C PHE B 248 -19.85 -10.30 -23.16
N ALA B 249 -19.97 -10.81 -21.95
CA ALA B 249 -19.13 -11.92 -21.50
C ALA B 249 -19.95 -13.02 -20.86
N LEU B 250 -19.72 -14.26 -21.28
CA LEU B 250 -20.38 -15.41 -20.67
C LEU B 250 -19.36 -16.26 -19.92
N ILE B 251 -19.69 -16.67 -18.70
CA ILE B 251 -18.80 -17.55 -17.96
C ILE B 251 -19.54 -18.83 -17.50
N MET B 252 -18.89 -19.97 -17.69
CA MET B 252 -19.41 -21.24 -17.19
C MET B 252 -18.35 -21.90 -16.35
N GLY B 253 -18.76 -22.50 -15.23
CA GLY B 253 -17.79 -23.13 -14.38
C GLY B 253 -18.41 -23.72 -13.15
N TYR B 254 -17.61 -23.91 -12.10
CA TYR B 254 -18.06 -24.64 -10.93
C TYR B 254 -17.87 -23.83 -9.65
N PRO B 255 -18.64 -22.73 -9.49
CA PRO B 255 -18.51 -21.94 -8.28
C PRO B 255 -18.85 -22.80 -7.05
N GLY B 256 -18.06 -22.65 -5.98
CA GLY B 256 -18.12 -23.58 -4.86
C GLY B 256 -19.14 -23.25 -3.78
N THR B 257 -19.05 -22.03 -3.24
CA THR B 257 -19.83 -21.66 -2.07
C THR B 257 -20.18 -20.18 -2.05
N THR B 258 -21.47 -19.89 -1.90
CA THR B 258 -21.93 -18.54 -1.64
C THR B 258 -22.94 -18.59 -0.50
N TYR B 259 -23.31 -17.42 0.02
CA TYR B 259 -24.23 -17.38 1.15
C TYR B 259 -25.32 -16.33 0.94
N LYS B 260 -26.01 -16.38 -0.18
CA LYS B 260 -26.90 -15.27 -0.53
C LYS B 260 -28.16 -15.29 0.34
N PHE B 261 -28.40 -16.38 1.05
CA PHE B 261 -29.61 -16.45 1.88
C PHE B 261 -29.31 -16.30 3.36
N PHE B 262 -28.08 -15.89 3.69
CA PHE B 262 -27.74 -15.59 5.07
C PHE B 262 -28.66 -14.54 5.69
N THR B 263 -29.12 -14.81 6.91
CA THR B 263 -29.78 -13.81 7.75
C THR B 263 -28.70 -12.90 8.33
N ALA B 264 -29.13 -11.83 8.99
CA ALA B 264 -28.19 -10.85 9.55
C ALA B 264 -27.24 -11.50 10.55
N ASP B 265 -27.79 -12.29 11.46
CA ASP B 265 -27.01 -12.93 12.50
C ASP B 265 -25.94 -13.87 11.93
N GLU B 266 -26.25 -14.52 10.82
CA GLU B 266 -25.30 -15.42 10.17
C GLU B 266 -24.16 -14.66 9.54
N VAL B 267 -24.43 -13.45 9.05
CA VAL B 267 -23.38 -12.60 8.52
C VAL B 267 -22.40 -12.27 9.64
N THR B 268 -22.98 -11.82 10.74
CA THR B 268 -22.24 -11.48 11.95
C THR B 268 -21.36 -12.62 12.48
N GLU B 269 -21.93 -13.81 12.63
CA GLU B 269 -21.17 -14.96 13.12
C GLU B 269 -20.01 -15.33 12.19
N TRP B 270 -20.29 -15.47 10.90
CA TRP B 270 -19.30 -15.91 9.95
C TRP B 270 -18.11 -14.96 9.97
N SER B 271 -18.40 -13.69 10.15
CA SER B 271 -17.39 -12.65 10.22
C SER B 271 -16.49 -12.78 11.46
N GLU B 272 -17.12 -12.84 12.62
CA GLU B 272 -16.41 -12.74 13.88
C GLU B 272 -15.80 -14.06 14.31
N ILE B 273 -16.28 -15.16 13.74
CA ILE B 273 -15.74 -16.46 14.07
C ILE B 273 -14.85 -16.95 12.93
N ASP B 274 -15.42 -17.62 11.92
CA ASP B 274 -14.64 -18.19 10.82
C ASP B 274 -13.59 -17.26 10.22
N ASN B 275 -13.97 -16.04 9.86
CA ASN B 275 -13.00 -15.14 9.20
C ASN B 275 -11.97 -14.56 10.15
N ASN B 276 -12.44 -14.05 11.29
CA ASN B 276 -11.54 -13.48 12.28
C ASN B 276 -10.49 -14.51 12.71
N ILE B 277 -10.92 -15.76 12.91
CA ILE B 277 -10.02 -16.83 13.36
C ILE B 277 -9.06 -17.27 12.23
N ARG B 278 -9.60 -17.47 11.03
CA ARG B 278 -8.76 -17.77 9.88
C ARG B 278 -7.69 -16.71 9.74
N ILE B 279 -8.08 -15.45 9.86
CA ILE B 279 -7.13 -14.35 9.64
C ILE B 279 -5.99 -14.36 10.67
N GLU B 280 -6.32 -14.39 11.95
CA GLU B 280 -5.26 -14.31 12.94
C GLU B 280 -4.33 -15.54 12.93
N MET B 281 -4.86 -16.76 12.75
CA MET B 281 -4.04 -17.98 12.78
C MET B 281 -3.17 -18.11 11.53
N ARG B 282 -3.75 -17.85 10.37
CA ARG B 282 -3.01 -17.99 9.12
C ARG B 282 -1.95 -16.89 8.99
N GLY B 283 -2.22 -15.75 9.60
CA GLY B 283 -1.23 -14.69 9.69
C GLY B 283 0.08 -15.12 10.33
N ILE B 284 -0.01 -15.85 11.44
CA ILE B 284 1.18 -16.31 12.16
C ILE B 284 1.92 -17.44 11.42
N LEU B 285 1.16 -18.37 10.87
CA LEU B 285 1.67 -19.46 10.04
C LEU B 285 2.48 -18.93 8.83
N GLN B 286 1.84 -18.05 8.06
CA GLN B 286 2.44 -17.41 6.89
C GLN B 286 3.75 -16.66 7.16
N ASP B 287 3.76 -15.84 8.20
CA ASP B 287 4.97 -15.11 8.59
C ASP B 287 6.17 -16.05 8.69
N VAL B 288 6.00 -17.12 9.46
CA VAL B 288 7.05 -18.13 9.69
C VAL B 288 7.45 -18.85 8.40
N MET B 289 6.44 -19.36 7.69
CA MET B 289 6.68 -20.18 6.50
C MET B 289 7.40 -19.43 5.37
N LEU B 290 6.99 -18.19 5.11
CA LEU B 290 7.60 -17.41 4.04
C LEU B 290 9.08 -17.12 4.30
N ARG B 291 9.40 -16.75 5.54
CA ARG B 291 10.79 -16.50 5.92
C ARG B 291 11.64 -17.74 5.69
N GLU B 292 11.08 -18.91 5.99
CA GLU B 292 11.79 -20.18 5.82
C GLU B 292 12.00 -20.49 4.34
N MET B 293 10.92 -20.38 3.55
CA MET B 293 10.98 -20.61 2.12
C MET B 293 11.99 -19.70 1.43
N LEU B 294 12.00 -18.42 1.83
CA LEU B 294 12.88 -17.44 1.19
C LEU B 294 14.36 -17.63 1.58
N ALA B 295 14.61 -18.28 2.70
CA ALA B 295 15.99 -18.42 3.17
C ALA B 295 16.65 -19.69 2.63
N ASP B 296 15.84 -20.61 2.09
CA ASP B 296 16.35 -21.87 1.57
C ASP B 296 15.58 -22.34 0.35
N PRO B 297 16.28 -22.53 -0.78
CA PRO B 297 15.65 -22.91 -2.04
C PRO B 297 14.77 -24.17 -1.93
N LYS B 298 15.28 -25.22 -1.31
CA LYS B 298 14.56 -26.50 -1.26
C LYS B 298 13.27 -26.43 -0.44
N ILE B 299 13.34 -25.75 0.69
CA ILE B 299 12.16 -25.50 1.50
C ILE B 299 11.13 -24.73 0.67
N ASN B 300 11.60 -23.76 -0.11
CA ASN B 300 10.73 -22.90 -0.90
C ASN B 300 9.87 -23.75 -1.85
N ILE B 301 10.48 -24.83 -2.35
CA ILE B 301 9.79 -25.76 -3.26
C ILE B 301 8.81 -26.69 -2.52
N MET B 302 9.26 -27.24 -1.40
CA MET B 302 8.46 -28.18 -0.63
C MET B 302 7.16 -27.54 -0.15
N TYR B 303 7.23 -26.27 0.24
CA TYR B 303 6.09 -25.62 0.88
C TYR B 303 5.38 -24.58 -0.02
N ALA B 304 5.72 -24.55 -1.31
CA ALA B 304 5.16 -23.54 -2.22
C ALA B 304 3.63 -23.61 -2.36
N ALA B 305 3.09 -24.82 -2.48
CA ALA B 305 1.66 -24.95 -2.69
C ALA B 305 0.93 -24.76 -1.38
N LYS B 306 1.54 -25.17 -0.29
CA LYS B 306 0.94 -24.96 1.03
C LYS B 306 0.80 -23.47 1.33
N TYR B 307 1.91 -22.73 1.23
CA TYR B 307 1.90 -21.29 1.49
C TYR B 307 0.90 -20.55 0.60
N ALA B 308 0.92 -20.82 -0.70
CA ALA B 308 0.04 -20.10 -1.63
C ALA B 308 -1.44 -20.37 -1.32
N SER B 309 -1.78 -21.60 -0.97
CA SER B 309 -3.15 -21.95 -0.62
C SER B 309 -3.59 -21.20 0.65
N SER B 310 -2.77 -21.30 1.69
CA SER B 310 -2.99 -20.56 2.93
C SER B 310 -3.19 -19.03 2.74
N GLN B 311 -2.26 -18.40 2.02
CA GLN B 311 -2.28 -16.95 1.85
C GLN B 311 -3.54 -16.55 1.11
N ASN B 312 -3.97 -17.42 0.20
CA ASN B 312 -5.13 -17.09 -0.61
C ASN B 312 -6.42 -17.06 0.22
N GLY B 313 -6.53 -17.93 1.23
CA GLY B 313 -7.71 -17.92 2.08
C GLY B 313 -7.63 -16.82 3.12
N TYR B 314 -6.42 -16.58 3.59
CA TYR B 314 -6.13 -15.49 4.52
C TYR B 314 -6.55 -14.12 3.98
N LYS B 315 -6.12 -13.80 2.77
CA LYS B 315 -6.46 -12.51 2.22
C LYS B 315 -7.94 -12.49 1.83
N ARG B 316 -8.50 -13.64 1.46
CA ARG B 316 -9.93 -13.69 1.14
C ARG B 316 -10.78 -13.30 2.35
N ALA B 317 -10.41 -13.83 3.52
CA ALA B 317 -11.12 -13.54 4.75
C ALA B 317 -11.01 -12.07 5.12
N GLN B 318 -9.81 -11.50 4.94
CA GLN B 318 -9.59 -10.06 5.10
C GLN B 318 -10.55 -9.27 4.21
N GLY B 319 -10.71 -9.71 2.96
CA GLY B 319 -11.53 -9.02 1.99
C GLY B 319 -13.00 -9.16 2.33
N ALA B 320 -13.38 -10.34 2.78
CA ALA B 320 -14.76 -10.64 3.14
C ALA B 320 -15.18 -9.78 4.33
N ASN B 321 -14.35 -9.76 5.37
CA ASN B 321 -14.66 -8.94 6.53
C ASN B 321 -14.67 -7.46 6.18
N TRP B 322 -13.77 -7.07 5.28
CA TRP B 322 -13.76 -5.67 4.87
C TRP B 322 -15.06 -5.32 4.13
N ALA B 323 -15.55 -6.23 3.30
CA ALA B 323 -16.85 -6.04 2.65
C ALA B 323 -18.00 -5.93 3.67
N ILE B 324 -18.04 -6.83 4.64
CA ILE B 324 -19.08 -6.86 5.68
C ILE B 324 -19.20 -5.51 6.38
N ARG B 325 -18.05 -4.86 6.57
CA ARG B 325 -17.99 -3.62 7.32
C ARG B 325 -18.29 -2.41 6.43
N ARG B 326 -17.65 -2.37 5.28
CA ARG B 326 -17.72 -1.18 4.43
C ARG B 326 -19.00 -1.08 3.58
N ARG B 327 -19.71 -2.20 3.39
CA ARG B 327 -20.98 -2.22 2.65
C ARG B 327 -22.15 -2.47 3.61
N SER B 328 -21.84 -2.55 4.90
CA SER B 328 -22.85 -2.82 5.93
C SER B 328 -23.69 -4.05 5.59
N LEU B 329 -23.03 -5.11 5.12
CA LEU B 329 -23.72 -6.27 4.56
C LEU B 329 -24.70 -6.90 5.52
N ARG B 330 -24.42 -6.80 6.80
CA ARG B 330 -25.39 -7.27 7.78
C ARG B 330 -26.74 -6.55 7.59
N GLU B 331 -26.71 -5.22 7.44
CA GLU B 331 -27.94 -4.44 7.33
C GLU B 331 -28.65 -4.71 6.00
N ILE B 332 -27.86 -4.96 4.96
CA ILE B 332 -28.43 -5.31 3.67
C ILE B 332 -29.16 -6.64 3.75
N LYS B 333 -28.57 -7.64 4.43
CA LYS B 333 -29.23 -8.93 4.54
C LYS B 333 -30.41 -8.81 5.51
N LEU B 334 -30.27 -7.96 6.53
CA LEU B 334 -31.36 -7.69 7.45
C LEU B 334 -32.57 -7.12 6.70
N ALA B 335 -32.31 -6.16 5.82
CA ALA B 335 -33.36 -5.56 5.01
C ALA B 335 -34.05 -6.64 4.19
N GLN B 336 -33.27 -7.53 3.61
CA GLN B 336 -33.84 -8.55 2.74
C GLN B 336 -34.71 -9.55 3.50
N GLN B 337 -34.24 -10.00 4.65
CA GLN B 337 -34.99 -10.98 5.41
C GLN B 337 -36.27 -10.33 5.94
N GLN B 338 -36.24 -9.02 6.16
CA GLN B 338 -37.42 -8.34 6.63
C GLN B 338 -38.43 -8.15 5.51
N GLU B 339 -37.98 -8.19 4.25
CA GLU B 339 -38.96 -8.12 3.16
C GLU B 339 -39.66 -9.48 3.00
N VAL B 340 -38.94 -10.59 3.23
CA VAL B 340 -39.62 -11.88 3.18
C VAL B 340 -40.43 -12.13 4.47
N LEU B 341 -39.99 -11.57 5.58
CA LEU B 341 -40.78 -11.66 6.81
C LEU B 341 -42.11 -10.92 6.64
N ALA B 342 -42.08 -9.69 6.10
CA ALA B 342 -43.30 -8.91 5.89
C ALA B 342 -44.21 -9.58 4.84
N TRP B 343 -43.58 -10.18 3.84
CA TRP B 343 -44.30 -10.96 2.84
C TRP B 343 -45.09 -12.12 3.48
N ALA B 344 -44.43 -12.85 4.38
CA ALA B 344 -45.07 -13.96 5.09
C ALA B 344 -46.24 -13.48 5.95
N LYS B 345 -46.07 -12.32 6.58
CA LYS B 345 -47.09 -11.74 7.46
C LYS B 345 -48.38 -11.41 6.71
N GLN B 346 -48.23 -10.87 5.50
CA GLN B 346 -49.38 -10.48 4.68
C GLN B 346 -50.05 -11.69 4.02
N LYS B 347 -49.43 -12.85 4.17
CA LYS B 347 -49.97 -14.11 3.65
C LYS B 347 -50.50 -14.96 4.80
N GLY B 348 -50.08 -14.60 6.01
CA GLY B 348 -50.48 -15.34 7.19
C GLY B 348 -49.61 -16.57 7.41
N ILE B 349 -48.37 -16.51 6.92
CA ILE B 349 -47.46 -17.64 7.04
C ILE B 349 -46.55 -17.51 8.25
N ALA B 350 -46.79 -18.33 9.27
CA ALA B 350 -46.00 -18.32 10.49
C ALA B 350 -44.61 -18.93 10.32
N THR B 351 -44.48 -19.84 9.36
CA THR B 351 -43.21 -20.50 8.99
C THR B 351 -41.95 -19.67 9.20
N THR B 352 -41.91 -18.55 8.50
CA THR B 352 -40.71 -17.77 8.29
C THR B 352 -40.12 -17.14 9.55
N GLU B 353 -40.97 -16.54 10.38
CA GLU B 353 -40.50 -15.85 11.57
C GLU B 353 -39.86 -16.84 12.55
N GLU B 354 -40.44 -18.03 12.64
CA GLU B 354 -39.90 -19.08 13.47
C GLU B 354 -38.56 -19.59 12.92
N ALA B 355 -38.45 -19.64 11.59
CA ALA B 355 -37.21 -20.06 10.94
C ALA B 355 -36.09 -19.08 11.28
N VAL B 356 -36.37 -17.79 11.09
CA VAL B 356 -35.39 -16.75 11.38
C VAL B 356 -35.05 -16.77 12.87
N ARG B 357 -36.07 -17.04 13.69
CA ARG B 357 -35.89 -17.20 15.13
C ARG B 357 -34.98 -18.39 15.44
N ALA B 358 -35.24 -19.52 14.81
CA ALA B 358 -34.44 -20.71 15.04
C ALA B 358 -33.01 -20.56 14.52
N ILE B 359 -32.81 -19.76 13.48
CA ILE B 359 -31.46 -19.54 12.97
C ILE B 359 -30.67 -18.77 14.01
N SER B 360 -31.22 -17.64 14.45
CA SER B 360 -30.63 -16.85 15.54
C SER B 360 -30.26 -17.71 16.75
N LYS B 361 -31.19 -18.55 17.20
CA LYS B 361 -30.97 -19.35 18.42
C LYS B 361 -29.83 -20.34 18.24
N ALA B 362 -29.77 -20.99 17.08
CA ALA B 362 -28.74 -22.00 16.82
C ALA B 362 -27.37 -21.35 16.72
N ILE B 363 -27.32 -20.18 16.08
CA ILE B 363 -26.08 -19.41 15.99
C ILE B 363 -25.64 -19.01 17.40
N GLU B 364 -26.61 -18.66 18.23
CA GLU B 364 -26.34 -18.28 19.61
C GLU B 364 -25.77 -19.44 20.43
N GLY B 365 -26.34 -20.64 20.27
CA GLY B 365 -25.96 -21.77 21.10
C GLY B 365 -24.67 -22.45 20.70
N ARG B 366 -24.31 -22.33 19.42
CA ARG B 366 -23.12 -22.99 18.96
C ARG B 366 -21.87 -22.12 19.04
N GLN B 367 -21.92 -21.02 19.78
CA GLN B 367 -20.82 -20.06 19.69
C GLN B 367 -19.42 -20.65 19.94
N ASP B 368 -19.09 -21.05 21.16
CA ASP B 368 -17.73 -21.51 21.42
C ASP B 368 -17.58 -23.01 21.08
N LEU B 369 -18.69 -23.69 20.72
CA LEU B 369 -18.57 -25.04 20.16
C LEU B 369 -17.94 -24.84 18.79
N ARG B 370 -18.48 -23.90 18.03
CA ARG B 370 -17.95 -23.70 16.71
C ARG B 370 -16.73 -22.77 16.75
N MET B 371 -16.69 -21.87 17.74
CA MET B 371 -15.54 -20.98 17.91
C MET B 371 -14.28 -21.82 18.18
N ARG B 372 -14.48 -23.02 18.72
CA ARG B 372 -13.37 -23.93 18.99
C ARG B 372 -13.09 -24.87 17.83
N GLN B 373 -14.12 -25.22 17.06
CA GLN B 373 -13.96 -26.06 15.87
C GLN B 373 -12.95 -25.44 14.92
N ARG B 374 -12.91 -24.11 14.91
CA ARG B 374 -12.13 -23.32 13.94
C ARG B 374 -10.68 -23.09 14.36
N TYR B 375 -10.44 -22.82 15.63
CA TYR B 375 -9.08 -22.68 16.14
C TYR B 375 -8.36 -24.00 15.96
N LEU B 376 -9.07 -25.09 16.20
CA LEU B 376 -8.52 -26.44 16.04
C LEU B 376 -8.15 -26.67 14.57
N LEU B 377 -9.09 -26.33 13.70
CA LEU B 377 -8.92 -26.47 12.26
C LEU B 377 -7.78 -25.62 11.74
N GLU B 378 -7.85 -24.31 12.01
CA GLU B 378 -6.91 -23.36 11.43
C GLU B 378 -5.54 -23.46 12.07
N GLY B 379 -5.51 -23.49 13.40
CA GLY B 379 -4.26 -23.47 14.13
C GLY B 379 -3.47 -24.76 14.08
N ILE B 380 -4.17 -25.90 14.22
CA ILE B 380 -3.49 -27.17 14.39
C ILE B 380 -3.64 -28.11 13.20
N LEU B 381 -4.88 -28.51 12.91
CA LEU B 381 -5.16 -29.52 11.91
C LEU B 381 -4.63 -29.18 10.51
N MET B 382 -4.59 -27.88 10.19
CA MET B 382 -4.10 -27.45 8.88
C MET B 382 -2.67 -26.90 8.93
N GLY B 383 -2.27 -26.34 10.06
CA GLY B 383 -0.93 -25.81 10.21
C GLY B 383 0.10 -26.82 10.68
N ILE B 384 -0.16 -27.45 11.81
CA ILE B 384 0.83 -28.33 12.45
C ILE B 384 0.76 -29.77 11.91
N GLU B 385 1.80 -30.15 11.16
CA GLU B 385 1.77 -31.38 10.37
C GLU B 385 1.94 -32.67 11.18
N MET B 386 2.32 -32.59 12.45
CA MET B 386 2.38 -33.81 13.24
C MET B 386 0.99 -34.26 13.66
N SER B 387 -0.03 -33.53 13.20
CA SER B 387 -1.44 -33.92 13.36
C SER B 387 -1.76 -35.20 12.62
N ASN B 388 -0.93 -35.55 11.65
CA ASN B 388 -1.09 -36.83 10.93
C ASN B 388 0.04 -37.80 11.21
N ALA B 389 0.64 -37.68 12.38
CA ALA B 389 1.63 -38.66 12.86
C ALA B 389 0.94 -40.03 13.03
N PRO B 390 1.71 -41.12 12.93
CA PRO B 390 1.13 -42.46 13.11
C PRO B 390 0.68 -42.69 14.56
N SER B 394 -4.33 -53.78 15.98
CA SER B 394 -3.69 -55.09 16.00
C SER B 394 -2.41 -55.08 16.83
N ASP B 395 -1.56 -54.08 16.58
CA ASP B 395 -0.29 -53.97 17.27
N ILE B 396 0.19 -53.36 20.38
CA ILE B 396 -0.14 -53.08 21.77
C ILE B 396 -1.00 -54.18 22.41
N ALA B 397 -2.21 -54.36 21.89
CA ALA B 397 -3.22 -55.20 22.53
C ALA B 397 -3.46 -56.54 21.81
N ASP B 398 -4.32 -56.50 20.79
CA ASP B 398 -4.92 -57.71 20.23
C ASP B 398 -3.95 -58.81 19.81
N HIS B 399 -2.85 -58.46 19.17
CA HIS B 399 -1.88 -59.48 18.75
C HIS B 399 -0.44 -59.00 18.69
N TRP B 400 -0.01 -58.26 19.72
CA TRP B 400 1.38 -57.82 19.85
C TRP B 400 2.37 -58.97 19.94
N ASP B 401 1.95 -60.08 20.54
CA ASP B 401 2.80 -61.26 20.68
C ASP B 401 2.67 -62.22 19.50
N ASP B 402 1.70 -61.95 18.63
CA ASP B 402 1.44 -62.81 17.47
C ASP B 402 2.16 -62.32 16.22
N PRO B 403 3.15 -63.09 15.73
CA PRO B 403 3.96 -62.78 14.56
C PRO B 403 3.17 -62.63 13.26
N ALA B 404 1.88 -62.34 13.36
CA ALA B 404 1.03 -62.16 12.18
C ALA B 404 0.36 -60.78 12.20
N ARG B 405 -0.40 -60.50 13.26
CA ARG B 405 -0.98 -59.16 13.45
C ARG B 405 -0.11 -58.30 14.36
N ARG B 406 1.11 -58.79 14.63
CA ARG B 406 2.20 -57.95 15.11
C ARG B 406 3.25 -57.91 14.02
N GLU B 407 2.89 -58.40 12.84
CA GLU B 407 3.77 -58.37 11.68
C GLU B 407 3.07 -57.62 10.57
N ALA B 408 1.81 -57.26 10.82
CA ALA B 408 1.02 -56.46 9.90
C ALA B 408 0.86 -55.05 10.43
N GLY B 409 0.84 -54.94 11.77
CA GLY B 409 0.59 -53.69 12.43
C GLY B 409 1.55 -52.57 12.11
N LEU B 410 2.83 -52.79 12.40
CA LEU B 410 3.83 -51.72 12.34
C LEU B 410 4.33 -51.40 10.92
N GLN B 411 4.06 -52.28 9.96
CA GLN B 411 4.34 -51.98 8.56
C GLN B 411 3.31 -50.97 8.06
N SER B 412 2.08 -51.17 8.54
CA SER B 412 1.02 -50.19 8.34
C SER B 412 1.44 -48.87 8.97
N ILE B 413 2.15 -48.95 10.09
CA ILE B 413 2.67 -47.76 10.77
C ILE B 413 3.88 -47.22 10.03
N ARG B 414 4.27 -47.91 8.97
CA ARG B 414 5.29 -47.42 8.06
C ARG B 414 4.63 -46.76 6.85
N LYS B 415 3.49 -47.29 6.42
CA LYS B 415 2.70 -46.63 5.37
C LYS B 415 2.04 -45.41 5.99
N GLN B 416 1.89 -45.46 7.31
CA GLN B 416 1.35 -44.34 8.08
C GLN B 416 2.44 -43.32 8.37
N PHE B 417 3.70 -43.74 8.30
CA PHE B 417 4.81 -42.83 8.54
C PHE B 417 5.31 -42.19 7.25
N GLU B 418 5.24 -42.92 6.14
CA GLU B 418 5.66 -42.38 4.86
C GLU B 418 4.74 -41.21 4.48
N ALA B 419 3.44 -41.41 4.66
CA ALA B 419 2.46 -40.36 4.39
C ALA B 419 2.71 -39.11 5.24
N PHE B 420 3.13 -39.32 6.49
CA PHE B 420 3.47 -38.21 7.37
C PHE B 420 4.74 -37.50 6.94
N PHE B 421 5.86 -38.23 6.98
CA PHE B 421 7.17 -37.71 6.63
C PHE B 421 7.35 -37.83 5.11
N ASN B 422 6.65 -36.98 4.36
CA ASN B 422 6.67 -37.10 2.92
C ASN B 422 7.66 -36.13 2.25
N LYS B 423 7.64 -36.15 0.92
CA LYS B 423 8.53 -35.35 0.08
C LYS B 423 8.44 -33.84 0.33
N ASP B 424 7.33 -33.39 0.90
CA ASP B 424 7.12 -31.97 1.11
C ASP B 424 7.21 -31.56 2.58
N TYR B 425 7.36 -32.55 3.47
CA TYR B 425 7.44 -32.26 4.89
C TYR B 425 8.87 -32.11 5.39
N SER B 426 9.15 -31.00 6.08
CA SER B 426 10.47 -30.74 6.66
C SER B 426 10.43 -30.56 8.17
N PRO B 427 10.85 -31.58 8.94
CA PRO B 427 10.77 -31.52 10.40
C PRO B 427 11.54 -30.32 10.96
N GLU B 428 12.58 -29.90 10.24
CA GLU B 428 13.41 -28.79 10.66
C GLU B 428 12.55 -27.52 10.77
N VAL B 429 11.59 -27.40 9.88
CA VAL B 429 10.52 -26.41 10.01
C VAL B 429 9.32 -27.09 10.67
N GLU B 430 9.00 -26.63 11.87
CA GLU B 430 8.10 -27.21 12.89
C GLU B 430 8.63 -26.76 14.23
N LYS B 431 9.75 -27.35 14.63
CA LYS B 431 10.59 -26.80 15.66
C LYS B 431 11.37 -25.66 15.01
N ASP B 432 11.89 -24.77 15.86
CA ASP B 432 12.34 -23.41 15.57
C ASP B 432 11.20 -22.46 15.89
N GLN B 433 10.31 -22.22 14.93
CA GLN B 433 9.22 -21.28 15.20
C GLN B 433 7.81 -21.77 14.84
N LEU B 434 7.67 -22.64 13.84
CA LEU B 434 6.34 -22.92 13.26
C LEU B 434 5.32 -23.51 14.26
N ALA B 435 5.55 -24.75 14.66
CA ALA B 435 4.58 -25.45 15.49
C ALA B 435 4.36 -24.73 16.82
N ILE B 436 5.46 -24.19 17.38
CA ILE B 436 5.40 -23.50 18.66
C ILE B 436 4.66 -22.16 18.58
N ALA B 437 4.90 -21.36 17.54
CA ALA B 437 4.23 -20.07 17.41
C ALA B 437 2.72 -20.24 17.30
N LEU B 438 2.29 -21.26 16.56
CA LEU B 438 0.88 -21.57 16.43
C LEU B 438 0.27 -22.08 17.74
N LEU B 439 0.90 -23.08 18.36
CA LEU B 439 0.40 -23.65 19.61
C LEU B 439 0.39 -22.64 20.75
N THR B 440 1.41 -21.79 20.79
CA THR B 440 1.45 -20.69 21.76
C THR B 440 0.17 -19.84 21.73
N ARG B 441 -0.19 -19.35 20.53
CA ARG B 441 -1.38 -18.54 20.40
C ARG B 441 -2.64 -19.35 20.68
N TYR B 442 -2.66 -20.59 20.21
CA TYR B 442 -3.78 -21.49 20.42
C TYR B 442 -4.13 -21.59 21.91
N ALA B 443 -3.13 -21.97 22.69
CA ALA B 443 -3.30 -22.13 24.13
C ALA B 443 -3.61 -20.82 24.82
N GLU B 444 -3.04 -19.72 24.30
CA GLU B 444 -3.34 -18.38 24.82
C GLU B 444 -4.85 -18.09 24.83
N ARG B 445 -5.55 -18.63 23.83
CA ARG B 445 -6.94 -18.26 23.60
C ARG B 445 -7.96 -19.36 23.85
N ILE B 446 -7.50 -20.60 24.04
CA ILE B 446 -8.38 -21.67 24.51
C ILE B 446 -7.99 -22.06 25.92
N PRO B 447 -8.88 -21.80 26.88
CA PRO B 447 -8.73 -22.27 28.26
C PRO B 447 -8.20 -23.70 28.29
N ALA B 448 -7.21 -23.96 29.15
CA ALA B 448 -6.58 -25.26 29.22
C ALA B 448 -7.61 -26.36 29.43
N GLU B 449 -8.74 -25.99 30.03
CA GLU B 449 -9.84 -26.92 30.28
C GLU B 449 -10.43 -27.47 28.98
N LYS B 450 -10.43 -26.66 27.94
CA LYS B 450 -11.12 -27.03 26.71
C LYS B 450 -10.20 -27.66 25.67
N GLN B 451 -8.89 -27.48 25.84
CA GLN B 451 -7.90 -28.01 24.90
C GLN B 451 -7.97 -29.55 24.82
N PRO B 452 -7.49 -30.14 23.71
CA PRO B 452 -7.35 -31.60 23.59
C PRO B 452 -6.53 -32.22 24.71
N ILE B 453 -6.92 -33.41 25.16
CA ILE B 453 -6.37 -34.02 26.38
C ILE B 453 -4.84 -34.16 26.38
N SER B 454 -4.23 -34.25 25.20
CA SER B 454 -2.77 -34.30 25.10
C SER B 454 -2.16 -32.93 25.38
N ILE B 455 -2.83 -31.89 24.88
CA ILE B 455 -2.33 -30.51 24.97
C ILE B 455 -2.50 -29.94 26.37
N ARG B 456 -3.54 -30.40 27.08
CA ARG B 456 -3.76 -29.96 28.45
C ARG B 456 -2.56 -30.38 29.29
N GLU B 457 -2.09 -31.59 29.06
CA GLU B 457 -1.16 -32.27 29.95
C GLU B 457 0.19 -31.57 30.18
N GLY B 458 0.76 -30.98 29.12
CA GLY B 458 2.16 -30.62 29.11
C GLY B 458 2.58 -29.16 29.25
N ILE B 459 1.70 -28.23 28.93
CA ILE B 459 1.96 -26.83 29.24
C ILE B 459 1.85 -26.72 30.75
N ALA B 460 1.10 -27.68 31.30
CA ALA B 460 1.02 -27.96 32.73
C ALA B 460 2.34 -28.53 33.26
N GLU B 461 2.77 -29.66 32.72
CA GLU B 461 4.03 -30.28 33.14
C GLU B 461 5.23 -29.42 32.81
N TYR B 462 5.51 -29.27 31.52
CA TYR B 462 6.64 -28.48 31.05
C TYR B 462 6.26 -27.00 31.08
N GLY B 463 7.25 -26.12 31.11
CA GLY B 463 6.99 -24.70 31.31
C GLY B 463 6.11 -24.05 30.25
N SER B 464 6.12 -24.62 29.05
CA SER B 464 5.51 -23.94 27.91
C SER B 464 4.84 -24.88 26.90
N ALA B 465 4.30 -24.28 25.84
CA ALA B 465 3.95 -25.03 24.65
C ALA B 465 5.22 -25.19 23.83
N LYS B 466 6.08 -24.19 23.91
CA LYS B 466 7.38 -24.22 23.25
C LYS B 466 8.20 -25.41 23.71
N ALA B 467 8.14 -25.70 25.00
CA ALA B 467 8.96 -26.77 25.57
C ALA B 467 8.27 -28.12 25.43
N TYR B 468 6.93 -28.11 25.39
CA TYR B 468 6.17 -29.33 25.18
C TYR B 468 6.39 -29.85 23.77
N VAL B 469 6.50 -28.94 22.81
CA VAL B 469 6.85 -29.31 21.45
C VAL B 469 8.31 -29.78 21.42
N GLU B 470 9.17 -29.04 22.11
CA GLU B 470 10.56 -29.44 22.29
C GLU B 470 10.66 -30.86 22.85
N MET B 471 9.78 -31.21 23.78
CA MET B 471 9.77 -32.57 24.34
C MET B 471 9.25 -33.58 23.32
N ILE B 472 8.38 -33.12 22.42
CA ILE B 472 7.79 -34.01 21.41
C ILE B 472 8.86 -34.59 20.48
N PHE B 473 9.83 -33.77 20.11
CA PHE B 473 10.85 -34.19 19.16
C PHE B 473 12.00 -34.91 19.85
N ASP B 474 12.35 -34.45 21.06
CA ASP B 474 13.44 -35.05 21.83
C ASP B 474 13.15 -36.49 22.21
N LYS B 475 11.87 -36.83 22.34
CA LYS B 475 11.48 -38.09 22.94
C LYS B 475 10.56 -38.97 22.10
N SER B 476 10.32 -38.60 20.84
CA SER B 476 9.46 -39.42 19.97
C SER B 476 10.23 -40.04 18.83
N ILE B 477 9.73 -41.19 18.36
CA ILE B 477 10.42 -41.99 17.36
C ILE B 477 10.32 -41.45 15.94
N TYR B 478 9.31 -40.62 15.67
CA TYR B 478 9.02 -40.19 14.30
C TYR B 478 9.60 -38.82 13.96
N ALA B 479 10.46 -38.30 14.83
CA ALA B 479 11.00 -36.94 14.70
C ALA B 479 11.94 -36.78 13.51
N SER B 480 12.61 -37.86 13.13
CA SER B 480 13.46 -37.86 11.94
C SER B 480 13.41 -39.24 11.29
N ARG B 481 13.77 -39.30 10.01
CA ARG B 481 13.74 -40.57 9.30
C ARG B 481 14.86 -41.49 9.80
N GLU B 482 16.00 -40.91 10.12
CA GLU B 482 17.13 -41.67 10.63
C GLU B 482 16.76 -42.35 11.94
N ARG B 483 16.17 -41.59 12.85
CA ARG B 483 15.75 -42.10 14.14
C ARG B 483 14.64 -43.13 13.99
N PHE B 484 13.81 -42.96 12.97
CA PHE B 484 12.71 -43.89 12.76
C PHE B 484 13.17 -45.26 12.25
N GLU B 485 14.07 -45.25 11.28
CA GLU B 485 14.55 -46.50 10.70
C GLU B 485 15.58 -47.20 11.60
N GLU B 486 16.11 -46.47 12.58
CA GLU B 486 17.09 -47.03 13.51
C GLU B 486 16.40 -47.92 14.53
N PHE B 487 15.47 -47.34 15.28
CA PHE B 487 14.60 -48.13 16.16
C PHE B 487 13.40 -48.64 15.35
N MET B 488 13.68 -49.27 14.22
CA MET B 488 12.65 -49.94 13.42
C MET B 488 12.97 -51.43 13.34
N LYS B 489 14.25 -51.77 13.36
CA LYS B 489 14.68 -53.14 13.57
C LYS B 489 14.44 -53.54 15.02
N ASN B 490 14.06 -52.58 15.85
CA ASN B 490 13.87 -52.81 17.29
C ASN B 490 12.45 -52.51 17.81
N PRO B 491 11.40 -53.06 17.18
CA PRO B 491 10.05 -52.65 17.61
C PRO B 491 9.72 -53.04 19.06
N ASP B 492 9.60 -52.02 19.91
CA ASP B 492 9.17 -52.19 21.29
C ASP B 492 7.70 -51.83 21.42
N ARG B 493 6.96 -52.61 22.21
CA ARG B 493 5.51 -52.45 22.27
C ARG B 493 5.05 -51.55 23.41
N ASP B 494 5.98 -50.84 24.02
CA ASP B 494 5.65 -49.96 25.15
C ASP B 494 5.70 -48.49 24.76
N ARG B 495 6.74 -48.11 24.03
CA ARG B 495 6.91 -46.71 23.65
C ARG B 495 6.28 -46.40 22.28
N LEU B 496 5.41 -47.28 21.81
CA LEU B 496 4.72 -47.04 20.54
C LEU B 496 3.38 -46.34 20.78
N LEU B 497 2.66 -46.77 21.81
CA LEU B 497 1.42 -46.09 22.20
C LEU B 497 1.75 -44.87 23.04
N ARG B 498 2.94 -44.91 23.65
CA ARG B 498 3.42 -43.82 24.52
C ARG B 498 4.14 -42.72 23.75
N ASP B 499 4.28 -42.90 22.43
CA ASP B 499 4.94 -41.90 21.59
C ASP B 499 4.20 -40.57 21.71
N PRO B 500 4.90 -39.54 22.21
CA PRO B 500 4.27 -38.24 22.53
C PRO B 500 3.84 -37.44 21.29
N MET B 501 4.27 -37.83 20.10
CA MET B 501 3.77 -37.19 18.90
C MET B 501 2.51 -37.91 18.44
N SER B 502 2.44 -39.20 18.75
CA SER B 502 1.23 -39.97 18.50
C SER B 502 0.15 -39.56 19.49
N ARG B 503 0.54 -39.34 20.74
CA ARG B 503 -0.38 -38.86 21.77
C ARG B 503 -1.01 -37.54 21.32
N PHE B 504 -0.24 -36.78 20.57
CA PHE B 504 -0.69 -35.51 20.04
C PHE B 504 -1.76 -35.68 18.96
N ALA B 505 -1.46 -36.47 17.93
CA ALA B 505 -2.37 -36.65 16.81
C ALA B 505 -3.68 -37.31 17.22
N ALA B 506 -3.62 -38.15 18.26
CA ALA B 506 -4.80 -38.86 18.72
C ALA B 506 -5.79 -37.95 19.43
N SER B 507 -5.28 -37.10 20.32
CA SER B 507 -6.13 -36.20 21.08
C SER B 507 -6.69 -35.08 20.20
N VAL B 508 -5.84 -34.55 19.33
CA VAL B 508 -6.26 -33.57 18.34
C VAL B 508 -7.43 -34.14 17.54
N ALA B 509 -7.22 -35.31 16.95
CA ALA B 509 -8.26 -35.98 16.17
C ALA B 509 -9.47 -36.38 17.01
N TYR B 510 -9.26 -36.63 18.31
CA TYR B 510 -10.38 -36.98 19.19
C TYR B 510 -11.22 -35.75 19.52
N GLU B 511 -10.55 -34.69 19.97
CA GLU B 511 -11.22 -33.44 20.30
C GLU B 511 -11.93 -32.86 19.09
N HIS B 512 -11.46 -33.23 17.89
CA HIS B 512 -12.09 -32.84 16.64
C HIS B 512 -13.46 -33.49 16.48
N GLN B 513 -13.49 -34.81 16.60
CA GLN B 513 -14.73 -35.57 16.42
C GLN B 513 -15.78 -35.25 17.47
N LYS B 514 -15.34 -35.07 18.72
CA LYS B 514 -16.24 -34.76 19.82
C LYS B 514 -16.92 -33.39 19.62
N LEU B 515 -16.16 -32.44 19.07
CA LEU B 515 -16.75 -31.15 18.70
C LEU B 515 -17.82 -31.36 17.63
N ALA B 516 -17.49 -32.13 16.60
CA ALA B 516 -18.46 -32.45 15.55
C ALA B 516 -19.71 -33.10 16.13
N LYS B 517 -19.53 -34.02 17.06
CA LYS B 517 -20.64 -34.68 17.71
C LYS B 517 -21.44 -33.70 18.57
N GLU B 518 -20.75 -32.76 19.19
CA GLU B 518 -21.37 -31.82 20.10
C GLU B 518 -22.12 -30.74 19.29
N VAL B 519 -21.58 -30.38 18.11
CA VAL B 519 -22.17 -29.34 17.29
C VAL B 519 -23.45 -29.79 16.57
N ALA B 520 -23.60 -31.10 16.35
CA ALA B 520 -24.79 -31.60 15.65
C ALA B 520 -26.09 -31.14 16.30
N ALA B 521 -26.03 -30.93 17.61
CA ALA B 521 -27.20 -30.47 18.34
C ALA B 521 -27.56 -29.03 18.00
N PHE B 522 -26.64 -28.30 17.38
CA PHE B 522 -26.95 -26.94 16.99
C PHE B 522 -27.06 -26.79 15.47
N ASP B 523 -26.15 -27.47 14.77
CA ASP B 523 -26.14 -27.45 13.30
C ASP B 523 -27.35 -28.16 12.69
N ALA B 524 -27.90 -29.15 13.38
CA ALA B 524 -29.08 -29.82 12.85
C ALA B 524 -30.30 -28.89 12.84
N PRO B 525 -30.58 -28.19 13.97
CA PRO B 525 -31.66 -27.21 13.85
C PRO B 525 -31.34 -26.05 12.88
N LEU B 526 -30.10 -25.60 12.82
CA LEU B 526 -29.75 -24.48 11.94
C LEU B 526 -30.11 -24.83 10.51
N ALA B 527 -29.64 -25.99 10.05
CA ALA B 527 -29.93 -26.48 8.71
C ALA B 527 -31.44 -26.62 8.47
N ALA B 528 -32.14 -27.26 9.40
CA ALA B 528 -33.59 -27.41 9.27
C ALA B 528 -34.25 -26.04 9.09
N ALA B 529 -33.79 -25.05 9.86
CA ALA B 529 -34.38 -23.72 9.83
C ALA B 529 -34.03 -22.96 8.55
N GLN B 530 -32.78 -23.06 8.09
CA GLN B 530 -32.41 -22.46 6.80
C GLN B 530 -33.28 -23.00 5.68
N ARG B 531 -33.47 -24.31 5.66
CA ARG B 531 -34.31 -24.95 4.66
C ARG B 531 -35.69 -24.31 4.61
N SER B 532 -36.25 -24.09 5.79
CA SER B 532 -37.57 -23.49 5.93
C SER B 532 -37.60 -22.04 5.42
N TYR B 533 -36.63 -21.25 5.86
CA TYR B 533 -36.49 -19.90 5.35
C TYR B 533 -36.38 -19.86 3.82
N VAL B 534 -35.46 -20.64 3.26
CA VAL B 534 -35.21 -20.59 1.82
C VAL B 534 -36.44 -21.08 1.07
N ALA B 535 -37.17 -22.02 1.67
CA ALA B 535 -38.46 -22.43 1.09
C ALA B 535 -39.41 -21.23 0.97
N SER B 536 -39.42 -20.35 1.98
CA SER B 536 -40.26 -19.15 1.92
C SER B 536 -39.79 -18.22 0.81
N VAL B 537 -38.48 -17.98 0.76
CA VAL B 537 -37.92 -17.16 -0.30
C VAL B 537 -38.30 -17.75 -1.65
N LEU B 538 -38.22 -19.07 -1.76
CA LEU B 538 -38.63 -19.77 -2.98
C LEU B 538 -40.12 -19.55 -3.29
N ASP B 539 -40.98 -19.58 -2.28
CA ASP B 539 -42.40 -19.27 -2.48
C ASP B 539 -42.61 -17.84 -2.99
N MET B 540 -41.84 -16.91 -2.43
CA MET B 540 -42.01 -15.49 -2.69
C MET B 540 -41.51 -15.08 -4.06
N LYS B 541 -40.25 -15.40 -4.35
CA LYS B 541 -39.64 -15.18 -5.66
C LYS B 541 -39.96 -16.40 -6.51
N GLY B 542 -39.88 -16.31 -7.83
CA GLY B 542 -40.10 -17.54 -8.59
C GLY B 542 -38.87 -18.46 -8.54
N GLN B 543 -39.06 -19.79 -8.51
CA GLN B 543 -37.87 -20.66 -8.62
C GLN B 543 -37.12 -20.45 -9.93
N PRO B 544 -37.84 -20.35 -11.08
CA PRO B 544 -37.13 -20.08 -12.33
C PRO B 544 -36.31 -18.78 -12.31
N ASN B 545 -36.60 -17.89 -11.38
CA ASN B 545 -35.93 -16.60 -11.35
C ASN B 545 -35.00 -16.45 -10.15
N LEU B 546 -34.97 -17.46 -9.28
CA LEU B 546 -34.04 -17.45 -8.16
C LEU B 546 -32.85 -18.37 -8.42
N ALA B 547 -31.66 -17.79 -8.41
CA ALA B 547 -30.44 -18.58 -8.51
C ALA B 547 -30.05 -19.10 -7.13
N PRO B 548 -29.81 -20.42 -7.02
CA PRO B 548 -29.41 -21.03 -5.74
C PRO B 548 -27.98 -20.68 -5.39
N ASP B 549 -27.61 -20.86 -4.14
CA ASP B 549 -26.22 -20.72 -3.75
C ASP B 549 -25.31 -21.67 -4.53
N ALA B 550 -24.04 -21.28 -4.70
CA ALA B 550 -23.04 -22.18 -5.29
C ALA B 550 -22.91 -23.41 -4.41
N ASN B 551 -22.59 -24.55 -5.02
CA ASN B 551 -22.37 -25.79 -4.28
C ASN B 551 -21.45 -26.71 -5.07
N LEU B 552 -20.52 -26.09 -5.77
CA LEU B 552 -19.48 -26.78 -6.55
C LEU B 552 -20.09 -27.63 -7.68
N THR B 553 -21.23 -27.20 -8.21
CA THR B 553 -21.77 -27.77 -9.44
C THR B 553 -21.78 -26.74 -10.58
N LEU B 554 -21.99 -27.21 -11.80
CA LEU B 554 -21.87 -26.35 -12.98
C LEU B 554 -22.93 -25.21 -13.03
N ARG B 555 -22.44 -23.97 -13.15
CA ARG B 555 -23.31 -22.80 -13.26
C ARG B 555 -22.89 -21.90 -14.41
N PHE B 556 -23.78 -21.01 -14.84
CA PHE B 556 -23.35 -19.95 -15.77
C PHE B 556 -23.65 -18.55 -15.20
N THR B 557 -22.81 -17.58 -15.57
CA THR B 557 -23.03 -16.20 -15.20
C THR B 557 -22.69 -15.37 -16.43
N TYR B 558 -23.23 -14.16 -16.51
CA TYR B 558 -22.99 -13.31 -17.65
C TYR B 558 -22.92 -11.85 -17.23
N GLY B 559 -22.33 -11.01 -18.07
CA GLY B 559 -22.18 -9.63 -17.73
C GLY B 559 -21.46 -8.91 -18.84
N GLU B 560 -20.82 -7.80 -18.51
CA GLU B 560 -20.08 -7.06 -19.52
C GLU B 560 -18.67 -6.72 -19.03
N ILE B 561 -17.77 -6.57 -19.99
CA ILE B 561 -16.43 -6.12 -19.72
C ILE B 561 -16.49 -4.65 -19.34
N LYS B 562 -16.01 -4.34 -18.15
CA LYS B 562 -16.17 -3.01 -17.58
C LYS B 562 -15.29 -2.83 -16.33
N GLY B 563 -14.66 -1.66 -16.23
CA GLY B 563 -13.93 -1.26 -15.03
C GLY B 563 -14.88 -0.61 -14.02
N TYR B 564 -14.32 0.06 -13.02
CA TYR B 564 -15.16 0.63 -11.98
C TYR B 564 -14.48 1.80 -11.27
N GLN B 565 -15.23 2.49 -10.42
CA GLN B 565 -14.68 3.56 -9.60
C GLN B 565 -14.61 3.13 -8.13
N PRO B 566 -13.42 2.68 -7.68
CA PRO B 566 -13.24 2.09 -6.35
C PRO B 566 -13.38 3.09 -5.20
N ARG B 567 -13.09 4.37 -5.42
CA ARG B 567 -13.10 5.38 -4.35
C ARG B 567 -12.96 6.79 -4.91
N ASP B 568 -13.23 7.79 -4.08
CA ASP B 568 -13.11 9.20 -4.47
C ASP B 568 -11.84 9.47 -5.28
N VAL B 569 -12.02 10.17 -6.41
CA VAL B 569 -10.96 10.61 -7.33
C VAL B 569 -10.44 9.51 -8.29
N VAL B 570 -10.76 8.25 -8.03
CA VAL B 570 -10.11 7.14 -8.74
C VAL B 570 -11.02 6.38 -9.70
N THR B 571 -10.52 6.17 -10.92
CA THR B 571 -11.20 5.34 -11.91
C THR B 571 -10.25 4.25 -12.38
N TYR B 572 -10.70 2.99 -12.30
CA TYR B 572 -9.95 1.88 -12.90
C TYR B 572 -10.57 1.50 -14.23
N GLY B 573 -9.73 1.38 -15.26
CA GLY B 573 -10.17 0.92 -16.55
C GLY B 573 -10.48 -0.58 -16.55
N ALA B 574 -11.00 -1.09 -17.66
CA ALA B 574 -11.39 -2.50 -17.75
C ALA B 574 -10.26 -3.42 -18.23
N LYS B 575 -9.17 -2.86 -18.74
CA LYS B 575 -8.13 -3.68 -19.39
C LYS B 575 -6.72 -3.32 -18.91
N SER B 576 -5.89 -4.33 -18.66
CA SER B 576 -4.52 -4.06 -18.24
C SER B 576 -3.56 -4.45 -19.34
N THR B 577 -2.35 -3.87 -19.33
CA THR B 577 -1.36 -4.15 -20.36
C THR B 577 0.03 -4.53 -19.85
N LEU B 578 0.91 -4.94 -20.75
CA LEU B 578 2.23 -5.43 -20.36
C LEU B 578 3.05 -4.31 -19.72
N GLU B 579 2.83 -3.09 -20.15
CA GLU B 579 3.47 -1.95 -19.52
C GLU B 579 3.22 -1.93 -18.00
N GLY B 580 2.03 -2.38 -17.57
CA GLY B 580 1.74 -2.44 -16.15
C GLY B 580 2.63 -3.41 -15.39
N VAL B 581 3.03 -4.50 -16.04
CA VAL B 581 4.05 -5.40 -15.47
C VAL B 581 5.36 -4.67 -15.30
N MET B 582 5.79 -3.99 -16.36
CA MET B 582 7.10 -3.36 -16.36
C MET B 582 7.13 -2.23 -15.34
N GLU B 583 5.98 -1.58 -15.13
CA GLU B 583 5.89 -0.51 -14.14
C GLU B 583 6.04 -1.11 -12.73
N LYS B 584 5.68 -2.38 -12.56
CA LYS B 584 5.74 -2.96 -11.22
C LYS B 584 7.06 -3.67 -10.90
N GLU B 585 7.88 -3.93 -11.92
CA GLU B 585 9.12 -4.70 -11.74
C GLU B 585 9.98 -4.22 -10.57
N ASP B 586 10.42 -5.17 -9.76
CA ASP B 586 11.42 -4.93 -8.73
C ASP B 586 12.25 -6.20 -8.52
N PRO B 587 13.51 -6.16 -8.97
CA PRO B 587 14.43 -7.30 -8.93
C PRO B 587 14.65 -7.79 -7.50
N ASN B 588 14.52 -6.91 -6.51
CA ASN B 588 14.75 -7.30 -5.11
C ASN B 588 13.48 -7.62 -4.34
N ASN B 589 12.33 -7.65 -5.02
CA ASN B 589 11.08 -8.06 -4.41
C ASN B 589 10.58 -9.31 -5.12
N TRP B 590 10.62 -10.46 -4.44
CA TRP B 590 10.35 -11.74 -5.08
C TRP B 590 9.03 -11.74 -5.85
N GLU B 591 8.01 -11.06 -5.34
CA GLU B 591 6.70 -11.15 -6.01
C GLU B 591 6.58 -10.26 -7.26
N TYR B 592 7.53 -9.35 -7.48
CA TYR B 592 7.47 -8.45 -8.61
C TYR B 592 8.71 -8.59 -9.52
N VAL B 593 9.30 -9.76 -9.43
CA VAL B 593 10.38 -10.17 -10.31
C VAL B 593 9.86 -10.35 -11.75
N VAL B 594 10.61 -9.87 -12.74
CA VAL B 594 10.16 -10.03 -14.13
C VAL B 594 11.17 -10.85 -14.91
N ASP B 595 10.68 -11.85 -15.63
CA ASP B 595 11.56 -12.66 -16.49
C ASP B 595 12.21 -11.78 -17.56
N PRO B 596 13.53 -11.91 -17.75
CA PRO B 596 14.22 -11.01 -18.67
C PRO B 596 13.82 -11.20 -20.15
N LYS B 597 13.40 -12.39 -20.53
CA LYS B 597 12.87 -12.60 -21.87
C LYS B 597 11.53 -11.82 -22.05
N LEU B 598 10.69 -11.80 -21.03
CA LEU B 598 9.43 -11.05 -21.11
C LEU B 598 9.68 -9.54 -21.24
N LYS B 599 10.63 -9.03 -20.47
CA LYS B 599 11.00 -7.63 -20.57
C LYS B 599 11.61 -7.31 -21.94
N ALA B 600 12.38 -8.26 -22.50
CA ALA B 600 12.98 -8.03 -23.82
C ALA B 600 11.92 -8.03 -24.92
N LEU B 601 10.95 -8.93 -24.81
CA LEU B 601 9.79 -8.88 -25.69
C LEU B 601 9.08 -7.52 -25.59
N TYR B 602 8.92 -7.01 -24.36
CA TYR B 602 8.31 -5.70 -24.18
C TYR B 602 9.15 -4.62 -24.83
N GLU B 603 10.46 -4.67 -24.61
CA GLU B 603 11.34 -3.62 -25.14
C GLU B 603 11.36 -3.60 -26.65
N ALA B 604 11.14 -4.76 -27.26
CA ALA B 604 11.14 -4.89 -28.70
C ALA B 604 9.74 -4.81 -29.30
N LYS B 605 8.70 -4.76 -28.46
CA LYS B 605 7.32 -4.68 -28.92
C LYS B 605 7.00 -5.83 -29.87
N ASN B 606 7.56 -7.00 -29.57
CA ASN B 606 7.40 -8.17 -30.39
C ASN B 606 6.13 -8.92 -29.99
N TYR B 607 4.99 -8.43 -30.48
CA TYR B 607 3.68 -8.84 -30.00
C TYR B 607 2.86 -9.57 -31.06
N GLY B 608 3.27 -9.43 -32.32
CA GLY B 608 2.53 -9.96 -33.45
C GLY B 608 1.07 -9.55 -33.48
N ARG B 609 0.22 -10.49 -33.85
CA ARG B 609 -1.20 -10.24 -33.94
C ARG B 609 -1.88 -10.24 -32.57
N TYR B 610 -1.09 -10.38 -31.50
CA TYR B 610 -1.69 -10.45 -30.16
C TYR B 610 -1.92 -9.10 -29.49
N ALA B 611 -1.29 -8.05 -30.01
CA ALA B 611 -1.42 -6.74 -29.39
C ALA B 611 -2.83 -6.15 -29.51
N ASN B 612 -3.19 -5.22 -28.61
CA ASN B 612 -4.40 -4.40 -28.82
C ASN B 612 -4.24 -3.55 -30.08
N SER B 613 -5.33 -2.92 -30.51
CA SER B 613 -5.34 -2.04 -31.69
C SER B 613 -4.46 -0.82 -31.50
N ASP B 614 -4.33 -0.35 -30.26
CA ASP B 614 -3.50 0.80 -29.99
C ASP B 614 -2.01 0.44 -29.89
N GLY B 615 -1.69 -0.84 -30.12
CA GLY B 615 -0.32 -1.32 -30.09
C GLY B 615 0.18 -1.83 -28.73
N SER B 616 -0.55 -1.56 -27.65
CA SER B 616 -0.19 -2.09 -26.34
C SER B 616 -0.46 -3.59 -26.28
N MET B 617 0.16 -4.28 -25.33
CA MET B 617 0.02 -5.73 -25.22
C MET B 617 -0.91 -6.11 -24.08
N PRO B 618 -2.04 -6.75 -24.40
CA PRO B 618 -3.04 -7.00 -23.36
C PRO B 618 -2.57 -8.06 -22.37
N VAL B 619 -2.97 -7.92 -21.13
CA VAL B 619 -2.62 -8.90 -20.10
C VAL B 619 -3.88 -9.45 -19.40
N ASN B 620 -4.59 -8.59 -18.66
CA ASN B 620 -5.86 -8.98 -18.04
C ASN B 620 -7.02 -8.07 -18.44
N PHE B 621 -8.24 -8.52 -18.18
CA PHE B 621 -9.37 -7.60 -18.18
C PHE B 621 -10.37 -7.98 -17.09
N CYS B 622 -11.35 -7.12 -16.83
CA CYS B 622 -12.30 -7.43 -15.77
C CYS B 622 -13.75 -7.27 -16.26
N ALA B 623 -14.67 -7.96 -15.59
CA ALA B 623 -16.04 -8.08 -16.07
C ALA B 623 -17.07 -8.14 -14.92
N THR B 624 -18.31 -7.79 -15.25
CA THR B 624 -19.39 -7.71 -14.28
C THR B 624 -20.07 -9.08 -13.98
N THR B 625 -19.49 -10.16 -14.47
CA THR B 625 -19.93 -11.50 -14.13
C THR B 625 -19.91 -11.77 -12.61
N HIS B 626 -20.64 -12.79 -12.18
CA HIS B 626 -20.69 -13.16 -10.76
C HIS B 626 -19.99 -14.50 -10.56
N THR B 627 -18.79 -14.48 -9.99
CA THR B 627 -18.00 -15.69 -9.79
C THR B 627 -17.50 -15.72 -8.35
N THR B 628 -16.93 -16.86 -7.97
CA THR B 628 -16.45 -17.11 -6.63
C THR B 628 -15.44 -18.28 -6.67
N GLY B 629 -14.83 -18.57 -5.52
CA GLY B 629 -13.94 -19.73 -5.40
C GLY B 629 -14.53 -20.96 -6.06
N GLY B 630 -13.73 -21.60 -6.90
CA GLY B 630 -14.20 -22.70 -7.73
C GLY B 630 -14.34 -22.33 -9.21
N ASN B 631 -14.56 -21.04 -9.51
CA ASN B 631 -14.57 -20.53 -10.89
C ASN B 631 -13.18 -20.30 -11.52
N ALA B 632 -12.10 -20.51 -10.77
CA ALA B 632 -10.77 -20.42 -11.38
C ALA B 632 -10.69 -21.36 -12.57
N GLY B 633 -10.22 -20.81 -13.69
CA GLY B 633 -10.00 -21.60 -14.88
C GLY B 633 -11.24 -21.66 -15.73
N SER B 634 -12.26 -20.88 -15.36
CA SER B 634 -13.51 -20.91 -16.11
C SER B 634 -13.28 -20.25 -17.45
N PRO B 635 -13.85 -20.83 -18.50
CA PRO B 635 -13.81 -20.16 -19.81
C PRO B 635 -14.63 -18.87 -19.78
N VAL B 636 -14.06 -17.79 -20.34
CA VAL B 636 -14.81 -16.56 -20.56
C VAL B 636 -15.04 -16.44 -22.07
N MET B 637 -16.30 -16.48 -22.48
CA MET B 637 -16.65 -16.48 -23.90
C MET B 637 -17.33 -15.18 -24.34
N ASN B 638 -17.26 -14.90 -25.63
CA ASN B 638 -17.90 -13.69 -26.17
C ASN B 638 -19.34 -13.94 -26.62
N ALA B 639 -19.90 -12.96 -27.34
CA ALA B 639 -21.26 -13.03 -27.81
C ALA B 639 -21.53 -14.26 -28.66
N ARG B 640 -20.51 -14.75 -29.35
CA ARG B 640 -20.69 -15.87 -30.26
C ARG B 640 -20.12 -17.16 -29.71
N GLY B 641 -20.02 -17.24 -28.40
CA GLY B 641 -19.51 -18.43 -27.73
C GLY B 641 -18.05 -18.75 -27.96
N GLU B 642 -17.25 -17.75 -28.34
CA GLU B 642 -15.82 -17.98 -28.60
C GLU B 642 -14.98 -17.58 -27.41
N LEU B 643 -13.90 -18.32 -27.16
CA LEU B 643 -13.10 -18.09 -25.96
C LEU B 643 -12.27 -16.81 -26.08
N ILE B 644 -12.45 -15.91 -25.12
CA ILE B 644 -11.69 -14.66 -25.08
C ILE B 644 -10.87 -14.47 -23.80
N GLY B 645 -11.06 -15.35 -22.81
CA GLY B 645 -10.33 -15.22 -21.57
C GLY B 645 -10.43 -16.42 -20.63
N LEU B 646 -9.62 -16.43 -19.57
CA LEU B 646 -9.80 -17.41 -18.50
C LEU B 646 -9.97 -16.69 -17.16
N ASN B 647 -11.06 -16.95 -16.47
CA ASN B 647 -11.30 -16.31 -15.19
C ASN B 647 -10.31 -16.79 -14.13
N PHE B 648 -9.82 -15.90 -13.26
CA PHE B 648 -8.96 -16.43 -12.20
C PHE B 648 -9.06 -15.73 -10.85
N ASP B 649 -9.81 -14.65 -10.77
CA ASP B 649 -9.92 -13.96 -9.48
C ASP B 649 -11.11 -12.99 -9.42
N ARG B 650 -11.22 -12.33 -8.29
CA ARG B 650 -12.15 -11.22 -8.09
C ARG B 650 -11.36 -10.02 -7.61
N ASN B 651 -11.89 -8.82 -7.84
CA ASN B 651 -11.32 -7.64 -7.23
C ASN B 651 -11.70 -7.60 -5.75
N TRP B 652 -11.12 -6.65 -5.03
CA TRP B 652 -11.26 -6.60 -3.58
C TRP B 652 -12.72 -6.46 -3.17
N GLU B 653 -13.44 -5.53 -3.80
CA GLU B 653 -14.86 -5.31 -3.50
C GLU B 653 -15.68 -6.53 -3.89
N GLY B 654 -15.16 -7.32 -4.82
CA GLY B 654 -15.86 -8.50 -5.28
C GLY B 654 -15.98 -9.65 -4.28
N VAL B 655 -15.16 -9.64 -3.23
CA VAL B 655 -15.11 -10.75 -2.29
C VAL B 655 -16.41 -10.80 -1.49
N GLY B 656 -16.95 -9.64 -1.19
CA GLY B 656 -18.24 -9.57 -0.51
C GLY B 656 -19.40 -10.08 -1.36
N GLY B 657 -19.15 -10.31 -2.65
CA GLY B 657 -20.12 -10.93 -3.54
C GLY B 657 -20.66 -12.32 -3.18
N ASP B 658 -20.02 -13.03 -2.26
CA ASP B 658 -20.55 -14.31 -1.80
C ASP B 658 -21.77 -14.11 -0.88
N ILE B 659 -21.92 -12.89 -0.37
CA ILE B 659 -23.04 -12.57 0.50
C ILE B 659 -24.07 -11.70 -0.21
N GLU B 660 -23.57 -10.70 -0.94
CA GLU B 660 -24.43 -9.85 -1.73
C GLU B 660 -23.71 -9.32 -2.95
N TYR B 661 -24.33 -9.50 -4.10
CA TYR B 661 -23.78 -9.00 -5.34
C TYR B 661 -23.93 -7.46 -5.45
N LEU B 662 -22.82 -6.74 -5.68
CA LEU B 662 -22.87 -5.28 -5.88
C LEU B 662 -22.40 -4.87 -7.27
N PRO B 663 -23.35 -4.55 -8.16
CA PRO B 663 -23.06 -4.25 -9.57
C PRO B 663 -21.96 -3.21 -9.79
N ASN B 664 -21.91 -2.16 -8.98
CA ASN B 664 -20.91 -1.11 -9.19
C ASN B 664 -19.48 -1.48 -8.79
N TYR B 665 -19.32 -2.62 -8.12
CA TYR B 665 -18.02 -2.92 -7.52
C TYR B 665 -17.50 -4.31 -7.87
N GLN B 666 -18.39 -5.29 -7.84
CA GLN B 666 -18.06 -6.68 -8.08
C GLN B 666 -17.46 -6.88 -9.47
N ARG B 667 -16.24 -7.40 -9.56
CA ARG B 667 -15.69 -7.72 -10.88
C ARG B 667 -14.94 -9.06 -10.87
N SER B 668 -15.12 -9.85 -11.91
CA SER B 668 -14.29 -11.02 -12.17
C SER B 668 -13.00 -10.56 -12.84
N ILE B 669 -11.86 -11.05 -12.37
CA ILE B 669 -10.59 -10.68 -12.98
C ILE B 669 -10.14 -11.82 -13.88
N ILE B 670 -9.88 -11.49 -15.14
CA ILE B 670 -9.80 -12.44 -16.22
C ILE B 670 -8.48 -12.33 -17.02
N LEU B 671 -7.91 -13.48 -17.35
CA LEU B 671 -6.74 -13.54 -18.20
C LEU B 671 -7.15 -13.34 -19.65
N ASP B 672 -6.67 -12.29 -20.28
CA ASP B 672 -6.88 -12.08 -21.70
C ASP B 672 -6.24 -13.25 -22.47
N ILE B 673 -7.03 -13.91 -23.32
CA ILE B 673 -6.59 -15.12 -23.99
C ILE B 673 -5.43 -14.82 -24.97
N ARG B 674 -5.31 -13.56 -25.40
CA ARG B 674 -4.19 -13.15 -26.24
C ARG B 674 -2.87 -13.16 -25.46
N TYR B 675 -2.90 -12.80 -24.18
CA TYR B 675 -1.72 -12.90 -23.34
C TYR B 675 -1.28 -14.35 -23.19
N LEU B 676 -2.25 -15.23 -22.99
CA LEU B 676 -1.97 -16.65 -22.91
C LEU B 676 -1.24 -17.09 -24.18
N LEU B 677 -1.79 -16.73 -25.33
CA LEU B 677 -1.23 -17.12 -26.61
C LEU B 677 0.18 -16.54 -26.79
N PHE B 678 0.32 -15.26 -26.47
CA PHE B 678 1.60 -14.56 -26.57
C PHE B 678 2.69 -15.24 -25.73
N ILE B 679 2.35 -15.63 -24.50
CA ILE B 679 3.29 -16.39 -23.67
C ILE B 679 3.66 -17.75 -24.28
N ILE B 680 2.68 -18.48 -24.80
CA ILE B 680 2.97 -19.74 -25.49
C ILE B 680 3.89 -19.53 -26.71
N ASP B 681 3.55 -18.50 -27.48
CA ASP B 681 4.17 -18.26 -28.79
C ASP B 681 5.50 -17.54 -28.61
N LYS B 682 5.42 -16.27 -28.26
CA LYS B 682 6.59 -15.40 -28.20
C LYS B 682 7.51 -15.69 -27.03
N PHE B 683 6.95 -16.10 -25.90
CA PHE B 683 7.77 -16.33 -24.72
C PHE B 683 8.35 -17.75 -24.69
N ALA B 684 7.54 -18.78 -24.89
CA ALA B 684 8.04 -20.14 -24.80
C ALA B 684 8.45 -20.73 -26.13
N GLY B 685 7.94 -20.20 -27.24
CA GLY B 685 8.24 -20.75 -28.55
C GLY B 685 7.67 -22.15 -28.72
N CYS B 686 6.56 -22.42 -28.04
CA CYS B 686 5.93 -23.73 -28.15
C CYS B 686 4.90 -23.75 -29.31
N GLN B 687 5.40 -23.70 -30.53
CA GLN B 687 4.56 -23.55 -31.72
C GLN B 687 3.49 -24.64 -31.88
N ARG B 688 3.83 -25.88 -31.52
CA ARG B 688 2.89 -26.99 -31.54
C ARG B 688 1.56 -26.68 -30.81
N LEU B 689 1.62 -26.00 -29.68
CA LEU B 689 0.40 -25.68 -28.94
C LEU B 689 -0.44 -24.65 -29.70
N ILE B 690 0.22 -23.64 -30.25
CA ILE B 690 -0.43 -22.64 -31.09
C ILE B 690 -1.08 -23.29 -32.33
N ASP B 691 -0.48 -24.35 -32.84
CA ASP B 691 -1.05 -25.06 -33.98
C ASP B 691 -2.29 -25.88 -33.61
N GLU B 692 -2.25 -26.53 -32.44
CA GLU B 692 -3.33 -27.37 -31.93
C GLU B 692 -4.57 -26.54 -31.61
N ILE B 693 -4.40 -25.57 -30.70
CA ILE B 693 -5.31 -24.43 -30.61
C ILE B 693 -5.25 -23.82 -31.99
N GLN B 694 -6.26 -23.10 -32.43
CA GLN B 694 -6.06 -22.40 -33.70
C GLN B 694 -6.85 -21.12 -33.64
N PRO B 695 -6.18 -20.03 -33.20
CA PRO B 695 -6.88 -18.78 -32.90
C PRO B 695 -7.42 -18.14 -34.17
N GLN B 696 -8.57 -17.49 -34.07
CA GLN B 696 -9.11 -16.75 -35.21
C GLN B 696 -8.74 -15.27 -35.09
N PHE B 697 -8.33 -14.68 -36.21
CA PHE B 697 -8.00 -13.26 -36.23
C PHE B 697 -8.93 -12.49 -37.18
N HIS B 698 -9.77 -13.24 -37.90
CA HIS B 698 -10.73 -12.75 -38.91
C HIS B 698 -10.47 -11.35 -39.48
#